data_8E0M
#
_entry.id   8E0M
#
_cell.length_a   105.808
_cell.length_b   83.248
_cell.length_c   119.842
_cell.angle_alpha   90.000
_cell.angle_beta   93.040
_cell.angle_gamma   90.000
#
_symmetry.space_group_name_H-M   'P 1 21 1'
#
_entity_poly.entity_id   1
_entity_poly.type   'polypeptide(L)'
_entity_poly.pdbx_seq_one_letter_code
;SLKEKIEKLVEELIRHTEELRELLEKLVKHGGASEEYLLELLENLVRLAHVIAEVAREQGNEELLEEAARLAEEAARQAE
ELAREARREGNLELALKALQILVNAAYVLAEIARDRGNEELLEKAERLAREALRQVREISKRLQKEGNIELALKANRLLI
DALRVLVRIMRHR
;
_entity_poly.pdbx_strand_id   A,B,C,D,E,F,G,H,I,J,K,L
#
# COMPACT_ATOMS: atom_id res chain seq x y z
N LYS A 8 -54.54 17.26 20.53
CA LYS A 8 -53.56 18.18 19.95
C LYS A 8 -53.76 18.32 18.44
N LEU A 9 -52.79 17.79 17.69
CA LEU A 9 -52.77 17.84 16.23
C LEU A 9 -53.56 16.73 15.56
N VAL A 10 -53.92 15.67 16.30
CA VAL A 10 -54.55 14.50 15.68
C VAL A 10 -55.92 14.84 15.10
N GLU A 11 -56.60 15.86 15.63
CA GLU A 11 -57.89 16.23 15.06
C GLU A 11 -57.70 16.83 13.67
N GLU A 12 -56.70 17.69 13.50
CA GLU A 12 -56.44 18.29 12.20
C GLU A 12 -56.02 17.25 11.17
N LEU A 13 -55.17 16.30 11.57
CA LEU A 13 -54.67 15.29 10.64
C LEU A 13 -55.76 14.32 10.21
N ILE A 14 -56.56 13.82 11.16
CA ILE A 14 -57.60 12.85 10.82
C ILE A 14 -58.59 13.46 9.83
N ARG A 15 -58.94 14.73 10.01
CA ARG A 15 -59.82 15.39 9.05
C ARG A 15 -59.08 15.70 7.75
N HIS A 16 -57.86 16.23 7.87
CA HIS A 16 -57.11 16.60 6.66
C HIS A 16 -56.65 15.38 5.89
N THR A 17 -56.27 14.30 6.59
CA THR A 17 -55.87 13.09 5.88
C THR A 17 -57.06 12.45 5.20
N GLU A 18 -58.23 12.47 5.86
CA GLU A 18 -59.45 12.01 5.22
C GLU A 18 -59.82 12.90 4.05
N GLU A 19 -59.41 14.17 4.10
CA GLU A 19 -59.65 15.08 2.99
C GLU A 19 -58.80 14.69 1.79
N LEU A 20 -57.56 14.23 2.03
CA LEU A 20 -56.75 13.72 0.94
C LEU A 20 -57.33 12.43 0.39
N ARG A 21 -58.05 11.69 1.24
CA ARG A 21 -58.74 10.48 0.79
C ARG A 21 -59.89 10.80 -0.16
N GLU A 22 -60.56 11.93 0.07
CA GLU A 22 -61.72 12.27 -0.75
C GLU A 22 -61.31 12.76 -2.13
N LEU A 23 -60.26 13.58 -2.22
CA LEU A 23 -59.79 14.03 -3.53
C LEU A 23 -59.24 12.88 -4.34
N LEU A 24 -58.61 11.91 -3.68
CA LEU A 24 -58.03 10.74 -4.33
C LEU A 24 -59.05 9.64 -4.63
N GLU A 25 -60.19 9.63 -3.94
CA GLU A 25 -61.21 8.60 -4.18
C GLU A 25 -62.03 8.88 -5.44
N LYS A 26 -62.06 10.14 -5.91
CA LYS A 26 -62.79 10.49 -7.13
C LYS A 26 -61.89 10.46 -8.37
N LEU A 27 -60.60 10.73 -8.20
CA LEU A 27 -59.67 10.65 -9.33
C LEU A 27 -59.31 9.21 -9.68
N VAL A 28 -59.47 8.28 -8.74
CA VAL A 28 -59.28 6.87 -9.07
C VAL A 28 -60.52 6.30 -9.74
N LYS A 29 -61.71 6.82 -9.39
CA LYS A 29 -62.92 6.36 -10.05
C LYS A 29 -63.01 6.87 -11.49
N HIS A 30 -62.99 8.20 -11.65
CA HIS A 30 -62.74 8.81 -12.95
C HIS A 30 -61.31 8.49 -13.39
N GLY A 31 -60.90 8.91 -14.60
CA GLY A 31 -59.60 8.48 -15.07
C GLY A 31 -58.40 9.11 -14.35
N GLY A 32 -58.64 10.02 -13.41
CA GLY A 32 -57.60 10.92 -12.88
C GLY A 32 -56.46 10.25 -12.09
N ALA A 33 -56.71 9.11 -11.45
CA ALA A 33 -55.70 8.50 -10.56
C ALA A 33 -55.49 7.02 -10.84
N SER A 34 -54.22 6.63 -11.02
CA SER A 34 -53.88 5.20 -11.10
C SER A 34 -54.11 4.56 -9.74
N GLU A 35 -54.51 3.28 -9.76
CA GLU A 35 -54.92 2.58 -8.54
C GLU A 35 -53.82 2.58 -7.48
N GLU A 36 -52.56 2.43 -7.91
CA GLU A 36 -51.46 2.32 -6.97
C GLU A 36 -51.29 3.58 -6.14
N TYR A 37 -51.58 4.75 -6.71
CA TYR A 37 -51.47 5.97 -5.93
C TYR A 37 -52.54 6.04 -4.85
N LEU A 38 -53.74 5.55 -5.15
CA LEU A 38 -54.77 5.43 -4.13
C LEU A 38 -54.38 4.40 -3.07
N LEU A 39 -53.70 3.33 -3.50
CA LEU A 39 -53.24 2.28 -2.59
C LEU A 39 -52.22 2.81 -1.58
N GLU A 40 -51.30 3.66 -2.02
CA GLU A 40 -50.27 4.18 -1.12
C GLU A 40 -50.88 5.01 0.00
N LEU A 41 -51.97 5.71 -0.27
CA LEU A 41 -52.64 6.47 0.77
C LEU A 41 -53.22 5.54 1.84
N LEU A 42 -53.72 4.38 1.43
CA LEU A 42 -54.23 3.41 2.40
C LEU A 42 -53.15 2.99 3.39
N GLU A 43 -51.92 2.81 2.90
CA GLU A 43 -50.81 2.51 3.80
C GLU A 43 -50.58 3.63 4.79
N ASN A 44 -50.76 4.87 4.35
CA ASN A 44 -50.69 6.00 5.28
C ASN A 44 -51.90 6.02 6.19
N LEU A 45 -53.05 5.53 5.72
CA LEU A 45 -54.25 5.55 6.54
C LEU A 45 -54.16 4.57 7.69
N VAL A 46 -53.71 3.35 7.41
CA VAL A 46 -53.55 2.35 8.47
C VAL A 46 -52.42 2.77 9.42
N ARG A 47 -51.41 3.46 8.90
CA ARG A 47 -50.32 3.95 9.75
C ARG A 47 -50.81 5.00 10.74
N LEU A 48 -51.74 5.86 10.33
CA LEU A 48 -52.27 6.86 11.26
C LEU A 48 -53.10 6.22 12.36
N ALA A 49 -53.86 5.17 12.01
CA ALA A 49 -54.72 4.52 13.01
C ALA A 49 -53.90 3.92 14.15
N HIS A 50 -52.76 3.31 13.84
CA HIS A 50 -51.92 2.74 14.88
C HIS A 50 -51.33 3.82 15.78
N VAL A 51 -51.01 4.98 15.20
CA VAL A 51 -50.51 6.09 16.00
C VAL A 51 -51.59 6.58 16.97
N ILE A 52 -52.83 6.66 16.48
CA ILE A 52 -53.95 7.05 17.34
C ILE A 52 -54.19 6.02 18.43
N ALA A 53 -53.97 4.74 18.12
CA ALA A 53 -54.18 3.69 19.11
C ALA A 53 -53.21 3.81 20.27
N GLU A 54 -51.94 4.13 19.99
CA GLU A 54 -50.98 4.33 21.07
C GLU A 54 -51.29 5.60 21.84
N VAL A 55 -51.96 6.56 21.20
CA VAL A 55 -52.35 7.78 21.88
C VAL A 55 -53.58 7.56 22.76
N ALA A 56 -54.49 6.68 22.35
CA ALA A 56 -55.70 6.48 23.14
C ALA A 56 -55.40 5.75 24.44
N ARG A 57 -54.33 4.96 24.48
CA ARG A 57 -53.91 4.31 25.71
C ARG A 57 -53.25 5.32 26.65
N GLU A 58 -52.19 5.98 26.18
CA GLU A 58 -51.44 6.91 27.01
C GLU A 58 -52.25 8.17 27.33
N GLN A 59 -53.17 8.56 26.46
CA GLN A 59 -54.02 9.71 26.71
C GLN A 59 -55.49 9.32 26.75
N GLU A 62 -61.07 6.21 24.82
CA GLU A 62 -61.81 5.29 23.96
C GLU A 62 -62.39 6.02 22.76
N GLU A 63 -62.69 7.31 22.93
CA GLU A 63 -63.17 8.12 21.82
C GLU A 63 -62.14 8.21 20.70
N LEU A 64 -60.85 8.05 21.01
CA LEU A 64 -59.82 7.94 19.99
C LEU A 64 -59.61 6.50 19.54
N LEU A 65 -59.78 5.53 20.45
CA LEU A 65 -59.71 4.13 20.06
C LEU A 65 -60.83 3.78 19.09
N GLU A 66 -62.04 4.29 19.34
CA GLU A 66 -63.15 4.05 18.43
C GLU A 66 -62.93 4.76 17.09
N GLU A 67 -62.31 5.94 17.12
CA GLU A 67 -62.01 6.64 15.88
C GLU A 67 -60.94 5.92 15.08
N ALA A 68 -59.96 5.33 15.76
CA ALA A 68 -58.92 4.58 15.05
C ALA A 68 -59.49 3.32 14.39
N ALA A 69 -60.39 2.62 15.09
CA ALA A 69 -60.98 1.41 14.51
C ALA A 69 -61.94 1.74 13.38
N ARG A 70 -62.71 2.81 13.53
CA ARG A 70 -63.57 3.22 12.43
C ARG A 70 -62.75 3.63 11.21
N LEU A 71 -61.68 4.41 11.44
CA LEU A 71 -60.79 4.82 10.36
C LEU A 71 -59.97 3.66 9.81
N ALA A 72 -59.43 2.80 10.69
CA ALA A 72 -58.62 1.68 10.22
C ALA A 72 -59.46 0.67 9.44
N GLU A 73 -60.64 0.33 9.96
CA GLU A 73 -61.48 -0.64 9.28
C GLU A 73 -61.92 -0.14 7.91
N GLU A 74 -62.17 1.17 7.79
CA GLU A 74 -62.54 1.73 6.50
C GLU A 74 -61.42 1.54 5.47
N ALA A 75 -60.17 1.49 5.93
CA ALA A 75 -59.06 1.22 5.02
C ALA A 75 -59.00 -0.25 4.65
N ALA A 76 -59.29 -1.14 5.61
CA ALA A 76 -59.25 -2.57 5.34
C ALA A 76 -60.35 -2.99 4.38
N ARG A 77 -61.56 -2.44 4.57
CA ARG A 77 -62.67 -2.77 3.68
C ARG A 77 -62.38 -2.33 2.25
N GLN A 78 -61.83 -1.12 2.09
CA GLN A 78 -61.48 -0.63 0.76
C GLN A 78 -60.39 -1.48 0.11
N ALA A 79 -59.50 -2.07 0.92
CA ALA A 79 -58.42 -2.87 0.36
C ALA A 79 -58.94 -4.20 -0.19
N GLU A 80 -59.83 -4.87 0.55
CA GLU A 80 -60.33 -6.16 0.09
C GLU A 80 -61.15 -6.02 -1.19
N GLU A 81 -61.97 -4.97 -1.28
CA GLU A 81 -62.78 -4.78 -2.49
C GLU A 81 -61.89 -4.42 -3.68
N LEU A 82 -60.93 -3.52 -3.48
CA LEU A 82 -60.01 -3.16 -4.55
C LEU A 82 -59.10 -4.33 -4.94
N ALA A 83 -58.76 -5.19 -3.97
CA ALA A 83 -57.97 -6.37 -4.28
C ALA A 83 -58.73 -7.34 -5.16
N ARG A 84 -60.04 -7.51 -4.90
CA ARG A 84 -60.86 -8.38 -5.71
C ARG A 84 -60.94 -7.88 -7.15
N GLU A 85 -61.03 -6.57 -7.33
CA GLU A 85 -61.08 -6.01 -8.68
C GLU A 85 -59.78 -6.26 -9.44
N ALA A 86 -58.63 -6.12 -8.76
CA ALA A 86 -57.37 -6.36 -9.43
C ALA A 86 -57.10 -7.85 -9.64
N ARG A 87 -57.65 -8.70 -8.77
CA ARG A 87 -57.49 -10.14 -8.93
C ARG A 87 -58.23 -10.66 -10.16
N ARG A 88 -59.39 -10.09 -10.47
CA ARG A 88 -60.16 -10.52 -11.63
C ARG A 88 -59.63 -9.95 -12.93
N GLU A 89 -58.96 -8.80 -12.88
CA GLU A 89 -58.47 -8.12 -14.08
C GLU A 89 -57.17 -8.71 -14.61
N GLY A 90 -56.47 -9.53 -13.83
CA GLY A 90 -55.20 -10.09 -14.22
C GLY A 90 -53.99 -9.35 -13.68
N ASN A 91 -54.13 -8.05 -13.39
CA ASN A 91 -53.06 -7.28 -12.79
C ASN A 91 -52.80 -7.81 -11.39
N LEU A 92 -51.98 -8.85 -11.28
CA LEU A 92 -51.77 -9.53 -10.01
C LEU A 92 -50.88 -8.75 -9.06
N GLU A 93 -49.92 -7.99 -9.59
CA GLU A 93 -49.02 -7.21 -8.75
C GLU A 93 -49.79 -6.22 -7.87
N LEU A 94 -50.78 -5.53 -8.45
CA LEU A 94 -51.58 -4.62 -7.63
C LEU A 94 -52.47 -5.38 -6.66
N ALA A 95 -52.96 -6.55 -7.04
CA ALA A 95 -53.79 -7.34 -6.13
C ALA A 95 -53.01 -7.77 -4.90
N LEU A 96 -51.76 -8.23 -5.10
CA LEU A 96 -50.94 -8.61 -3.96
C LEU A 96 -50.55 -7.40 -3.12
N LYS A 97 -50.31 -6.25 -3.75
CA LYS A 97 -49.98 -5.06 -2.99
C LYS A 97 -51.19 -4.53 -2.21
N ALA A 98 -52.39 -4.67 -2.79
CA ALA A 98 -53.59 -4.25 -2.09
C ALA A 98 -53.93 -5.20 -0.95
N LEU A 99 -53.74 -6.50 -1.17
CA LEU A 99 -54.04 -7.48 -0.13
C LEU A 99 -53.18 -7.29 1.10
N GLN A 100 -51.93 -6.84 0.92
CA GLN A 100 -51.05 -6.56 2.05
C GLN A 100 -51.64 -5.50 2.97
N ILE A 101 -52.35 -4.53 2.41
CA ILE A 101 -52.94 -3.45 3.21
C ILE A 101 -53.94 -4.02 4.21
N LEU A 102 -54.70 -5.04 3.82
CA LEU A 102 -55.63 -5.66 4.76
C LEU A 102 -54.87 -6.35 5.87
N VAL A 103 -53.80 -7.08 5.53
CA VAL A 103 -52.96 -7.72 6.54
C VAL A 103 -52.39 -6.68 7.48
N ASN A 104 -51.89 -5.57 6.93
CA ASN A 104 -51.34 -4.50 7.75
C ASN A 104 -52.42 -3.89 8.64
N ALA A 105 -53.65 -3.79 8.11
CA ALA A 105 -54.77 -3.23 8.87
C ALA A 105 -55.25 -4.16 9.98
N ALA A 106 -55.02 -5.47 9.85
CA ALA A 106 -55.47 -6.41 10.88
C ALA A 106 -54.71 -6.21 12.19
N TYR A 107 -53.41 -5.94 12.13
CA TYR A 107 -52.63 -5.74 13.35
C TYR A 107 -53.11 -4.49 14.09
N VAL A 108 -53.45 -3.43 13.36
CA VAL A 108 -53.97 -2.22 14.00
C VAL A 108 -55.30 -2.52 14.65
N LEU A 109 -56.15 -3.31 13.99
CA LEU A 109 -57.44 -3.66 14.55
C LEU A 109 -57.30 -4.59 15.74
N ALA A 110 -56.36 -5.52 15.69
CA ALA A 110 -56.18 -6.44 16.82
C ALA A 110 -55.63 -5.70 18.03
N GLU A 111 -54.48 -5.01 17.86
CA GLU A 111 -53.90 -4.21 18.93
C GLU A 111 -54.90 -3.19 19.51
N ILE A 112 -55.95 -2.85 18.76
CA ILE A 112 -56.95 -1.90 19.25
C ILE A 112 -58.15 -2.62 19.86
N ALA A 113 -58.43 -3.84 19.43
CA ALA A 113 -59.49 -4.63 20.06
C ALA A 113 -58.96 -5.34 21.30
N ARG A 114 -57.80 -5.98 21.18
CA ARG A 114 -57.26 -6.76 22.29
C ARG A 114 -56.92 -5.90 23.49
N ASP A 115 -56.55 -4.63 23.27
CA ASP A 115 -56.27 -3.71 24.36
C ASP A 115 -57.49 -2.89 24.75
N ARG A 116 -58.65 -3.14 24.15
CA ARG A 116 -59.89 -2.48 24.52
C ARG A 116 -60.95 -3.44 25.03
N GLY A 117 -60.65 -4.75 25.05
CA GLY A 117 -61.58 -5.73 25.56
C GLY A 117 -62.69 -6.14 24.62
N ASN A 118 -62.89 -5.41 23.52
CA ASN A 118 -63.90 -5.75 22.54
C ASN A 118 -63.60 -7.13 21.95
N GLU A 119 -64.19 -8.17 22.52
CA GLU A 119 -63.92 -9.53 22.07
C GLU A 119 -64.46 -9.79 20.67
N GLU A 120 -65.56 -9.13 20.30
CA GLU A 120 -66.12 -9.34 18.96
C GLU A 120 -65.23 -8.74 17.88
N LEU A 121 -64.62 -7.58 18.17
CA LEU A 121 -63.71 -6.96 17.22
C LEU A 121 -62.46 -7.80 16.98
N LEU A 122 -62.10 -8.68 17.91
CA LEU A 122 -61.00 -9.61 17.67
C LEU A 122 -61.40 -10.70 16.68
N GLU A 123 -62.69 -11.01 16.59
CA GLU A 123 -63.16 -11.98 15.61
C GLU A 123 -63.09 -11.41 14.19
N LYS A 124 -63.35 -10.11 14.05
CA LYS A 124 -63.30 -9.50 12.73
C LYS A 124 -61.86 -9.27 12.29
N ALA A 125 -60.98 -8.93 13.24
CA ALA A 125 -59.56 -8.77 12.92
C ALA A 125 -58.94 -10.09 12.49
N GLU A 126 -59.19 -11.15 13.26
CA GLU A 126 -58.67 -12.47 12.93
C GLU A 126 -59.21 -12.96 11.59
N ARG A 127 -60.48 -12.68 11.30
CA ARG A 127 -61.11 -13.14 10.07
C ARG A 127 -60.46 -12.54 8.83
N LEU A 128 -60.08 -11.26 8.88
CA LEU A 128 -59.52 -10.60 7.70
C LEU A 128 -58.20 -11.22 7.28
N ALA A 129 -57.31 -11.49 8.23
CA ALA A 129 -56.00 -12.03 7.87
C ALA A 129 -56.11 -13.45 7.33
N ARG A 130 -57.02 -14.25 7.88
CA ARG A 130 -57.18 -15.62 7.37
C ARG A 130 -57.71 -15.60 5.94
N GLU A 131 -58.70 -14.74 5.66
CA GLU A 131 -59.18 -14.61 4.29
C GLU A 131 -58.11 -14.01 3.39
N ALA A 132 -57.37 -13.01 3.89
CA ALA A 132 -56.29 -12.42 3.11
C ALA A 132 -55.19 -13.44 2.87
N LEU A 133 -54.81 -14.18 3.91
CA LEU A 133 -53.80 -15.24 3.74
C LEU A 133 -54.29 -16.28 2.76
N ARG A 134 -55.58 -16.62 2.80
CA ARG A 134 -56.13 -17.58 1.85
C ARG A 134 -56.17 -17.01 0.44
N GLN A 135 -56.57 -15.75 0.31
CA GLN A 135 -56.57 -15.11 -1.01
C GLN A 135 -55.14 -14.96 -1.52
N VAL A 136 -54.21 -14.55 -0.65
CA VAL A 136 -52.82 -14.44 -1.05
C VAL A 136 -52.23 -15.81 -1.33
N ARG A 137 -52.66 -16.84 -0.58
CA ARG A 137 -52.20 -18.19 -0.88
C ARG A 137 -52.74 -18.64 -2.22
N GLU A 138 -54.01 -18.34 -2.51
CA GLU A 138 -54.57 -18.65 -3.82
C GLU A 138 -53.86 -17.84 -4.90
N ILE A 139 -53.50 -16.59 -4.60
CA ILE A 139 -52.75 -15.77 -5.54
C ILE A 139 -51.32 -16.28 -5.67
N SER A 140 -50.77 -16.83 -4.58
CA SER A 140 -49.41 -17.37 -4.61
C SER A 140 -49.32 -18.57 -5.54
N LYS A 141 -50.32 -19.44 -5.51
CA LYS A 141 -50.31 -20.64 -6.35
C LYS A 141 -50.34 -20.30 -7.83
N ARG A 142 -51.14 -19.29 -8.21
CA ARG A 142 -51.25 -18.90 -9.61
C ARG A 142 -49.93 -18.37 -10.17
N LEU A 143 -49.17 -17.62 -9.34
CA LEU A 143 -47.91 -17.07 -9.83
C LEU A 143 -46.89 -18.17 -10.09
N GLN A 144 -46.93 -19.27 -9.35
CA GLN A 144 -46.02 -20.38 -9.62
C GLN A 144 -46.36 -21.06 -10.94
N LYS A 145 -47.65 -21.21 -11.25
CA LYS A 145 -48.04 -21.85 -12.51
C LYS A 145 -47.74 -20.96 -13.71
N GLU A 146 -48.04 -19.67 -13.61
CA GLU A 146 -47.77 -18.74 -14.71
C GLU A 146 -46.29 -18.49 -14.94
N GLY A 147 -45.41 -19.10 -14.17
CA GLY A 147 -43.98 -18.94 -14.36
C GLY A 147 -43.43 -17.59 -13.94
N ASN A 148 -44.22 -16.76 -13.29
CA ASN A 148 -43.77 -15.44 -12.82
C ASN A 148 -43.07 -15.64 -11.48
N ILE A 149 -41.73 -15.63 -11.50
CA ILE A 149 -40.96 -15.91 -10.29
C ILE A 149 -40.82 -14.68 -9.41
N GLU A 150 -40.63 -13.50 -10.02
CA GLU A 150 -40.42 -12.29 -9.25
C GLU A 150 -41.61 -11.98 -8.35
N LEU A 151 -42.82 -12.01 -8.91
CA LEU A 151 -44.01 -11.75 -8.11
C LEU A 151 -44.34 -12.91 -7.17
N ALA A 152 -44.02 -14.14 -7.54
CA ALA A 152 -44.39 -15.28 -6.71
C ALA A 152 -43.65 -15.29 -5.37
N LEU A 153 -42.33 -15.08 -5.39
CA LEU A 153 -41.61 -15.06 -4.12
C LEU A 153 -42.01 -13.84 -3.29
N LYS A 154 -42.23 -12.70 -3.94
CA LYS A 154 -42.70 -11.53 -3.20
C LYS A 154 -44.09 -11.77 -2.64
N ALA A 155 -44.90 -12.57 -3.34
CA ALA A 155 -46.19 -12.98 -2.80
C ALA A 155 -46.01 -13.91 -1.61
N ASN A 156 -44.98 -14.75 -1.66
CA ASN A 156 -44.66 -15.64 -0.55
C ASN A 156 -44.31 -14.85 0.70
N ARG A 157 -43.60 -13.73 0.52
CA ARG A 157 -43.26 -12.88 1.67
C ARG A 157 -44.53 -12.35 2.34
N LEU A 158 -45.55 -12.05 1.55
CA LEU A 158 -46.83 -11.62 2.12
C LEU A 158 -47.48 -12.73 2.94
N LEU A 159 -47.49 -13.96 2.41
CA LEU A 159 -48.10 -15.05 3.15
C LEU A 159 -47.35 -15.32 4.45
N ILE A 160 -46.03 -15.12 4.45
CA ILE A 160 -45.27 -15.29 5.69
C ILE A 160 -45.58 -14.16 6.66
N ASP A 161 -45.55 -12.92 6.18
CA ASP A 161 -45.85 -11.78 7.05
C ASP A 161 -47.33 -11.77 7.46
N ALA A 162 -48.21 -12.36 6.64
CA ALA A 162 -49.61 -12.46 7.02
C ALA A 162 -49.79 -13.47 8.15
N LEU A 163 -49.04 -14.57 8.10
CA LEU A 163 -49.10 -15.57 9.16
C LEU A 163 -48.68 -15.01 10.50
N ARG A 164 -47.75 -14.04 10.50
CA ARG A 164 -47.33 -13.40 11.73
C ARG A 164 -48.48 -12.68 12.42
N VAL A 165 -49.44 -12.16 11.65
CA VAL A 165 -50.58 -11.46 12.23
C VAL A 165 -51.46 -12.43 13.01
N LEU A 166 -51.66 -13.64 12.47
CA LEU A 166 -52.50 -14.62 13.16
C LEU A 166 -51.92 -14.99 14.51
N VAL A 167 -50.60 -15.16 14.59
CA VAL A 167 -49.98 -15.57 15.84
C VAL A 167 -50.11 -14.48 16.89
N ARG A 168 -49.98 -13.20 16.50
CA ARG A 168 -50.14 -12.13 17.46
C ARG A 168 -51.59 -12.03 17.93
N ILE A 169 -52.54 -12.43 17.07
CA ILE A 169 -53.94 -12.45 17.45
C ILE A 169 -54.37 -13.78 18.05
N MET A 170 -53.54 -14.82 17.95
CA MET A 170 -53.89 -16.13 18.50
C MET A 170 -53.26 -16.40 19.86
N ARG A 171 -52.00 -16.02 20.06
CA ARG A 171 -51.35 -16.24 21.34
C ARG A 171 -52.01 -15.41 22.44
N HIS A 172 -52.46 -14.20 22.10
CA HIS A 172 -53.03 -13.30 23.08
C HIS A 172 -54.48 -13.60 23.41
N ARG A 173 -55.12 -14.52 22.68
CA ARG A 173 -56.52 -14.85 22.93
C ARG A 173 -56.69 -15.52 24.29
N LYS B 3 -18.21 -7.24 28.74
CA LYS B 3 -18.49 -5.87 28.34
C LYS B 3 -17.22 -5.14 27.89
N GLU B 4 -16.09 -5.83 28.00
CA GLU B 4 -14.81 -5.25 27.61
C GLU B 4 -14.74 -5.05 26.11
N LYS B 5 -14.80 -6.16 25.35
CA LYS B 5 -14.73 -6.06 23.90
C LYS B 5 -15.96 -5.40 23.31
N ILE B 6 -17.11 -5.53 23.98
CA ILE B 6 -18.33 -4.90 23.49
C ILE B 6 -18.18 -3.38 23.49
N GLU B 7 -17.56 -2.83 24.53
CA GLU B 7 -17.25 -1.41 24.53
C GLU B 7 -16.19 -1.06 23.50
N LYS B 8 -15.32 -2.01 23.19
CA LYS B 8 -14.27 -1.75 22.21
C LYS B 8 -14.80 -1.84 20.78
N LEU B 9 -15.66 -2.82 20.50
CA LEU B 9 -16.20 -3.00 19.14
C LEU B 9 -16.90 -1.76 18.62
N VAL B 10 -17.35 -0.85 19.50
CA VAL B 10 -18.03 0.36 19.07
C VAL B 10 -17.08 1.32 18.37
N GLU B 11 -15.78 1.21 18.64
CA GLU B 11 -14.81 2.12 18.04
C GLU B 11 -14.69 1.91 16.54
N GLU B 12 -14.74 0.66 16.08
CA GLU B 12 -14.60 0.39 14.65
C GLU B 12 -15.69 1.07 13.84
N LEU B 13 -16.94 1.01 14.33
CA LEU B 13 -18.03 1.66 13.60
C LEU B 13 -17.95 3.17 13.69
N ILE B 14 -17.71 3.71 14.89
CA ILE B 14 -17.64 5.16 15.06
C ILE B 14 -16.43 5.74 14.34
N ARG B 15 -15.30 5.02 14.33
CA ARG B 15 -14.12 5.53 13.63
C ARG B 15 -14.32 5.51 12.13
N HIS B 16 -14.86 4.41 11.61
CA HIS B 16 -15.07 4.32 10.16
C HIS B 16 -16.14 5.29 9.70
N THR B 17 -17.18 5.51 10.52
CA THR B 17 -18.25 6.43 10.14
C THR B 17 -17.78 7.88 10.17
N GLU B 18 -16.97 8.24 11.16
CA GLU B 18 -16.47 9.62 11.21
C GLU B 18 -15.57 9.91 10.02
N GLU B 19 -14.83 8.90 9.55
CA GLU B 19 -14.03 9.06 8.34
C GLU B 19 -14.92 9.01 7.10
N LEU B 20 -15.94 8.13 7.10
CA LEU B 20 -16.85 8.04 5.97
C LEU B 20 -17.69 9.29 5.81
N ARG B 21 -17.95 10.01 6.90
CA ARG B 21 -18.66 11.27 6.80
C ARG B 21 -17.82 12.31 6.06
N GLU B 22 -16.50 12.24 6.23
CA GLU B 22 -15.59 13.19 5.59
C GLU B 22 -15.45 12.92 4.10
N LEU B 23 -15.45 11.65 3.69
CA LEU B 23 -15.34 11.35 2.27
C LEU B 23 -16.56 11.91 1.51
N LEU B 24 -17.73 11.87 2.16
CA LEU B 24 -18.93 12.45 1.56
C LEU B 24 -19.05 13.95 1.84
N GLU B 25 -18.38 14.46 2.89
CA GLU B 25 -18.45 15.89 3.17
C GLU B 25 -17.50 16.71 2.29
N LYS B 26 -16.44 16.10 1.76
CA LYS B 26 -15.53 16.84 0.88
C LYS B 26 -15.85 16.64 -0.60
N LEU B 27 -16.35 15.47 -0.97
CA LEU B 27 -16.72 15.17 -2.35
C LEU B 27 -18.04 15.80 -2.77
N VAL B 28 -18.78 16.39 -1.83
CA VAL B 28 -20.06 17.02 -2.13
C VAL B 28 -19.93 18.53 -2.29
N LYS B 29 -18.80 19.12 -1.91
CA LYS B 29 -18.61 20.55 -2.14
C LYS B 29 -18.14 20.85 -3.56
N HIS B 30 -17.35 19.97 -4.16
CA HIS B 30 -17.02 20.09 -5.57
C HIS B 30 -18.26 19.85 -6.43
N GLY B 31 -18.11 20.04 -7.74
CA GLY B 31 -19.25 20.05 -8.64
C GLY B 31 -19.83 18.67 -8.88
N GLY B 32 -19.38 17.71 -8.09
CA GLY B 32 -19.73 16.33 -8.33
C GLY B 32 -20.99 15.82 -7.66
N ALA B 33 -20.88 15.56 -6.36
CA ALA B 33 -21.91 14.84 -5.63
C ALA B 33 -23.13 15.71 -5.38
N SER B 34 -24.30 15.09 -5.39
CA SER B 34 -25.55 15.77 -5.16
C SER B 34 -25.84 15.90 -3.66
N GLU B 35 -26.83 16.73 -3.34
CA GLU B 35 -27.21 16.95 -1.95
C GLU B 35 -27.86 15.72 -1.33
N GLU B 36 -28.66 14.99 -2.10
CA GLU B 36 -29.41 13.85 -1.55
C GLU B 36 -28.50 12.74 -1.04
N TYR B 37 -27.31 12.59 -1.63
CA TYR B 37 -26.42 11.53 -1.14
C TYR B 37 -25.92 11.83 0.26
N LEU B 38 -25.70 13.11 0.58
CA LEU B 38 -25.31 13.49 1.94
C LEU B 38 -26.43 13.23 2.93
N LEU B 39 -27.69 13.40 2.49
CA LEU B 39 -28.83 13.14 3.36
C LEU B 39 -28.85 11.69 3.83
N GLU B 40 -28.58 10.75 2.93
CA GLU B 40 -28.56 9.35 3.34
C GLU B 40 -27.47 9.09 4.36
N LEU B 41 -26.36 9.83 4.28
CA LEU B 41 -25.32 9.74 5.31
C LEU B 41 -25.83 10.27 6.63
N LEU B 42 -26.60 11.36 6.60
CA LEU B 42 -27.21 11.87 7.84
C LEU B 42 -28.15 10.83 8.43
N GLU B 43 -28.92 10.16 7.57
CA GLU B 43 -29.77 9.05 8.04
C GLU B 43 -28.92 7.93 8.62
N ASN B 44 -27.75 7.68 8.02
CA ASN B 44 -26.84 6.70 8.56
C ASN B 44 -26.23 7.15 9.88
N LEU B 45 -26.06 8.47 10.06
CA LEU B 45 -25.49 8.98 11.30
C LEU B 45 -26.45 8.81 12.47
N VAL B 46 -27.72 9.18 12.26
CA VAL B 46 -28.70 9.04 13.34
C VAL B 46 -28.95 7.56 13.64
N ARG B 47 -28.84 6.70 12.64
CA ARG B 47 -28.97 5.26 12.90
C ARG B 47 -27.84 4.75 13.78
N LEU B 48 -26.62 5.27 13.58
CA LEU B 48 -25.53 4.90 14.46
C LEU B 48 -25.75 5.46 15.86
N ALA B 49 -26.30 6.68 15.93
CA ALA B 49 -26.59 7.27 17.23
C ALA B 49 -27.62 6.44 17.98
N HIS B 50 -28.63 5.94 17.27
CA HIS B 50 -29.64 5.11 17.91
C HIS B 50 -29.04 3.76 18.32
N VAL B 51 -28.13 3.21 17.52
CA VAL B 51 -27.48 1.96 17.87
C VAL B 51 -26.60 2.12 19.10
N ILE B 52 -25.87 3.24 19.17
CA ILE B 52 -25.04 3.50 20.34
C ILE B 52 -25.90 3.64 21.58
N ALA B 53 -27.10 4.20 21.43
CA ALA B 53 -28.01 4.33 22.55
C ALA B 53 -28.49 2.97 23.04
N GLU B 54 -28.77 2.03 22.11
CA GLU B 54 -29.24 0.72 22.51
C GLU B 54 -28.15 -0.11 23.17
N VAL B 55 -26.89 0.13 22.82
CA VAL B 55 -25.81 -0.59 23.49
C VAL B 55 -25.49 0.03 24.84
N ALA B 56 -25.63 1.36 24.95
CA ALA B 56 -25.30 2.07 26.18
C ALA B 56 -26.28 1.79 27.32
N ARG B 57 -27.50 1.34 27.00
CA ARG B 57 -28.44 1.04 28.07
C ARG B 57 -28.03 -0.22 28.83
N GLU B 58 -27.49 -1.21 28.14
CA GLU B 58 -27.07 -2.44 28.82
C GLU B 58 -25.82 -2.21 29.64
N GLN B 59 -24.83 -1.50 29.08
CA GLN B 59 -23.57 -1.25 29.75
C GLN B 59 -23.61 -0.04 30.68
N GLY B 60 -24.48 0.93 30.41
CA GLY B 60 -24.56 2.11 31.27
C GLY B 60 -23.38 3.05 31.14
N ASN B 61 -22.75 3.12 29.97
CA ASN B 61 -21.58 3.96 29.75
C ASN B 61 -22.05 5.34 29.29
N GLU B 62 -21.87 6.35 30.16
CA GLU B 62 -22.24 7.72 29.81
C GLU B 62 -21.28 8.33 28.79
N GLU B 63 -20.12 7.73 28.56
CA GLU B 63 -19.25 8.17 27.48
C GLU B 63 -19.78 7.77 26.10
N LEU B 64 -20.84 6.97 26.04
CA LEU B 64 -21.41 6.55 24.77
C LEU B 64 -22.81 7.09 24.51
N LEU B 65 -23.62 7.28 25.56
CA LEU B 65 -24.93 7.91 25.37
C LEU B 65 -24.76 9.37 24.93
N GLU B 66 -23.84 10.10 25.55
CA GLU B 66 -23.59 11.48 25.16
C GLU B 66 -22.98 11.56 23.77
N GLU B 67 -22.12 10.59 23.42
CA GLU B 67 -21.56 10.57 22.08
C GLU B 67 -22.63 10.29 21.03
N ALA B 68 -23.61 9.47 21.37
CA ALA B 68 -24.73 9.25 20.46
C ALA B 68 -25.57 10.52 20.32
N ALA B 69 -25.74 11.25 21.43
CA ALA B 69 -26.47 12.50 21.40
C ALA B 69 -25.68 13.59 20.68
N ARG B 70 -24.36 13.61 20.86
CA ARG B 70 -23.54 14.59 20.14
C ARG B 70 -23.66 14.37 18.64
N LEU B 71 -23.60 13.11 18.20
CA LEU B 71 -23.80 12.79 16.79
C LEU B 71 -25.23 13.07 16.36
N ALA B 72 -26.22 12.74 17.20
CA ALA B 72 -27.62 12.95 16.85
C ALA B 72 -27.94 14.43 16.72
N GLU B 73 -27.48 15.25 17.68
CA GLU B 73 -27.76 16.67 17.61
C GLU B 73 -27.04 17.29 16.41
N GLU B 74 -25.80 16.88 16.16
CA GLU B 74 -25.07 17.38 15.00
C GLU B 74 -25.70 16.93 13.69
N ALA B 75 -26.31 15.73 13.67
CA ALA B 75 -26.97 15.27 12.46
C ALA B 75 -28.30 15.95 12.24
N ALA B 76 -29.06 16.18 13.32
CA ALA B 76 -30.35 16.85 13.19
C ALA B 76 -30.17 18.31 12.81
N ARG B 77 -29.17 18.98 13.42
CA ARG B 77 -28.92 20.38 13.12
C ARG B 77 -28.51 20.55 11.66
N GLN B 78 -27.64 19.68 11.15
CA GLN B 78 -27.26 19.73 9.75
C GLN B 78 -28.46 19.44 8.85
N ALA B 79 -29.40 18.63 9.31
CA ALA B 79 -30.57 18.28 8.51
C ALA B 79 -31.49 19.48 8.33
N GLU B 80 -31.70 20.25 9.40
CA GLU B 80 -32.58 21.41 9.32
C GLU B 80 -32.05 22.43 8.31
N GLU B 81 -30.74 22.60 8.25
CA GLU B 81 -30.14 23.53 7.29
C GLU B 81 -30.32 23.03 5.86
N LEU B 82 -30.13 21.72 5.63
CA LEU B 82 -30.30 21.16 4.30
C LEU B 82 -31.75 21.27 3.83
N ALA B 83 -32.71 21.16 4.76
CA ALA B 83 -34.11 21.39 4.40
C ALA B 83 -34.33 22.85 4.01
N ARG B 84 -33.72 23.77 4.78
CA ARG B 84 -33.84 25.19 4.48
C ARG B 84 -33.19 25.52 3.14
N GLU B 85 -32.04 24.89 2.84
CA GLU B 85 -31.35 25.13 1.58
C GLU B 85 -32.16 24.62 0.39
N ALA B 86 -32.77 23.44 0.52
CA ALA B 86 -33.57 22.85 -0.54
C ALA B 86 -34.94 23.51 -0.72
N ARG B 87 -35.49 24.11 0.34
CA ARG B 87 -36.83 24.69 0.25
C ARG B 87 -36.89 25.86 -0.72
N ARG B 88 -35.83 26.66 -0.83
CA ARG B 88 -35.85 27.79 -1.74
C ARG B 88 -35.62 27.36 -3.19
N GLU B 89 -34.95 26.22 -3.39
CA GLU B 89 -34.63 25.76 -4.74
C GLU B 89 -35.79 25.05 -5.42
N GLY B 90 -36.76 24.53 -4.67
CA GLY B 90 -37.93 23.89 -5.24
C GLY B 90 -37.88 22.37 -5.30
N ASN B 91 -36.82 21.74 -4.80
CA ASN B 91 -36.71 20.28 -4.78
C ASN B 91 -37.47 19.78 -3.56
N LEU B 92 -38.76 19.52 -3.74
CA LEU B 92 -39.61 19.17 -2.62
C LEU B 92 -39.33 17.76 -2.11
N GLU B 93 -38.94 16.85 -3.00
CA GLU B 93 -38.58 15.51 -2.58
C GLU B 93 -37.40 15.53 -1.60
N LEU B 94 -36.40 16.37 -1.88
CA LEU B 94 -35.25 16.46 -0.98
C LEU B 94 -35.62 17.07 0.36
N ALA B 95 -36.52 18.05 0.37
CA ALA B 95 -36.93 18.66 1.63
C ALA B 95 -37.66 17.66 2.53
N LEU B 96 -38.61 16.90 1.95
CA LEU B 96 -39.34 15.91 2.74
C LEU B 96 -38.41 14.78 3.18
N LYS B 97 -37.39 14.46 2.38
CA LYS B 97 -36.43 13.46 2.81
C LYS B 97 -35.60 13.98 3.98
N ALA B 98 -35.35 15.29 4.01
CA ALA B 98 -34.58 15.86 5.11
C ALA B 98 -35.38 15.89 6.41
N LEU B 99 -36.66 16.30 6.35
CA LEU B 99 -37.45 16.32 7.57
C LEU B 99 -37.69 14.94 8.15
N GLN B 100 -37.81 13.93 7.29
CA GLN B 100 -37.94 12.55 7.79
C GLN B 100 -36.71 12.18 8.59
N ILE B 101 -35.54 12.66 8.16
CA ILE B 101 -34.31 12.45 8.91
C ILE B 101 -34.36 13.21 10.23
N LEU B 102 -34.90 14.43 10.21
CA LEU B 102 -34.98 15.24 11.41
C LEU B 102 -35.95 14.65 12.42
N VAL B 103 -37.13 14.20 11.97
CA VAL B 103 -38.11 13.63 12.88
C VAL B 103 -37.56 12.37 13.54
N ASN B 104 -36.92 11.49 12.76
CA ASN B 104 -36.34 10.29 13.33
C ASN B 104 -35.20 10.61 14.29
N ALA B 105 -34.43 11.67 14.00
CA ALA B 105 -33.34 12.05 14.90
C ALA B 105 -33.86 12.60 16.22
N ALA B 106 -35.07 13.17 16.23
CA ALA B 106 -35.65 13.65 17.47
C ALA B 106 -36.01 12.50 18.40
N TYR B 107 -36.50 11.39 17.84
CA TYR B 107 -36.86 10.24 18.65
C TYR B 107 -35.63 9.64 19.34
N VAL B 108 -34.49 9.62 18.65
CA VAL B 108 -33.26 9.11 19.26
C VAL B 108 -32.86 9.99 20.44
N LEU B 109 -33.05 11.31 20.31
CA LEU B 109 -32.75 12.20 21.43
C LEU B 109 -33.73 11.98 22.57
N ALA B 110 -35.00 11.73 22.24
CA ALA B 110 -35.99 11.44 23.27
C ALA B 110 -35.71 10.09 23.91
N GLU B 111 -35.57 9.05 23.08
CA GLU B 111 -35.22 7.71 23.56
C GLU B 111 -34.01 7.69 24.48
N ILE B 112 -33.19 8.75 24.47
CA ILE B 112 -32.00 8.82 25.33
C ILE B 112 -32.30 9.57 26.62
N ALA B 113 -32.95 10.74 26.54
CA ALA B 113 -33.22 11.52 27.74
C ALA B 113 -34.15 10.78 28.69
N ARG B 114 -35.23 10.20 28.15
CA ARG B 114 -36.17 9.48 28.99
C ARG B 114 -35.55 8.22 29.58
N ASP B 115 -34.71 7.52 28.81
CA ASP B 115 -34.07 6.32 29.32
C ASP B 115 -33.00 6.66 30.35
N ARG B 116 -32.17 7.66 30.07
CA ARG B 116 -31.13 8.06 31.01
C ARG B 116 -31.74 8.76 32.23
N GLY B 117 -32.73 9.62 32.01
CA GLY B 117 -33.36 10.39 33.06
C GLY B 117 -33.07 11.87 33.01
N ASN B 118 -32.04 12.27 32.26
CA ASN B 118 -31.69 13.68 32.16
C ASN B 118 -32.75 14.47 31.39
N GLU B 119 -33.44 15.36 32.09
CA GLU B 119 -34.42 16.26 31.48
C GLU B 119 -33.76 17.47 30.83
N GLU B 120 -32.42 17.52 30.81
CA GLU B 120 -31.73 18.64 30.20
C GLU B 120 -32.00 18.71 28.71
N LEU B 121 -32.12 17.56 28.05
CA LEU B 121 -32.41 17.53 26.62
C LEU B 121 -33.81 17.04 26.28
N LEU B 122 -34.65 16.70 27.27
CA LEU B 122 -35.97 16.17 26.92
C LEU B 122 -36.83 17.23 26.23
N GLU B 123 -36.60 18.49 26.54
CA GLU B 123 -37.25 19.59 25.83
C GLU B 123 -36.64 19.83 24.45
N LYS B 124 -35.34 19.54 24.28
CA LYS B 124 -34.67 19.83 23.03
C LYS B 124 -35.15 18.91 21.92
N ALA B 125 -35.54 17.68 22.24
CA ALA B 125 -36.12 16.80 21.23
C ALA B 125 -37.43 17.41 20.71
N GLU B 126 -38.25 17.93 21.62
CA GLU B 126 -39.49 18.59 21.22
C GLU B 126 -39.20 19.80 20.34
N ARG B 127 -38.12 20.54 20.64
CA ARG B 127 -37.79 21.73 19.86
C ARG B 127 -37.52 21.36 18.40
N LEU B 128 -36.78 20.28 18.17
CA LEU B 128 -36.54 19.83 16.80
C LEU B 128 -37.83 19.32 16.17
N ALA B 129 -38.60 18.53 16.91
CA ALA B 129 -39.83 17.96 16.38
C ALA B 129 -40.89 19.00 16.11
N ARG B 130 -40.95 20.05 16.93
CA ARG B 130 -41.95 21.10 16.72
C ARG B 130 -41.73 21.83 15.40
N GLU B 131 -40.47 22.10 15.06
CA GLU B 131 -40.17 22.75 13.79
C GLU B 131 -40.57 21.87 12.60
N ALA B 132 -40.35 20.55 12.71
CA ALA B 132 -40.68 19.66 11.60
C ALA B 132 -42.18 19.59 11.35
N LEU B 133 -42.99 19.44 12.40
CA LEU B 133 -44.44 19.37 12.22
C LEU B 133 -44.98 20.65 11.61
N ARG B 134 -44.44 21.79 12.01
CA ARG B 134 -44.86 23.06 11.42
C ARG B 134 -44.35 23.18 9.99
N GLN B 135 -43.10 22.79 9.75
CA GLN B 135 -42.54 22.89 8.41
C GLN B 135 -43.23 21.95 7.42
N VAL B 136 -43.48 20.70 7.81
CA VAL B 136 -44.14 19.77 6.87
C VAL B 136 -45.58 20.17 6.62
N ARG B 137 -46.25 20.76 7.61
CA ARG B 137 -47.63 21.19 7.40
C ARG B 137 -47.68 22.32 6.39
N GLU B 138 -46.74 23.27 6.46
CA GLU B 138 -46.68 24.33 5.47
C GLU B 138 -46.32 23.75 4.10
N ILE B 139 -45.45 22.74 4.07
CA ILE B 139 -45.10 22.09 2.82
C ILE B 139 -46.25 21.23 2.30
N SER B 140 -47.03 20.63 3.21
CA SER B 140 -48.16 19.81 2.77
C SER B 140 -49.23 20.65 2.08
N LYS B 141 -49.51 21.84 2.63
CA LYS B 141 -50.53 22.69 2.02
C LYS B 141 -50.10 23.16 0.64
N ARG B 142 -48.81 23.50 0.49
CA ARG B 142 -48.31 23.88 -0.83
C ARG B 142 -48.38 22.69 -1.79
N LEU B 143 -48.07 21.49 -1.28
CA LEU B 143 -48.19 20.30 -2.11
C LEU B 143 -49.66 19.99 -2.40
N GLN B 144 -50.55 20.31 -1.44
CA GLN B 144 -51.98 20.17 -1.69
C GLN B 144 -52.48 21.21 -2.68
N LYS B 145 -51.92 22.43 -2.62
CA LYS B 145 -52.32 23.48 -3.55
C LYS B 145 -51.83 23.20 -4.96
N GLU B 146 -50.59 22.72 -5.11
CA GLU B 146 -50.07 22.42 -6.43
C GLU B 146 -50.75 21.20 -7.06
N GLY B 147 -51.35 20.36 -6.24
CA GLY B 147 -52.01 19.22 -6.81
C GLY B 147 -51.09 18.09 -7.22
N ASN B 148 -49.81 18.14 -6.84
CA ASN B 148 -48.86 17.07 -7.15
C ASN B 148 -49.06 15.99 -6.11
N ILE B 149 -49.71 14.91 -6.51
CA ILE B 149 -50.14 13.88 -5.57
C ILE B 149 -49.00 12.98 -5.12
N GLU B 150 -48.04 12.67 -5.99
CA GLU B 150 -46.95 11.77 -5.62
C GLU B 150 -46.16 12.31 -4.44
N LEU B 151 -45.75 13.58 -4.52
CA LEU B 151 -45.05 14.18 -3.39
C LEU B 151 -45.99 14.51 -2.23
N ALA B 152 -47.24 14.86 -2.52
CA ALA B 152 -48.19 15.17 -1.46
C ALA B 152 -48.49 13.96 -0.61
N LEU B 153 -48.64 12.79 -1.23
CA LEU B 153 -48.90 11.58 -0.47
C LEU B 153 -47.73 11.26 0.46
N LYS B 154 -46.50 11.49 -0.01
CA LYS B 154 -45.34 11.31 0.85
C LYS B 154 -45.31 12.32 1.99
N ALA B 155 -45.84 13.53 1.77
CA ALA B 155 -45.88 14.53 2.83
C ALA B 155 -46.80 14.07 3.96
N ASN B 156 -47.88 13.38 3.62
CA ASN B 156 -48.79 12.87 4.65
C ASN B 156 -48.11 11.84 5.54
N ARG B 157 -47.21 11.02 4.96
CA ARG B 157 -46.51 10.02 5.76
C ARG B 157 -45.65 10.69 6.84
N LEU B 158 -45.01 11.82 6.51
CA LEU B 158 -44.24 12.54 7.53
C LEU B 158 -45.13 13.10 8.62
N LEU B 159 -46.28 13.69 8.25
CA LEU B 159 -47.17 14.24 9.26
C LEU B 159 -47.67 13.16 10.22
N ILE B 160 -47.89 11.94 9.71
CA ILE B 160 -48.28 10.84 10.57
C ILE B 160 -47.09 10.37 11.42
N ASP B 161 -45.94 10.16 10.78
CA ASP B 161 -44.76 9.69 11.50
C ASP B 161 -44.24 10.71 12.50
N ALA B 162 -44.51 12.00 12.28
CA ALA B 162 -44.15 13.00 13.28
C ALA B 162 -45.03 12.88 14.52
N LEU B 163 -46.32 12.57 14.32
CA LEU B 163 -47.23 12.40 15.46
C LEU B 163 -46.82 11.25 16.36
N ARG B 164 -46.23 10.20 15.80
CA ARG B 164 -45.76 9.08 16.63
C ARG B 164 -44.65 9.54 17.58
N VAL B 165 -43.82 10.48 17.13
CA VAL B 165 -42.74 11.00 17.97
C VAL B 165 -43.31 11.81 19.13
N LEU B 166 -44.34 12.62 18.87
CA LEU B 166 -44.91 13.46 19.92
C LEU B 166 -45.48 12.61 21.04
N VAL B 167 -46.14 11.50 20.71
CA VAL B 167 -46.71 10.63 21.72
C VAL B 167 -45.61 9.95 22.53
N ARG B 168 -44.52 9.54 21.87
CA ARG B 168 -43.44 8.84 22.56
C ARG B 168 -42.67 9.72 23.52
N ILE B 169 -42.65 11.04 23.34
CA ILE B 169 -41.90 11.90 24.25
C ILE B 169 -42.67 12.23 25.51
N MET B 170 -43.96 11.90 25.57
CA MET B 170 -44.76 12.14 26.77
C MET B 170 -44.91 10.88 27.61
N ARG B 171 -45.10 9.74 26.96
CA ARG B 171 -45.21 8.45 27.66
C ARG B 171 -43.87 8.02 28.24
N SER C 1 -58.24 -26.39 21.51
CA SER C 1 -57.17 -26.60 20.52
C SER C 1 -56.80 -25.28 19.82
N LEU C 2 -56.22 -24.37 20.59
CA LEU C 2 -55.84 -23.06 20.06
C LEU C 2 -54.68 -23.17 19.08
N LYS C 3 -53.54 -23.67 19.54
CA LYS C 3 -52.36 -23.77 18.69
C LYS C 3 -52.41 -24.96 17.74
N GLU C 4 -53.51 -25.71 17.73
CA GLU C 4 -53.64 -26.85 16.82
C GLU C 4 -53.88 -26.40 15.38
N LYS C 5 -54.82 -25.46 15.19
CA LYS C 5 -55.09 -24.96 13.86
C LYS C 5 -53.99 -24.03 13.36
N ILE C 6 -53.23 -23.42 14.27
CA ILE C 6 -52.12 -22.57 13.86
C ILE C 6 -50.95 -23.42 13.39
N GLU C 7 -50.69 -24.54 14.06
CA GLU C 7 -49.62 -25.43 13.62
C GLU C 7 -49.89 -26.04 12.26
N LYS C 8 -51.17 -26.11 11.85
CA LYS C 8 -51.45 -26.56 10.50
C LYS C 8 -51.05 -25.50 9.47
N LEU C 9 -51.39 -24.23 9.74
CA LEU C 9 -51.02 -23.17 8.81
C LEU C 9 -49.51 -23.02 8.68
N VAL C 10 -48.76 -23.28 9.76
CA VAL C 10 -47.31 -23.14 9.72
C VAL C 10 -46.68 -24.28 8.93
N GLU C 11 -47.32 -25.45 8.92
CA GLU C 11 -46.79 -26.57 8.15
C GLU C 11 -46.82 -26.27 6.66
N GLU C 12 -47.91 -25.64 6.22
CA GLU C 12 -48.04 -25.26 4.81
C GLU C 12 -46.94 -24.30 4.39
N LEU C 13 -46.58 -23.35 5.25
CA LEU C 13 -45.58 -22.35 4.90
C LEU C 13 -44.20 -22.96 4.75
N ILE C 14 -43.82 -23.86 5.66
CA ILE C 14 -42.51 -24.51 5.54
C ILE C 14 -42.45 -25.36 4.28
N ARG C 15 -43.55 -26.01 3.93
CA ARG C 15 -43.59 -26.81 2.72
C ARG C 15 -43.63 -25.94 1.47
N HIS C 16 -44.44 -24.90 1.47
CA HIS C 16 -44.57 -24.05 0.29
C HIS C 16 -43.28 -23.29 0.03
N THR C 17 -42.59 -22.84 1.09
CA THR C 17 -41.33 -22.16 0.90
C THR C 17 -40.27 -23.12 0.41
N GLU C 18 -40.25 -24.34 0.96
CA GLU C 18 -39.31 -25.35 0.47
C GLU C 18 -39.64 -25.74 -0.97
N GLU C 19 -40.91 -25.66 -1.36
CA GLU C 19 -41.28 -25.92 -2.75
C GLU C 19 -40.80 -24.79 -3.65
N LEU C 20 -40.92 -23.54 -3.19
CA LEU C 20 -40.38 -22.42 -3.95
C LEU C 20 -38.85 -22.43 -3.96
N ARG C 21 -38.23 -23.05 -2.95
CA ARG C 21 -36.78 -23.12 -2.88
C ARG C 21 -36.22 -23.96 -4.03
N GLU C 22 -36.95 -24.99 -4.47
CA GLU C 22 -36.46 -25.83 -5.56
C GLU C 22 -36.59 -25.13 -6.91
N LEU C 23 -37.69 -24.39 -7.11
CA LEU C 23 -37.88 -23.69 -8.38
C LEU C 23 -36.85 -22.58 -8.58
N LEU C 24 -36.46 -21.89 -7.51
CA LEU C 24 -35.50 -20.79 -7.65
C LEU C 24 -34.06 -21.28 -7.69
N GLU C 25 -33.77 -22.46 -7.13
CA GLU C 25 -32.44 -23.03 -7.18
C GLU C 25 -32.14 -23.75 -8.49
N LYS C 26 -33.20 -24.08 -9.26
CA LYS C 26 -33.07 -24.84 -10.50
C LYS C 26 -32.85 -23.97 -11.73
N LEU C 27 -33.29 -22.71 -11.69
CA LEU C 27 -33.09 -21.82 -12.85
C LEU C 27 -31.61 -21.43 -12.98
N VAL C 28 -30.93 -21.24 -11.86
CA VAL C 28 -29.49 -21.01 -11.89
C VAL C 28 -28.76 -22.36 -11.91
N GLU C 35 -29.93 -13.90 -10.66
CA GLU C 35 -29.11 -14.40 -9.55
C GLU C 35 -29.53 -13.77 -8.23
N GLU C 36 -29.86 -12.47 -8.29
CA GLU C 36 -30.27 -11.74 -7.11
C GLU C 36 -31.59 -12.26 -6.55
N TYR C 37 -32.43 -12.84 -7.41
CA TYR C 37 -33.73 -13.33 -6.97
C TYR C 37 -33.59 -14.48 -6.00
N LEU C 38 -32.53 -15.29 -6.13
CA LEU C 38 -32.25 -16.31 -5.14
C LEU C 38 -31.95 -15.68 -3.79
N LEU C 39 -31.27 -14.53 -3.80
CA LEU C 39 -31.05 -13.77 -2.57
C LEU C 39 -32.37 -13.32 -1.96
N GLU C 40 -33.30 -12.88 -2.82
CA GLU C 40 -34.61 -12.46 -2.34
C GLU C 40 -35.35 -13.61 -1.67
N LEU C 41 -35.10 -14.84 -2.12
CA LEU C 41 -35.67 -16.01 -1.45
C LEU C 41 -35.09 -16.16 -0.05
N LEU C 42 -33.79 -15.92 0.10
CA LEU C 42 -33.18 -16.00 1.43
C LEU C 42 -33.75 -14.96 2.37
N GLU C 43 -33.93 -13.73 1.89
CA GLU C 43 -34.53 -12.69 2.72
C GLU C 43 -35.97 -13.06 3.09
N ASN C 44 -36.71 -13.64 2.15
CA ASN C 44 -38.05 -14.11 2.47
C ASN C 44 -38.02 -15.37 3.32
N LEU C 45 -37.00 -16.21 3.16
CA LEU C 45 -36.90 -17.46 3.92
C LEU C 45 -36.53 -17.20 5.38
N VAL C 46 -35.55 -16.33 5.63
CA VAL C 46 -35.11 -16.06 7.00
C VAL C 46 -36.23 -15.44 7.81
N ARG C 47 -37.14 -14.71 7.16
CA ARG C 47 -38.28 -14.16 7.87
C ARG C 47 -39.18 -15.28 8.41
N LEU C 48 -39.29 -16.38 7.66
CA LEU C 48 -40.07 -17.52 8.15
C LEU C 48 -39.41 -18.16 9.36
N ALA C 49 -38.07 -18.21 9.38
CA ALA C 49 -37.36 -18.79 10.51
C ALA C 49 -37.65 -18.02 11.80
N HIS C 50 -37.68 -16.69 11.71
CA HIS C 50 -37.98 -15.88 12.89
C HIS C 50 -39.43 -16.04 13.30
N VAL C 51 -40.34 -16.14 12.33
CA VAL C 51 -41.75 -16.32 12.64
C VAL C 51 -42.02 -17.68 13.26
N ILE C 52 -41.43 -18.74 12.69
CA ILE C 52 -41.62 -20.08 13.23
C ILE C 52 -41.02 -20.18 14.62
N ALA C 53 -39.88 -19.52 14.85
CA ALA C 53 -39.25 -19.56 16.16
C ALA C 53 -40.13 -18.91 17.22
N GLU C 54 -40.79 -17.80 16.86
CA GLU C 54 -41.70 -17.16 17.79
C GLU C 54 -42.95 -18.00 18.01
N VAL C 55 -43.30 -18.85 17.04
CA VAL C 55 -44.43 -19.74 17.21
C VAL C 55 -44.06 -20.91 18.10
N ALA C 56 -42.82 -21.41 17.98
CA ALA C 56 -42.42 -22.56 18.79
C ALA C 56 -42.19 -22.15 20.24
N ARG C 57 -41.82 -20.89 20.49
CA ARG C 57 -41.69 -20.42 21.86
C ARG C 57 -43.05 -20.23 22.51
N GLU C 58 -44.07 -19.95 21.71
CA GLU C 58 -45.42 -19.72 22.24
C GLU C 58 -46.13 -21.04 22.54
N GLN C 59 -46.03 -22.02 21.65
CA GLN C 59 -46.66 -23.31 21.86
C GLN C 59 -45.75 -24.32 22.57
N GLY C 60 -44.47 -24.00 22.73
CA GLY C 60 -43.53 -24.89 23.39
C GLY C 60 -43.08 -26.07 22.59
N ASN C 61 -43.49 -26.19 21.32
CA ASN C 61 -43.14 -27.34 20.51
C ASN C 61 -41.64 -27.31 20.19
N GLU C 62 -40.92 -28.34 20.64
CA GLU C 62 -39.49 -28.42 20.36
C GLU C 62 -39.21 -28.80 18.92
N GLU C 63 -40.09 -29.59 18.30
CA GLU C 63 -39.91 -29.96 16.90
C GLU C 63 -40.02 -28.73 15.99
N LEU C 64 -40.86 -27.77 16.36
CA LEU C 64 -40.91 -26.51 15.62
C LEU C 64 -39.61 -25.72 15.77
N LEU C 65 -38.95 -25.83 16.93
CA LEU C 65 -37.63 -25.22 17.08
C LEU C 65 -36.62 -25.88 16.15
N GLU C 66 -36.68 -27.20 16.01
CA GLU C 66 -35.76 -27.89 15.11
C GLU C 66 -36.03 -27.52 13.66
N GLU C 67 -37.30 -27.35 13.29
CA GLU C 67 -37.62 -26.90 11.94
C GLU C 67 -37.23 -25.43 11.77
N ALA C 68 -37.42 -24.61 12.82
CA ALA C 68 -37.04 -23.21 12.74
C ALA C 68 -35.53 -23.03 12.62
N ALA C 69 -34.76 -23.86 13.33
CA ALA C 69 -33.30 -23.79 13.23
C ALA C 69 -32.82 -24.31 11.88
N ARG C 70 -33.47 -25.35 11.36
CA ARG C 70 -33.09 -25.89 10.07
C ARG C 70 -33.26 -24.85 8.97
N LEU C 71 -34.37 -24.11 8.99
CA LEU C 71 -34.57 -23.07 7.99
C LEU C 71 -33.55 -21.94 8.15
N ALA C 72 -33.28 -21.53 9.38
CA ALA C 72 -32.33 -20.44 9.62
C ALA C 72 -30.90 -20.84 9.30
N GLU C 73 -30.47 -22.03 9.74
CA GLU C 73 -29.08 -22.43 9.60
C GLU C 73 -28.66 -22.59 8.13
N GLU C 74 -29.52 -23.20 7.31
CA GLU C 74 -29.16 -23.38 5.90
C GLU C 74 -29.05 -22.05 5.17
N ALA C 75 -29.76 -21.02 5.63
CA ALA C 75 -29.67 -19.73 4.96
C ALA C 75 -28.32 -19.07 5.19
N ALA C 76 -27.74 -19.23 6.38
CA ALA C 76 -26.43 -18.64 6.62
C ALA C 76 -25.35 -19.30 5.77
N ARG C 77 -25.41 -20.63 5.63
CA ARG C 77 -24.45 -21.32 4.79
C ARG C 77 -24.60 -20.92 3.33
N GLN C 78 -25.85 -20.85 2.85
CA GLN C 78 -26.08 -20.43 1.47
C GLN C 78 -25.69 -18.99 1.23
N ALA C 79 -25.86 -18.12 2.24
CA ALA C 79 -25.54 -16.71 2.08
C ALA C 79 -24.04 -16.44 2.04
N GLU C 80 -23.27 -17.08 2.93
CA GLU C 80 -21.85 -16.81 3.00
C GLU C 80 -21.12 -17.22 1.72
N GLU C 81 -21.53 -18.32 1.09
CA GLU C 81 -20.86 -18.75 -0.13
C GLU C 81 -21.05 -17.75 -1.24
N LEU C 82 -22.27 -17.23 -1.41
CA LEU C 82 -22.51 -16.22 -2.43
C LEU C 82 -21.78 -14.92 -2.13
N ALA C 83 -21.59 -14.60 -0.84
CA ALA C 83 -20.82 -13.41 -0.50
C ALA C 83 -19.37 -13.55 -0.96
N ARG C 84 -18.79 -14.72 -0.77
CA ARG C 84 -17.43 -14.95 -1.26
C ARG C 84 -17.40 -14.93 -2.79
N GLU C 85 -18.40 -15.53 -3.43
CA GLU C 85 -18.48 -15.53 -4.89
C GLU C 85 -18.77 -14.13 -5.45
N ALA C 86 -19.68 -13.39 -4.82
CA ALA C 86 -20.05 -12.07 -5.34
C ALA C 86 -18.94 -11.05 -5.10
N ARG C 87 -18.12 -11.23 -4.06
CA ARG C 87 -17.04 -10.29 -3.83
C ARG C 87 -15.97 -10.38 -4.91
N ARG C 88 -15.73 -11.59 -5.44
CA ARG C 88 -14.70 -11.77 -6.47
C ARG C 88 -15.19 -11.40 -7.87
N GLU C 89 -16.48 -11.50 -8.13
CA GLU C 89 -17.02 -11.21 -9.46
C GLU C 89 -17.21 -9.72 -9.71
N GLY C 90 -16.78 -8.85 -8.81
CA GLY C 90 -17.00 -7.42 -8.95
C GLY C 90 -18.40 -6.95 -8.62
N ASN C 91 -19.39 -7.85 -8.64
CA ASN C 91 -20.74 -7.48 -8.23
C ASN C 91 -20.78 -7.16 -6.75
N LEU C 92 -20.43 -5.93 -6.38
CA LEU C 92 -20.37 -5.60 -4.96
C LEU C 92 -21.76 -5.39 -4.38
N GLU C 93 -22.69 -4.87 -5.19
CA GLU C 93 -24.07 -4.70 -4.74
C GLU C 93 -24.70 -6.04 -4.36
N LEU C 94 -24.44 -7.08 -5.15
CA LEU C 94 -24.94 -8.41 -4.81
C LEU C 94 -24.26 -8.96 -3.57
N ALA C 95 -22.97 -8.67 -3.40
CA ALA C 95 -22.25 -9.13 -2.21
C ALA C 95 -22.80 -8.49 -0.94
N LEU C 96 -23.09 -7.19 -0.98
CA LEU C 96 -23.62 -6.50 0.19
C LEU C 96 -25.00 -7.02 0.58
N LYS C 97 -25.80 -7.44 -0.41
CA LYS C 97 -27.11 -8.01 -0.11
C LYS C 97 -26.98 -9.37 0.56
N ALA C 98 -25.93 -10.13 0.22
CA ALA C 98 -25.77 -11.45 0.83
C ALA C 98 -25.37 -11.34 2.29
N LEU C 99 -24.47 -10.41 2.62
CA LEU C 99 -24.09 -10.23 4.02
C LEU C 99 -25.24 -9.66 4.84
N GLN C 100 -26.07 -8.80 4.23
CA GLN C 100 -27.24 -8.30 4.92
C GLN C 100 -28.20 -9.43 5.26
N ILE C 101 -28.38 -10.38 4.33
CA ILE C 101 -29.17 -11.57 4.62
C ILE C 101 -28.44 -12.44 5.64
N LEU C 102 -27.11 -12.52 5.54
CA LEU C 102 -26.33 -13.32 6.47
C LEU C 102 -26.37 -12.72 7.87
N VAL C 103 -26.19 -11.41 7.99
CA VAL C 103 -26.21 -10.76 9.30
C VAL C 103 -27.57 -10.92 9.98
N ASN C 104 -28.64 -10.68 9.23
CA ASN C 104 -29.98 -10.81 9.79
C ASN C 104 -30.28 -12.23 10.24
N ALA C 105 -29.75 -13.23 9.55
CA ALA C 105 -30.01 -14.62 9.92
C ALA C 105 -29.35 -14.99 11.24
N ALA C 106 -28.30 -14.27 11.63
CA ALA C 106 -27.65 -14.54 12.92
C ALA C 106 -28.56 -14.21 14.10
N TYR C 107 -29.36 -13.15 13.97
CA TYR C 107 -30.27 -12.79 15.06
C TYR C 107 -31.29 -13.90 15.34
N VAL C 108 -31.73 -14.61 14.30
CA VAL C 108 -32.66 -15.72 14.51
C VAL C 108 -32.01 -16.80 15.36
N LEU C 109 -30.72 -17.06 15.16
CA LEU C 109 -30.04 -18.07 15.97
C LEU C 109 -29.94 -17.64 17.41
N ALA C 110 -29.70 -16.36 17.67
CA ALA C 110 -29.67 -15.88 19.04
C ALA C 110 -31.06 -15.94 19.65
N GLU C 111 -32.05 -15.34 18.96
CA GLU C 111 -33.44 -15.41 19.40
C GLU C 111 -33.91 -16.84 19.63
N ILE C 112 -33.20 -17.83 19.07
CA ILE C 112 -33.54 -19.25 19.26
C ILE C 112 -32.71 -19.86 20.39
N ALA C 113 -31.39 -19.67 20.33
CA ALA C 113 -30.51 -20.36 21.27
C ALA C 113 -30.84 -20.01 22.71
N ARG C 114 -30.90 -18.72 23.04
CA ARG C 114 -31.19 -18.31 24.40
C ARG C 114 -32.55 -18.84 24.86
N ASP C 115 -33.53 -18.85 23.96
CA ASP C 115 -34.84 -19.41 24.30
C ASP C 115 -34.85 -20.94 24.18
N ARG C 116 -33.85 -21.53 23.53
CA ARG C 116 -33.72 -22.98 23.51
C ARG C 116 -32.65 -23.48 24.47
N GLY C 117 -31.61 -22.68 24.73
CA GLY C 117 -30.61 -23.05 25.72
C GLY C 117 -29.45 -23.86 25.19
N ASN C 118 -29.01 -23.56 23.97
CA ASN C 118 -27.96 -24.32 23.31
C ASN C 118 -26.77 -23.40 23.11
N GLU C 119 -25.70 -23.68 23.85
CA GLU C 119 -24.47 -22.90 23.75
C GLU C 119 -23.61 -23.32 22.57
N GLU C 120 -23.94 -24.41 21.88
CA GLU C 120 -23.20 -24.75 20.67
C GLU C 120 -23.69 -23.93 19.48
N LEU C 121 -25.01 -23.78 19.35
CA LEU C 121 -25.55 -22.94 18.30
C LEU C 121 -25.37 -21.47 18.61
N LEU C 122 -25.40 -21.10 19.91
CA LEU C 122 -25.19 -19.71 20.31
C LEU C 122 -23.74 -19.27 20.12
N GLU C 123 -22.80 -20.20 20.20
CA GLU C 123 -21.39 -19.89 19.96
C GLU C 123 -21.11 -19.68 18.48
N LYS C 124 -21.80 -20.42 17.61
CA LYS C 124 -21.58 -20.30 16.17
C LYS C 124 -22.19 -19.03 15.60
N ALA C 125 -23.30 -18.57 16.18
CA ALA C 125 -23.91 -17.33 15.72
C ALA C 125 -22.98 -16.14 15.87
N GLU C 126 -22.28 -16.05 17.01
CA GLU C 126 -21.34 -14.95 17.22
C GLU C 126 -20.27 -14.92 16.14
N ARG C 127 -19.80 -16.08 15.71
CA ARG C 127 -18.81 -16.13 14.64
C ARG C 127 -19.38 -15.60 13.33
N LEU C 128 -20.63 -15.93 13.02
CA LEU C 128 -21.24 -15.51 11.77
C LEU C 128 -21.39 -13.99 11.72
N ALA C 129 -21.90 -13.39 12.80
CA ALA C 129 -22.09 -11.94 12.79
C ALA C 129 -20.75 -11.19 12.82
N ARG C 130 -19.78 -11.70 13.59
CA ARG C 130 -18.48 -11.04 13.64
C ARG C 130 -17.73 -11.15 12.32
N GLU C 131 -17.74 -12.35 11.71
CA GLU C 131 -17.07 -12.52 10.42
C GLU C 131 -17.74 -11.68 9.33
N ALA C 132 -19.07 -11.60 9.35
CA ALA C 132 -19.79 -10.79 8.37
C ALA C 132 -19.48 -9.31 8.55
N LEU C 133 -19.45 -8.84 9.80
CA LEU C 133 -19.14 -7.44 10.06
C LEU C 133 -17.77 -7.06 9.51
N ARG C 134 -16.78 -7.93 9.68
CA ARG C 134 -15.46 -7.64 9.11
C ARG C 134 -15.51 -7.72 7.59
N GLN C 135 -16.27 -8.69 7.06
CA GLN C 135 -16.44 -8.78 5.61
C GLN C 135 -17.13 -7.52 5.09
N VAL C 136 -18.14 -7.03 5.81
CA VAL C 136 -18.79 -5.78 5.43
C VAL C 136 -17.82 -4.62 5.61
N ARG C 137 -16.98 -4.68 6.64
CA ARG C 137 -15.96 -3.65 6.85
C ARG C 137 -14.89 -3.71 5.77
N GLU C 138 -14.46 -4.93 5.40
CA GLU C 138 -13.44 -5.07 4.36
C GLU C 138 -13.95 -4.56 3.01
N ILE C 139 -15.23 -4.81 2.71
CA ILE C 139 -15.78 -4.28 1.47
C ILE C 139 -15.97 -2.77 1.60
N SER C 140 -16.25 -2.28 2.81
CA SER C 140 -16.40 -0.84 2.99
C SER C 140 -15.09 -0.13 2.72
N LYS C 141 -13.98 -0.69 3.20
CA LYS C 141 -12.67 -0.08 2.94
C LYS C 141 -12.30 -0.18 1.46
N ARG C 142 -12.57 -1.33 0.83
CA ARG C 142 -12.31 -1.48 -0.59
C ARG C 142 -13.20 -0.56 -1.41
N LEU C 143 -14.47 -0.45 -1.02
CA LEU C 143 -15.37 0.46 -1.71
C LEU C 143 -14.99 1.91 -1.49
N GLN C 144 -14.37 2.20 -0.34
CA GLN C 144 -13.87 3.55 -0.10
C GLN C 144 -12.74 3.88 -1.06
N LYS C 145 -11.90 2.89 -1.39
CA LYS C 145 -10.85 3.13 -2.37
C LYS C 145 -11.43 3.36 -3.76
N GLU C 146 -12.45 2.58 -4.12
CA GLU C 146 -13.17 2.86 -5.36
C GLU C 146 -13.93 4.17 -5.17
N GLY C 147 -13.84 5.06 -6.16
CA GLY C 147 -14.51 6.34 -6.05
C GLY C 147 -16.03 6.34 -5.94
N ASN C 148 -16.63 5.16 -5.80
CA ASN C 148 -18.08 5.01 -5.66
C ASN C 148 -18.51 5.19 -4.20
N ILE C 149 -19.12 6.35 -3.90
CA ILE C 149 -19.59 6.61 -2.54
C ILE C 149 -20.95 5.96 -2.27
N GLU C 150 -21.81 5.84 -3.29
CA GLU C 150 -23.19 5.38 -3.08
C GLU C 150 -23.25 4.00 -2.41
N LEU C 151 -22.50 3.02 -2.92
CA LEU C 151 -22.50 1.71 -2.28
C LEU C 151 -21.77 1.75 -0.95
N ALA C 152 -20.81 2.66 -0.79
CA ALA C 152 -20.14 2.81 0.50
C ALA C 152 -21.16 3.19 1.57
N LEU C 153 -22.15 4.01 1.20
CA LEU C 153 -23.20 4.36 2.14
C LEU C 153 -24.00 3.15 2.56
N LYS C 154 -24.33 2.27 1.62
CA LYS C 154 -25.04 1.03 1.98
C LYS C 154 -24.14 0.06 2.72
N ALA C 155 -22.85 0.03 2.39
CA ALA C 155 -21.92 -0.83 3.13
C ALA C 155 -21.74 -0.31 4.54
N ASN C 156 -21.72 1.02 4.70
CA ASN C 156 -21.60 1.61 6.02
C ASN C 156 -22.82 1.32 6.88
N ARG C 157 -24.02 1.32 6.29
CA ARG C 157 -25.23 1.02 7.04
C ARG C 157 -25.21 -0.40 7.58
N LEU C 158 -24.69 -1.34 6.81
CA LEU C 158 -24.57 -2.71 7.30
C LEU C 158 -23.60 -2.80 8.47
N LEU C 159 -22.46 -2.11 8.38
CA LEU C 159 -21.50 -2.13 9.47
C LEU C 159 -22.12 -1.55 10.74
N ILE C 160 -23.03 -0.58 10.60
CA ILE C 160 -23.74 -0.07 11.76
C ILE C 160 -24.68 -1.13 12.30
N ASP C 161 -25.49 -1.72 11.41
CA ASP C 161 -26.40 -2.79 11.83
C ASP C 161 -25.66 -4.07 12.20
N ALA C 162 -24.47 -4.29 11.63
CA ALA C 162 -23.69 -5.46 12.03
C ALA C 162 -23.18 -5.30 13.44
N LEU C 163 -22.73 -4.09 13.81
CA LEU C 163 -22.32 -3.84 15.18
C LEU C 163 -23.50 -3.94 16.13
N ARG C 164 -24.70 -3.54 15.68
CA ARG C 164 -25.89 -3.60 16.53
C ARG C 164 -26.25 -5.05 16.87
N VAL C 165 -26.11 -5.96 15.92
CA VAL C 165 -26.45 -7.37 16.20
C VAL C 165 -25.42 -8.00 17.11
N LEU C 166 -24.14 -7.72 16.89
CA LEU C 166 -23.08 -8.35 17.68
C LEU C 166 -23.19 -7.99 19.15
N VAL C 167 -23.59 -6.75 19.45
CA VAL C 167 -23.69 -6.32 20.84
C VAL C 167 -24.74 -7.12 21.60
N ARG C 168 -25.89 -7.38 20.95
CA ARG C 168 -26.93 -8.14 21.64
C ARG C 168 -26.56 -9.61 21.82
N ILE C 169 -25.79 -10.17 20.89
CA ILE C 169 -25.36 -11.57 20.97
C ILE C 169 -24.04 -11.58 21.75
N MET C 170 -24.15 -11.45 23.07
CA MET C 170 -22.96 -11.45 23.91
C MET C 170 -23.28 -11.71 25.38
N ILE D 6 -19.15 -25.55 -48.40
CA ILE D 6 -18.62 -24.21 -48.64
C ILE D 6 -19.42 -23.18 -47.84
N GLU D 7 -20.34 -22.50 -48.52
CA GLU D 7 -21.19 -21.50 -47.88
C GLU D 7 -22.24 -22.13 -46.97
N LYS D 8 -22.26 -23.45 -46.89
CA LYS D 8 -23.23 -24.13 -46.02
C LYS D 8 -22.97 -23.88 -44.54
N LEU D 9 -21.70 -23.84 -44.13
CA LEU D 9 -21.38 -23.67 -42.72
C LEU D 9 -21.99 -22.41 -42.11
N VAL D 10 -22.33 -21.40 -42.92
CA VAL D 10 -22.96 -20.21 -42.39
C VAL D 10 -24.38 -20.52 -41.93
N GLU D 11 -25.02 -21.50 -42.58
CA GLU D 11 -26.36 -21.91 -42.17
C GLU D 11 -26.33 -22.58 -40.80
N GLU D 12 -25.30 -23.38 -40.55
CA GLU D 12 -25.15 -24.05 -39.26
C GLU D 12 -25.08 -23.04 -38.12
N LEU D 13 -24.37 -21.93 -38.33
CA LEU D 13 -24.26 -20.91 -37.29
C LEU D 13 -25.60 -20.25 -37.04
N ILE D 14 -26.33 -19.91 -38.11
CA ILE D 14 -27.66 -19.33 -37.95
C ILE D 14 -28.61 -20.32 -37.28
N ARG D 15 -28.45 -21.61 -37.58
CA ARG D 15 -29.29 -22.62 -36.94
C ARG D 15 -28.97 -22.74 -35.46
N HIS D 16 -27.68 -22.77 -35.11
CA HIS D 16 -27.29 -22.88 -33.71
C HIS D 16 -27.61 -21.62 -32.93
N THR D 17 -27.46 -20.44 -33.56
CA THR D 17 -27.69 -19.19 -32.86
C THR D 17 -29.17 -18.95 -32.56
N GLU D 18 -30.05 -19.23 -33.54
CA GLU D 18 -31.47 -19.07 -33.28
C GLU D 18 -31.96 -20.06 -32.23
N GLU D 19 -31.29 -21.21 -32.12
CA GLU D 19 -31.64 -22.15 -31.07
C GLU D 19 -31.26 -21.59 -29.71
N LEU D 20 -30.12 -20.89 -29.63
CA LEU D 20 -29.76 -20.21 -28.40
C LEU D 20 -30.70 -19.04 -28.15
N ARG D 21 -31.23 -18.43 -29.22
CA ARG D 21 -32.23 -17.37 -29.08
C ARG D 21 -33.53 -17.93 -28.51
N GLU D 22 -33.87 -19.16 -28.91
CA GLU D 22 -35.08 -19.80 -28.40
C GLU D 22 -34.90 -20.33 -26.99
N LEU D 23 -33.73 -20.89 -26.68
CA LEU D 23 -33.50 -21.42 -25.34
C LEU D 23 -33.43 -20.30 -24.29
N LEU D 24 -32.82 -19.17 -24.63
CA LEU D 24 -32.61 -18.03 -23.74
C LEU D 24 -33.78 -17.07 -23.63
N GLU D 25 -34.77 -17.14 -24.52
CA GLU D 25 -35.81 -16.10 -24.49
C GLU D 25 -36.82 -16.24 -23.35
N LYS D 26 -36.99 -17.44 -22.77
CA LYS D 26 -37.95 -17.64 -21.68
C LYS D 26 -37.36 -17.57 -20.28
N LEU D 27 -36.08 -17.88 -20.11
CA LEU D 27 -35.47 -17.93 -18.78
C LEU D 27 -35.29 -16.56 -18.14
N VAL D 28 -35.26 -15.48 -18.94
CA VAL D 28 -35.25 -14.14 -18.37
C VAL D 28 -36.69 -13.65 -18.25
N LYS D 29 -37.51 -14.38 -17.52
CA LYS D 29 -38.91 -14.04 -17.35
C LYS D 29 -39.52 -14.75 -16.15
N SER D 34 -30.59 -14.41 -15.74
CA SER D 34 -31.27 -13.19 -15.32
C SER D 34 -31.39 -12.20 -16.47
N GLU D 35 -31.20 -10.92 -16.17
CA GLU D 35 -31.40 -9.89 -17.17
C GLU D 35 -30.16 -9.68 -18.04
N GLU D 36 -28.97 -9.72 -17.43
CA GLU D 36 -27.75 -9.44 -18.17
C GLU D 36 -27.44 -10.49 -19.24
N TYR D 37 -27.87 -11.74 -19.02
CA TYR D 37 -27.55 -12.79 -19.99
C TYR D 37 -28.29 -12.59 -21.32
N LEU D 38 -29.54 -12.11 -21.27
CA LEU D 38 -30.28 -11.89 -22.51
C LEU D 38 -29.67 -10.77 -23.34
N LEU D 39 -29.20 -9.71 -22.68
CA LEU D 39 -28.52 -8.63 -23.41
C LEU D 39 -27.22 -9.12 -24.02
N GLU D 40 -26.45 -9.91 -23.25
CA GLU D 40 -25.19 -10.42 -23.76
C GLU D 40 -25.41 -11.38 -24.93
N LEU D 41 -26.50 -12.15 -24.89
CA LEU D 41 -26.84 -13.00 -26.02
C LEU D 41 -27.21 -12.17 -27.24
N LEU D 42 -27.92 -11.06 -27.03
CA LEU D 42 -28.22 -10.17 -28.14
C LEU D 42 -26.94 -9.63 -28.76
N GLU D 43 -25.94 -9.34 -27.94
CA GLU D 43 -24.64 -8.91 -28.45
C GLU D 43 -24.00 -9.98 -29.32
N ASN D 44 -24.22 -11.26 -29.00
CA ASN D 44 -23.69 -12.32 -29.84
C ASN D 44 -24.34 -12.32 -31.21
N LEU D 45 -25.58 -11.85 -31.30
CA LEU D 45 -26.24 -11.76 -32.60
C LEU D 45 -25.59 -10.67 -33.45
N VAL D 46 -25.34 -9.51 -32.85
CA VAL D 46 -24.71 -8.42 -33.59
C VAL D 46 -23.28 -8.79 -33.99
N ARG D 47 -22.59 -9.58 -33.17
CA ARG D 47 -21.26 -10.03 -33.54
C ARG D 47 -21.31 -10.96 -34.74
N LEU D 48 -22.34 -11.82 -34.80
CA LEU D 48 -22.54 -12.69 -35.96
C LEU D 48 -22.95 -11.90 -37.20
N ALA D 49 -23.72 -10.82 -37.01
CA ALA D 49 -24.22 -10.06 -38.16
C ALA D 49 -23.09 -9.51 -39.02
N HIS D 50 -22.01 -9.01 -38.40
CA HIS D 50 -20.90 -8.52 -39.22
C HIS D 50 -20.19 -9.64 -39.95
N VAL D 51 -20.12 -10.83 -39.36
CA VAL D 51 -19.45 -11.94 -40.04
C VAL D 51 -20.20 -12.29 -41.32
N ILE D 52 -21.54 -12.33 -41.25
CA ILE D 52 -22.33 -12.58 -42.45
C ILE D 52 -22.20 -11.43 -43.44
N ALA D 53 -22.08 -10.19 -42.94
CA ALA D 53 -21.98 -9.04 -43.85
C ALA D 53 -20.70 -9.09 -44.67
N GLU D 54 -19.58 -9.45 -44.03
CA GLU D 54 -18.32 -9.59 -44.74
C GLU D 54 -18.27 -10.86 -45.59
N VAL D 55 -19.04 -11.89 -45.22
CA VAL D 55 -19.03 -13.15 -45.97
C VAL D 55 -19.86 -13.06 -47.24
N ALA D 56 -21.00 -12.36 -47.18
CA ALA D 56 -21.87 -12.28 -48.35
C ALA D 56 -21.32 -11.33 -49.42
N ARG D 57 -20.50 -10.36 -49.01
CA ARG D 57 -19.93 -9.42 -49.97
C ARG D 57 -18.86 -10.05 -50.85
N GLU D 58 -18.27 -11.17 -50.42
CA GLU D 58 -17.32 -11.91 -51.24
C GLU D 58 -17.90 -13.23 -51.72
N GLN D 59 -19.22 -13.27 -51.94
CA GLN D 59 -19.89 -14.48 -52.36
C GLN D 59 -21.22 -14.16 -53.04
N GLU D 63 -28.46 -12.13 -51.05
CA GLU D 63 -29.50 -12.79 -50.27
C GLU D 63 -29.10 -12.83 -48.79
N LEU D 64 -27.89 -13.29 -48.54
CA LEU D 64 -27.36 -13.33 -47.17
C LEU D 64 -27.23 -11.93 -46.59
N LEU D 65 -26.94 -10.93 -47.44
CA LEU D 65 -26.86 -9.56 -46.97
C LEU D 65 -28.19 -9.08 -46.39
N GLU D 66 -29.30 -9.44 -47.04
CA GLU D 66 -30.61 -9.06 -46.52
C GLU D 66 -30.93 -9.77 -45.20
N GLU D 67 -30.49 -11.04 -45.08
CA GLU D 67 -30.71 -11.78 -43.84
C GLU D 67 -29.88 -11.22 -42.70
N ALA D 68 -28.67 -10.71 -42.98
CA ALA D 68 -27.83 -10.15 -41.93
C ALA D 68 -28.49 -8.92 -41.30
N ALA D 69 -29.20 -8.12 -42.10
CA ALA D 69 -29.89 -6.96 -41.56
C ALA D 69 -31.08 -7.35 -40.71
N ARG D 70 -31.79 -8.41 -41.09
CA ARG D 70 -32.93 -8.87 -40.30
C ARG D 70 -32.53 -9.30 -38.89
N LEU D 71 -31.42 -10.03 -38.77
CA LEU D 71 -30.95 -10.45 -37.45
C LEU D 71 -30.53 -9.24 -36.62
N ALA D 72 -29.83 -8.28 -37.24
CA ALA D 72 -29.42 -7.08 -36.52
C ALA D 72 -30.62 -6.24 -36.13
N GLU D 73 -31.56 -6.05 -37.07
CA GLU D 73 -32.73 -5.24 -36.76
C GLU D 73 -33.58 -5.89 -35.68
N GLU D 74 -33.76 -7.22 -35.76
CA GLU D 74 -34.51 -7.93 -34.72
C GLU D 74 -33.77 -7.93 -33.39
N ALA D 75 -32.44 -7.96 -33.40
CA ALA D 75 -31.66 -7.89 -32.18
C ALA D 75 -31.50 -6.46 -31.67
N ALA D 76 -31.36 -5.48 -32.57
CA ALA D 76 -31.17 -4.10 -32.12
C ALA D 76 -32.40 -3.58 -31.41
N ARG D 77 -33.59 -3.89 -31.93
CA ARG D 77 -34.82 -3.49 -31.27
C ARG D 77 -34.92 -4.10 -29.87
N GLN D 78 -34.49 -5.36 -29.75
CA GLN D 78 -34.47 -6.03 -28.45
C GLN D 78 -33.54 -5.33 -27.47
N ALA D 79 -32.46 -4.74 -27.98
CA ALA D 79 -31.51 -4.04 -27.12
C ALA D 79 -32.09 -2.73 -26.61
N GLU D 80 -32.74 -1.97 -27.51
CA GLU D 80 -33.31 -0.69 -27.11
C GLU D 80 -34.39 -0.86 -26.06
N GLU D 81 -35.18 -1.93 -26.17
CA GLU D 81 -36.25 -2.16 -25.20
C GLU D 81 -35.68 -2.43 -23.80
N LEU D 82 -34.62 -3.23 -23.72
CA LEU D 82 -33.97 -3.48 -22.43
C LEU D 82 -33.34 -2.20 -21.87
N ALA D 83 -32.86 -1.32 -22.75
CA ALA D 83 -32.32 -0.05 -22.30
C ALA D 83 -33.38 0.83 -21.66
N ARG D 84 -34.58 0.87 -22.26
CA ARG D 84 -35.66 1.66 -21.68
C ARG D 84 -36.09 1.10 -20.32
N GLU D 85 -36.17 -0.22 -20.20
CA GLU D 85 -36.56 -0.84 -18.94
C GLU D 85 -35.49 -0.65 -17.86
N ALA D 86 -34.21 -0.75 -18.23
CA ALA D 86 -33.15 -0.60 -17.24
C ALA D 86 -32.98 0.86 -16.81
N ARG D 87 -33.32 1.81 -17.68
CA ARG D 87 -33.24 3.21 -17.28
C ARG D 87 -34.29 3.55 -16.23
N ARG D 88 -35.47 2.93 -16.29
CA ARG D 88 -36.51 3.18 -15.30
C ARG D 88 -36.30 2.41 -14.02
N GLU D 89 -35.61 1.26 -14.08
CA GLU D 89 -35.42 0.45 -12.88
C GLU D 89 -34.29 0.97 -12.00
N GLY D 90 -33.23 1.49 -12.60
CA GLY D 90 -32.09 1.97 -11.85
C GLY D 90 -30.82 1.18 -12.03
N ASN D 91 -30.86 0.02 -12.68
CA ASN D 91 -29.66 -0.74 -12.99
C ASN D 91 -29.03 -0.11 -14.22
N LEU D 92 -28.23 0.93 -13.98
CA LEU D 92 -27.66 1.69 -15.09
C LEU D 92 -26.53 0.91 -15.76
N GLU D 93 -25.79 0.10 -15.00
CA GLU D 93 -24.75 -0.73 -15.60
C GLU D 93 -25.34 -1.62 -16.68
N LEU D 94 -26.51 -2.21 -16.42
CA LEU D 94 -27.20 -2.98 -17.44
C LEU D 94 -27.72 -2.07 -18.56
N ALA D 95 -28.14 -0.86 -18.20
CA ALA D 95 -28.66 0.07 -19.20
C ALA D 95 -27.59 0.49 -20.21
N LEU D 96 -26.40 0.82 -19.74
CA LEU D 96 -25.34 1.21 -20.67
C LEU D 96 -24.90 0.05 -21.54
N LYS D 97 -24.93 -1.18 -21.01
CA LYS D 97 -24.58 -2.32 -21.84
C LYS D 97 -25.62 -2.55 -22.93
N ALA D 98 -26.88 -2.25 -22.64
CA ALA D 98 -27.91 -2.40 -23.68
C ALA D 98 -27.74 -1.31 -24.74
N LEU D 99 -27.45 -0.08 -24.31
CA LEU D 99 -27.22 1.00 -25.27
C LEU D 99 -25.95 0.74 -26.08
N GLN D 100 -24.94 0.13 -25.45
CA GLN D 100 -23.72 -0.23 -26.18
C GLN D 100 -24.03 -1.22 -27.29
N ILE D 101 -24.96 -2.14 -27.05
CA ILE D 101 -25.38 -3.07 -28.10
C ILE D 101 -26.08 -2.32 -29.22
N LEU D 102 -26.88 -1.31 -28.87
CA LEU D 102 -27.61 -0.56 -29.89
C LEU D 102 -26.64 0.20 -30.79
N VAL D 103 -25.65 0.87 -30.21
CA VAL D 103 -24.66 1.59 -31.00
C VAL D 103 -23.91 0.62 -31.91
N ASN D 104 -23.47 -0.51 -31.34
CA ASN D 104 -22.77 -1.50 -32.14
C ASN D 104 -23.70 -2.13 -33.18
N ALA D 105 -24.96 -2.36 -32.81
CA ALA D 105 -25.91 -2.92 -33.78
C ALA D 105 -26.29 -1.90 -34.82
N ALA D 106 -26.23 -0.61 -34.49
CA ALA D 106 -26.53 0.42 -35.47
C ALA D 106 -25.46 0.49 -36.54
N TYR D 107 -24.19 0.34 -36.14
CA TYR D 107 -23.10 0.38 -37.12
C TYR D 107 -23.19 -0.79 -38.10
N VAL D 108 -23.62 -1.96 -37.64
CA VAL D 108 -23.75 -3.11 -38.53
C VAL D 108 -24.76 -2.81 -39.63
N LEU D 109 -25.81 -2.06 -39.29
CA LEU D 109 -26.80 -1.69 -40.29
C LEU D 109 -26.22 -0.73 -41.32
N ALA D 110 -25.34 0.16 -40.90
CA ALA D 110 -24.76 1.12 -41.83
C ALA D 110 -23.87 0.43 -42.86
N GLU D 111 -22.90 -0.37 -42.40
CA GLU D 111 -22.03 -1.12 -43.30
C GLU D 111 -22.82 -1.94 -44.33
N ILE D 112 -24.10 -2.20 -44.08
CA ILE D 112 -24.92 -2.96 -45.03
C ILE D 112 -25.73 -2.03 -45.92
N ALA D 113 -26.14 -0.87 -45.41
CA ALA D 113 -26.79 0.11 -46.25
C ALA D 113 -25.83 0.67 -47.29
N ARG D 114 -24.57 0.89 -46.89
CA ARG D 114 -23.56 1.34 -47.84
C ARG D 114 -23.15 0.24 -48.80
N ASP D 115 -23.41 -1.02 -48.46
CA ASP D 115 -23.08 -2.16 -49.32
C ASP D 115 -24.25 -2.64 -50.15
N ARG D 116 -25.48 -2.46 -49.69
CA ARG D 116 -26.67 -2.88 -50.42
C ARG D 116 -27.41 -1.74 -51.11
N GLY D 117 -27.31 -0.52 -50.59
CA GLY D 117 -27.95 0.62 -51.18
C GLY D 117 -29.33 0.95 -50.66
N ASN D 118 -29.81 0.25 -49.63
CA ASN D 118 -31.11 0.54 -49.06
C ASN D 118 -31.02 1.83 -48.26
N GLU D 119 -31.48 2.94 -48.86
CA GLU D 119 -31.43 4.23 -48.17
C GLU D 119 -32.26 4.23 -46.90
N GLU D 120 -33.20 3.29 -46.76
CA GLU D 120 -33.94 3.15 -45.51
C GLU D 120 -33.03 2.70 -44.38
N LEU D 121 -32.18 1.71 -44.64
CA LEU D 121 -31.26 1.22 -43.61
C LEU D 121 -30.29 2.32 -43.18
N LEU D 122 -29.73 3.07 -44.13
CA LEU D 122 -28.85 4.17 -43.77
C LEU D 122 -29.62 5.26 -43.03
N GLU D 123 -30.91 5.40 -43.32
CA GLU D 123 -31.75 6.31 -42.54
C GLU D 123 -32.06 5.71 -41.18
N LYS D 124 -32.25 4.39 -41.13
CA LYS D 124 -32.58 3.75 -39.85
C LYS D 124 -31.33 3.58 -38.99
N ALA D 125 -30.19 3.32 -39.62
CA ALA D 125 -28.94 3.22 -38.86
C ALA D 125 -28.58 4.55 -38.22
N GLU D 126 -28.65 5.63 -39.01
CA GLU D 126 -28.37 6.96 -38.46
C GLU D 126 -29.37 7.31 -37.38
N ARG D 127 -30.64 6.95 -37.57
CA ARG D 127 -31.67 7.25 -36.58
C ARG D 127 -31.45 6.47 -35.29
N LEU D 128 -31.06 5.20 -35.39
CA LEU D 128 -30.87 4.37 -34.20
C LEU D 128 -29.71 4.87 -33.35
N ALA D 129 -28.57 5.16 -33.99
CA ALA D 129 -27.41 5.58 -33.21
C ALA D 129 -27.61 6.96 -32.60
N ARG D 130 -28.28 7.87 -33.33
CA ARG D 130 -28.56 9.20 -32.79
C ARG D 130 -29.51 9.13 -31.60
N GLU D 131 -30.55 8.30 -31.71
CA GLU D 131 -31.48 8.13 -30.59
C GLU D 131 -30.79 7.49 -29.40
N ALA D 132 -29.90 6.52 -29.65
CA ALA D 132 -29.16 5.90 -28.57
C ALA D 132 -28.23 6.89 -27.88
N LEU D 133 -27.54 7.72 -28.68
CA LEU D 133 -26.65 8.73 -28.11
C LEU D 133 -27.39 9.69 -27.19
N ARG D 134 -28.64 10.00 -27.53
CA ARG D 134 -29.42 10.89 -26.67
C ARG D 134 -29.70 10.25 -25.32
N GLN D 135 -30.00 8.95 -25.31
CA GLN D 135 -30.21 8.25 -24.05
C GLN D 135 -28.92 8.23 -23.23
N VAL D 136 -27.78 8.01 -23.88
CA VAL D 136 -26.49 8.01 -23.18
C VAL D 136 -26.17 9.41 -22.65
N ARG D 137 -26.60 10.45 -23.37
CA ARG D 137 -26.39 11.80 -22.88
C ARG D 137 -27.20 12.03 -21.61
N GLU D 138 -28.44 11.54 -21.57
CA GLU D 138 -29.25 11.65 -20.37
C GLU D 138 -28.66 10.82 -19.23
N ILE D 139 -28.10 9.65 -19.54
CA ILE D 139 -27.47 8.84 -18.50
C ILE D 139 -26.18 9.48 -18.04
N SER D 140 -25.48 10.17 -18.93
CA SER D 140 -24.24 10.84 -18.55
C SER D 140 -24.52 11.95 -17.55
N LYS D 141 -25.59 12.72 -17.78
CA LYS D 141 -25.93 13.81 -16.87
C LYS D 141 -26.33 13.27 -15.49
N ARG D 142 -27.09 12.18 -15.46
CA ARG D 142 -27.47 11.60 -14.17
C ARG D 142 -26.27 11.03 -13.43
N LEU D 143 -25.35 10.37 -14.15
CA LEU D 143 -24.19 9.77 -13.50
C LEU D 143 -23.21 10.83 -12.99
N GLN D 144 -23.08 11.95 -13.71
CA GLN D 144 -22.21 13.02 -13.23
C GLN D 144 -22.80 13.68 -11.99
N LYS D 145 -24.12 13.85 -11.96
CA LYS D 145 -24.79 14.40 -10.79
C LYS D 145 -24.81 13.40 -9.65
N GLU D 146 -25.02 12.12 -9.97
CA GLU D 146 -25.07 11.08 -8.94
C GLU D 146 -23.72 10.87 -8.26
N GLY D 147 -22.63 10.92 -9.03
CA GLY D 147 -21.30 10.80 -8.47
C GLY D 147 -20.62 9.44 -8.59
N ASN D 148 -21.14 8.52 -9.40
CA ASN D 148 -20.53 7.21 -9.59
C ASN D 148 -19.35 7.31 -10.54
N ILE D 149 -18.15 6.98 -10.07
CA ILE D 149 -16.94 7.18 -10.87
C ILE D 149 -16.80 6.11 -11.95
N GLU D 150 -16.81 4.83 -11.56
CA GLU D 150 -16.56 3.77 -12.53
C GLU D 150 -17.59 3.77 -13.67
N LEU D 151 -18.88 3.87 -13.33
CA LEU D 151 -19.91 3.84 -14.35
C LEU D 151 -19.91 5.10 -15.21
N ALA D 152 -19.56 6.25 -14.64
CA ALA D 152 -19.52 7.47 -15.44
C ALA D 152 -18.36 7.44 -16.44
N LEU D 153 -17.19 6.96 -16.01
CA LEU D 153 -16.05 6.89 -16.91
C LEU D 153 -16.32 5.92 -18.06
N LYS D 154 -16.95 4.78 -17.76
CA LYS D 154 -17.34 3.86 -18.82
C LYS D 154 -18.46 4.44 -19.66
N ALA D 155 -19.32 5.28 -19.06
CA ALA D 155 -20.38 5.93 -19.81
C ALA D 155 -19.80 6.89 -20.86
N ASN D 156 -18.69 7.55 -20.52
CA ASN D 156 -18.06 8.44 -21.47
C ASN D 156 -17.54 7.66 -22.68
N ARG D 157 -17.04 6.45 -22.45
CA ARG D 157 -16.58 5.63 -23.56
C ARG D 157 -17.70 5.32 -24.54
N LEU D 158 -18.91 5.08 -24.02
CA LEU D 158 -20.05 4.87 -24.90
C LEU D 158 -20.39 6.14 -25.69
N LEU D 159 -20.40 7.29 -25.02
CA LEU D 159 -20.69 8.56 -25.70
C LEU D 159 -19.60 8.94 -26.69
N ILE D 160 -18.34 8.61 -26.39
CA ILE D 160 -17.25 8.90 -27.31
C ILE D 160 -17.31 7.98 -28.53
N ASP D 161 -17.41 6.66 -28.29
CA ASP D 161 -17.43 5.69 -29.39
C ASP D 161 -18.70 5.76 -30.23
N ALA D 162 -19.81 6.26 -29.67
CA ALA D 162 -21.02 6.42 -30.47
C ALA D 162 -20.86 7.51 -31.52
N LEU D 163 -20.10 8.56 -31.21
CA LEU D 163 -19.88 9.63 -32.19
C LEU D 163 -19.20 9.10 -33.44
N ARG D 164 -18.32 8.10 -33.30
CA ARG D 164 -17.71 7.50 -34.48
C ARG D 164 -18.76 6.83 -35.35
N VAL D 165 -19.78 6.24 -34.72
CA VAL D 165 -20.86 5.61 -35.48
C VAL D 165 -21.70 6.67 -36.18
N LEU D 166 -21.99 7.77 -35.49
CA LEU D 166 -22.76 8.85 -36.12
C LEU D 166 -21.97 9.46 -37.27
N VAL D 167 -20.67 9.67 -37.08
CA VAL D 167 -19.85 10.25 -38.12
C VAL D 167 -19.70 9.29 -39.30
N ARG D 168 -19.53 8.00 -39.02
CA ARG D 168 -19.40 7.04 -40.10
C ARG D 168 -20.72 6.90 -40.86
N ILE D 169 -21.85 7.15 -40.18
CA ILE D 169 -23.13 7.13 -40.89
C ILE D 169 -23.44 8.49 -41.49
N MET D 170 -22.73 9.54 -41.09
CA MET D 170 -22.89 10.87 -41.65
C MET D 170 -21.82 11.23 -42.66
N ARG D 171 -20.72 10.49 -42.71
CA ARG D 171 -19.60 10.89 -43.55
C ARG D 171 -19.90 10.68 -45.02
N HIS D 172 -19.82 9.43 -45.47
CA HIS D 172 -20.13 9.06 -46.86
C HIS D 172 -21.65 9.13 -47.03
N ARG D 173 -22.14 10.36 -47.15
CA ARG D 173 -23.58 10.59 -47.30
C ARG D 173 -23.84 11.94 -47.98
N LYS E 5 18.58 5.86 -37.98
CA LYS E 5 18.83 5.41 -36.62
C LYS E 5 17.68 4.55 -36.12
N ILE E 6 17.16 3.69 -37.00
CA ILE E 6 16.06 2.81 -36.62
C ILE E 6 16.53 1.88 -35.52
N GLU E 7 15.77 1.83 -34.42
CA GLU E 7 16.17 1.02 -33.28
C GLU E 7 16.27 -0.45 -33.67
N LYS E 8 15.29 -0.97 -34.42
CA LYS E 8 15.25 -2.37 -34.84
C LYS E 8 15.32 -3.30 -33.62
N LEU E 9 14.86 -2.80 -32.48
CA LEU E 9 14.88 -3.52 -31.21
C LEU E 9 14.08 -4.82 -31.24
N VAL E 10 13.87 -5.38 -32.43
CA VAL E 10 13.11 -6.62 -32.54
C VAL E 10 13.90 -7.80 -31.97
N GLU E 11 15.23 -7.71 -31.97
CA GLU E 11 16.03 -8.80 -31.42
C GLU E 11 15.85 -8.92 -29.91
N GLU E 12 15.83 -7.79 -29.22
CA GLU E 12 15.58 -7.82 -27.77
C GLU E 12 14.18 -8.36 -27.49
N LEU E 13 13.19 -7.90 -28.26
CA LEU E 13 11.81 -8.33 -28.05
C LEU E 13 11.60 -9.78 -28.48
N ILE E 14 12.15 -10.18 -29.64
CA ILE E 14 11.98 -11.56 -30.09
C ILE E 14 12.61 -12.53 -29.11
N ARG E 15 13.75 -12.17 -28.54
CA ARG E 15 14.37 -13.02 -27.52
C ARG E 15 13.60 -12.96 -26.21
N HIS E 16 13.21 -11.75 -25.78
CA HIS E 16 12.53 -11.59 -24.50
C HIS E 16 11.15 -12.23 -24.49
N THR E 17 10.42 -12.16 -25.62
CA THR E 17 9.09 -12.74 -25.65
C THR E 17 9.17 -14.27 -25.59
N GLU E 18 10.11 -14.85 -26.33
CA GLU E 18 10.36 -16.29 -26.25
C GLU E 18 10.97 -16.68 -24.92
N GLU E 19 11.70 -15.76 -24.28
CA GLU E 19 12.38 -16.06 -23.01
C GLU E 19 11.39 -16.29 -21.88
N LEU E 20 10.30 -15.52 -21.83
CA LEU E 20 9.29 -15.74 -20.82
C LEU E 20 8.56 -17.07 -21.01
N ARG E 21 8.54 -17.59 -22.23
CA ARG E 21 7.92 -18.88 -22.53
C ARG E 21 8.62 -20.06 -21.87
N GLU E 22 9.64 -19.82 -21.05
CA GLU E 22 10.32 -20.90 -20.36
C GLU E 22 10.20 -20.82 -18.85
N LEU E 23 10.32 -19.62 -18.28
CA LEU E 23 10.14 -19.45 -16.85
C LEU E 23 8.69 -19.68 -16.45
N LEU E 24 7.76 -19.25 -17.31
CA LEU E 24 6.33 -19.44 -17.06
C LEU E 24 5.84 -20.81 -17.52
N GLU E 25 6.54 -21.43 -18.47
CA GLU E 25 6.21 -22.77 -18.94
C GLU E 25 6.72 -23.85 -18.00
N LYS E 26 7.70 -23.53 -17.15
CA LYS E 26 8.23 -24.52 -16.21
C LYS E 26 7.40 -24.55 -14.94
N LEU E 27 6.80 -23.42 -14.58
CA LEU E 27 5.82 -23.38 -13.50
C LEU E 27 4.48 -23.96 -13.96
N VAL E 28 4.32 -24.19 -15.27
CA VAL E 28 3.09 -24.76 -15.81
C VAL E 28 3.10 -26.27 -15.69
N LYS E 29 4.24 -26.91 -15.98
CA LYS E 29 4.35 -28.36 -15.80
C LYS E 29 4.17 -28.71 -14.33
N HIS E 30 4.78 -27.95 -13.44
CA HIS E 30 4.64 -28.17 -12.01
C HIS E 30 3.53 -27.31 -11.43
N SER E 34 -1.04 -19.96 -12.58
CA SER E 34 -1.53 -21.29 -12.90
C SER E 34 -1.53 -21.55 -14.41
N GLU E 35 -2.59 -22.18 -14.90
CA GLU E 35 -2.67 -22.53 -16.32
C GLU E 35 -2.93 -21.30 -17.18
N GLU E 36 -3.72 -20.35 -16.69
CA GLU E 36 -4.10 -19.20 -17.50
C GLU E 36 -2.89 -18.35 -17.89
N TYR E 37 -1.84 -18.33 -17.07
CA TYR E 37 -0.66 -17.54 -17.42
C TYR E 37 0.06 -18.13 -18.63
N LEU E 38 0.08 -19.46 -18.76
CA LEU E 38 0.65 -20.04 -19.97
C LEU E 38 -0.21 -19.71 -21.18
N LEU E 39 -1.53 -19.75 -21.02
CA LEU E 39 -2.42 -19.31 -22.08
C LEU E 39 -2.29 -17.80 -22.33
N GLU E 40 -2.23 -17.02 -21.25
CA GLU E 40 -2.13 -15.56 -21.39
C GLU E 40 -0.82 -15.14 -22.04
N LEU E 41 0.26 -15.86 -21.78
CA LEU E 41 1.53 -15.56 -22.43
C LEU E 41 1.44 -15.84 -23.92
N LEU E 42 0.74 -16.91 -24.31
CA LEU E 42 0.55 -17.21 -25.73
C LEU E 42 -0.13 -16.05 -26.44
N GLU E 43 -1.06 -15.38 -25.77
CA GLU E 43 -1.72 -14.22 -26.35
C GLU E 43 -0.71 -13.13 -26.70
N ASN E 44 0.35 -12.97 -25.91
CA ASN E 44 1.38 -12.01 -26.25
C ASN E 44 2.19 -12.48 -27.46
N LEU E 45 2.32 -13.80 -27.66
CA LEU E 45 3.07 -14.31 -28.80
C LEU E 45 2.33 -14.08 -30.11
N VAL E 46 1.03 -14.39 -30.15
CA VAL E 46 0.27 -14.21 -31.38
C VAL E 46 0.18 -12.74 -31.76
N ARG E 47 0.13 -11.85 -30.76
CA ARG E 47 0.16 -10.42 -31.03
C ARG E 47 1.52 -10.00 -31.59
N LEU E 48 2.59 -10.61 -31.06
CA LEU E 48 3.94 -10.32 -31.54
C LEU E 48 4.17 -10.83 -32.96
N ALA E 49 3.57 -11.98 -33.31
CA ALA E 49 3.78 -12.54 -34.64
C ALA E 49 3.31 -11.58 -35.72
N HIS E 50 2.18 -10.90 -35.50
CA HIS E 50 1.72 -9.91 -36.46
C HIS E 50 2.65 -8.71 -36.50
N VAL E 51 3.25 -8.33 -35.36
CA VAL E 51 4.15 -7.19 -35.33
C VAL E 51 5.41 -7.48 -36.14
N ILE E 52 6.00 -8.67 -35.96
CA ILE E 52 7.18 -9.02 -36.74
C ILE E 52 6.84 -9.15 -38.21
N ALA E 53 5.66 -9.71 -38.52
CA ALA E 53 5.23 -9.83 -39.90
C ALA E 53 4.96 -8.47 -40.53
N GLU E 54 4.38 -7.55 -39.75
CA GLU E 54 4.13 -6.20 -40.25
C GLU E 54 5.42 -5.43 -40.46
N VAL E 55 6.50 -5.82 -39.79
CA VAL E 55 7.79 -5.17 -40.00
C VAL E 55 8.39 -5.64 -41.31
N ALA E 56 8.17 -6.91 -41.67
CA ALA E 56 8.74 -7.46 -42.88
C ALA E 56 8.08 -6.90 -44.13
N ARG E 57 6.85 -6.40 -44.03
CA ARG E 57 6.22 -5.79 -45.19
C ARG E 57 6.85 -4.46 -45.54
N GLU E 58 7.39 -3.75 -44.55
CA GLU E 58 8.06 -2.48 -44.77
C GLU E 58 9.58 -2.59 -44.80
N GLN E 59 10.16 -3.37 -43.89
CA GLN E 59 11.61 -3.56 -43.84
C GLN E 59 12.11 -4.50 -44.93
N GLY E 60 11.23 -5.25 -45.58
CA GLY E 60 11.62 -6.16 -46.64
C GLY E 60 12.35 -7.41 -46.20
N ASN E 61 12.73 -7.51 -44.93
CA ASN E 61 13.44 -8.67 -44.42
C ASN E 61 12.53 -9.90 -44.42
N GLU E 62 12.74 -10.79 -45.39
CA GLU E 62 12.04 -12.08 -45.42
C GLU E 62 12.50 -13.01 -44.31
N GLU E 63 13.70 -12.81 -43.77
CA GLU E 63 14.13 -13.63 -42.65
C GLU E 63 13.33 -13.34 -41.39
N LEU E 64 12.82 -12.11 -41.25
CA LEU E 64 11.92 -11.81 -40.15
C LEU E 64 10.61 -12.57 -40.28
N LEU E 65 10.17 -12.81 -41.51
CA LEU E 65 8.97 -13.62 -41.74
C LEU E 65 9.15 -15.05 -41.26
N GLU E 66 10.34 -15.62 -41.48
CA GLU E 66 10.59 -17.00 -41.10
C GLU E 66 10.51 -17.18 -39.58
N GLU E 67 11.01 -16.21 -38.82
CA GLU E 67 10.89 -16.30 -37.36
C GLU E 67 9.45 -16.11 -36.92
N ALA E 68 8.69 -15.25 -37.61
CA ALA E 68 7.29 -15.00 -37.26
C ALA E 68 6.42 -16.23 -37.47
N ALA E 69 6.68 -17.00 -38.53
CA ALA E 69 5.88 -18.19 -38.79
C ALA E 69 6.15 -19.28 -37.76
N ARG E 70 7.41 -19.42 -37.34
CA ARG E 70 7.73 -20.39 -36.30
C ARG E 70 7.05 -20.03 -34.98
N LEU E 71 7.03 -18.74 -34.63
CA LEU E 71 6.40 -18.30 -33.39
C LEU E 71 4.90 -18.57 -33.39
N ALA E 72 4.23 -18.31 -34.51
CA ALA E 72 2.79 -18.58 -34.57
C ALA E 72 2.52 -20.07 -34.48
N GLU E 73 3.28 -20.88 -35.22
CA GLU E 73 3.08 -22.33 -35.18
C GLU E 73 3.41 -22.89 -33.80
N GLU E 74 4.49 -22.40 -33.19
CA GLU E 74 4.85 -22.86 -31.85
C GLU E 74 3.82 -22.44 -30.81
N ALA E 75 3.18 -21.28 -31.00
CA ALA E 75 2.13 -20.85 -30.08
C ALA E 75 0.84 -21.62 -30.31
N ALA E 76 0.51 -21.92 -31.57
CA ALA E 76 -0.70 -22.67 -31.86
C ALA E 76 -0.60 -24.10 -31.35
N ARG E 77 0.58 -24.72 -31.49
CA ARG E 77 0.76 -26.09 -31.03
C ARG E 77 0.54 -26.21 -29.52
N GLN E 78 1.08 -25.26 -28.75
CA GLN E 78 0.83 -25.25 -27.32
C GLN E 78 -0.64 -24.99 -27.00
N ALA E 79 -1.33 -24.23 -27.84
CA ALA E 79 -2.73 -23.90 -27.58
C ALA E 79 -3.64 -25.10 -27.76
N GLU E 80 -3.41 -25.89 -28.82
CA GLU E 80 -4.25 -27.06 -29.05
C GLU E 80 -4.13 -28.07 -27.92
N GLU E 81 -2.91 -28.24 -27.40
CA GLU E 81 -2.70 -29.20 -26.31
C GLU E 81 -3.41 -28.75 -25.03
N LEU E 82 -3.33 -27.46 -24.71
CA LEU E 82 -4.00 -26.96 -23.51
C LEU E 82 -5.52 -27.08 -23.63
N ALA E 83 -6.06 -26.90 -24.85
CA ALA E 83 -7.49 -27.10 -25.05
C ALA E 83 -7.87 -28.56 -24.89
N ARG E 84 -7.07 -29.46 -25.47
CA ARG E 84 -7.34 -30.89 -25.33
C ARG E 84 -7.21 -31.34 -23.88
N GLU E 85 -6.18 -30.84 -23.19
CA GLU E 85 -6.00 -31.19 -21.78
C GLU E 85 -7.12 -30.63 -20.92
N ALA E 86 -7.54 -29.38 -21.18
CA ALA E 86 -8.62 -28.80 -20.39
C ALA E 86 -9.96 -29.42 -20.74
N ARG E 87 -10.13 -29.87 -21.99
CA ARG E 87 -11.35 -30.58 -22.36
C ARG E 87 -11.41 -31.95 -21.69
N ARG E 88 -10.25 -32.59 -21.53
CA ARG E 88 -10.21 -33.90 -20.88
C ARG E 88 -10.29 -33.78 -19.37
N GLU E 89 -9.84 -32.64 -18.81
CA GLU E 89 -9.86 -32.43 -17.38
C GLU E 89 -11.22 -31.97 -16.87
N GLY E 90 -12.06 -31.39 -17.73
CA GLY E 90 -13.34 -30.85 -17.33
C GLY E 90 -13.37 -29.34 -17.18
N ASN E 91 -12.23 -28.73 -16.89
CA ASN E 91 -12.14 -27.28 -16.77
C ASN E 91 -12.41 -26.64 -18.13
N LEU E 92 -13.68 -26.40 -18.42
CA LEU E 92 -14.06 -25.94 -19.76
C LEU E 92 -13.69 -24.49 -20.00
N GLU E 93 -13.70 -23.67 -18.96
CA GLU E 93 -13.33 -22.26 -19.12
C GLU E 93 -11.94 -22.10 -19.70
N LEU E 94 -10.98 -22.91 -19.22
CA LEU E 94 -9.64 -22.86 -19.80
C LEU E 94 -9.65 -23.38 -21.22
N ALA E 95 -10.48 -24.39 -21.51
CA ALA E 95 -10.55 -24.93 -22.86
C ALA E 95 -11.09 -23.90 -23.84
N LEU E 96 -12.16 -23.20 -23.46
CA LEU E 96 -12.70 -22.13 -24.32
C LEU E 96 -11.74 -20.97 -24.40
N LYS E 97 -11.00 -20.69 -23.32
CA LYS E 97 -10.00 -19.62 -23.33
C LYS E 97 -8.81 -19.96 -24.21
N ALA E 98 -8.43 -21.25 -24.25
CA ALA E 98 -7.28 -21.66 -25.05
C ALA E 98 -7.57 -21.67 -26.55
N LEU E 99 -8.77 -22.13 -26.94
CA LEU E 99 -9.09 -22.25 -28.36
C LEU E 99 -9.12 -20.90 -29.07
N GLN E 100 -9.56 -19.84 -28.39
CA GLN E 100 -9.57 -18.52 -29.02
C GLN E 100 -8.17 -18.08 -29.41
N ILE E 101 -7.17 -18.44 -28.60
CA ILE E 101 -5.78 -18.13 -28.96
C ILE E 101 -5.39 -18.86 -30.23
N LEU E 102 -5.85 -20.11 -30.38
CA LEU E 102 -5.60 -20.85 -31.61
C LEU E 102 -6.32 -20.20 -32.79
N VAL E 103 -7.56 -19.76 -32.56
CA VAL E 103 -8.32 -19.07 -33.61
C VAL E 103 -7.56 -17.83 -34.05
N ASN E 104 -7.08 -17.04 -33.09
CA ASN E 104 -6.29 -15.86 -33.41
C ASN E 104 -4.96 -16.25 -34.05
N ALA E 105 -4.38 -17.38 -33.64
CA ALA E 105 -3.09 -17.81 -34.18
C ALA E 105 -3.18 -18.25 -35.63
N ALA E 106 -4.33 -18.73 -36.08
CA ALA E 106 -4.47 -19.16 -37.46
C ALA E 106 -4.42 -17.97 -38.42
N TYR E 107 -5.02 -16.84 -38.04
CA TYR E 107 -5.04 -15.67 -38.90
C TYR E 107 -3.64 -15.08 -39.13
N VAL E 108 -2.79 -15.12 -38.11
CA VAL E 108 -1.45 -14.54 -38.24
C VAL E 108 -0.64 -15.26 -39.32
N LEU E 109 -0.76 -16.58 -39.38
CA LEU E 109 -0.02 -17.35 -40.38
C LEU E 109 -0.53 -17.14 -41.79
N ALA E 110 -1.85 -17.06 -41.97
CA ALA E 110 -2.41 -16.92 -43.31
C ALA E 110 -2.10 -15.56 -43.92
N GLU E 111 -2.48 -14.48 -43.23
CA GLU E 111 -2.21 -13.12 -43.68
C GLU E 111 -2.61 -12.91 -45.15
N ILE E 112 -3.57 -13.69 -45.63
CA ILE E 112 -4.02 -13.61 -47.02
C ILE E 112 -5.51 -13.85 -47.10
N GLU E 119 2.93 -21.42 -49.19
CA GLU E 119 1.49 -21.64 -49.30
C GLU E 119 1.04 -22.77 -48.39
N GLU E 120 2.02 -23.53 -47.86
CA GLU E 120 1.70 -24.59 -46.92
C GLU E 120 1.08 -24.05 -45.64
N LEU E 121 1.32 -22.77 -45.33
CA LEU E 121 0.65 -22.14 -44.19
C LEU E 121 -0.86 -22.19 -44.36
N LEU E 122 -1.36 -21.91 -45.57
CA LEU E 122 -2.80 -21.85 -45.77
C LEU E 122 -3.45 -23.21 -45.64
N GLU E 123 -2.73 -24.29 -45.94
CA GLU E 123 -3.26 -25.62 -45.71
C GLU E 123 -3.25 -25.97 -44.22
N LYS E 124 -2.19 -25.56 -43.51
CA LYS E 124 -2.09 -25.85 -42.09
C LYS E 124 -2.94 -24.90 -41.27
N ALA E 125 -3.03 -23.64 -41.68
CA ALA E 125 -3.87 -22.69 -40.96
C ALA E 125 -5.35 -23.08 -41.04
N GLU E 126 -5.82 -23.42 -42.24
CA GLU E 126 -7.19 -23.87 -42.41
C GLU E 126 -7.45 -25.15 -41.61
N ARG E 127 -6.47 -26.07 -41.61
CA ARG E 127 -6.63 -27.30 -40.85
C ARG E 127 -6.75 -27.02 -39.36
N LEU E 128 -5.95 -26.08 -38.86
CA LEU E 128 -6.05 -25.70 -37.45
C LEU E 128 -7.39 -25.05 -37.18
N ALA E 129 -7.82 -24.15 -38.07
CA ALA E 129 -9.11 -23.49 -37.89
C ALA E 129 -10.26 -24.48 -38.08
N ARG E 130 -10.10 -25.44 -38.99
CA ARG E 130 -11.14 -26.45 -39.18
C ARG E 130 -11.27 -27.33 -37.94
N GLU E 131 -10.14 -27.71 -37.35
CA GLU E 131 -10.17 -28.50 -36.12
C GLU E 131 -10.80 -27.72 -34.98
N ALA E 132 -10.51 -26.42 -34.90
CA ALA E 132 -11.07 -25.59 -33.83
C ALA E 132 -12.58 -25.43 -33.94
N LEU E 133 -13.09 -25.20 -35.15
CA LEU E 133 -14.53 -25.00 -35.32
C LEU E 133 -15.33 -26.20 -34.85
N ARG E 134 -14.87 -27.41 -35.16
CA ARG E 134 -15.57 -28.61 -34.71
C ARG E 134 -15.41 -28.81 -33.20
N GLN E 135 -14.19 -28.59 -32.68
CA GLN E 135 -13.96 -28.77 -31.25
C GLN E 135 -14.76 -27.76 -30.42
N VAL E 136 -14.82 -26.51 -30.87
CA VAL E 136 -15.60 -25.51 -30.15
C VAL E 136 -17.09 -25.80 -30.27
N ARG E 137 -17.53 -26.35 -31.40
CA ARG E 137 -18.95 -26.68 -31.58
C ARG E 137 -19.38 -27.79 -30.65
N GLU E 138 -18.54 -28.81 -30.45
CA GLU E 138 -18.90 -29.92 -29.58
C GLU E 138 -19.10 -29.48 -28.14
N ILE E 139 -18.36 -28.48 -27.68
CA ILE E 139 -18.52 -28.01 -26.31
C ILE E 139 -19.84 -27.28 -26.13
N SER E 140 -20.33 -26.60 -27.17
CA SER E 140 -21.60 -25.88 -27.05
C SER E 140 -22.75 -26.84 -26.80
N LYS E 141 -22.79 -27.96 -27.54
CA LYS E 141 -23.83 -28.96 -27.31
C LYS E 141 -23.64 -29.64 -25.97
N ARG E 142 -22.39 -29.95 -25.62
CA ARG E 142 -22.09 -30.58 -24.34
C ARG E 142 -22.43 -29.64 -23.18
N LEU E 143 -22.16 -28.35 -23.34
CA LEU E 143 -22.50 -27.37 -22.32
C LEU E 143 -24.01 -27.20 -22.21
N GLN E 144 -24.74 -27.45 -23.30
CA GLN E 144 -26.19 -27.34 -23.27
C GLN E 144 -26.80 -28.39 -22.35
N LYS E 145 -26.20 -29.59 -22.30
CA LYS E 145 -26.68 -30.60 -21.38
C LYS E 145 -26.37 -30.22 -19.93
N GLU E 146 -25.16 -29.70 -19.69
CA GLU E 146 -24.80 -29.22 -18.35
C GLU E 146 -25.57 -27.98 -17.96
N GLY E 147 -26.12 -27.27 -18.93
CA GLY E 147 -26.90 -26.10 -18.60
C GLY E 147 -26.15 -24.84 -18.27
N ASN E 148 -24.85 -24.78 -18.54
CA ASN E 148 -24.12 -23.54 -18.25
C ASN E 148 -24.34 -22.58 -19.40
N ILE E 149 -25.19 -21.57 -19.18
CA ILE E 149 -25.57 -20.67 -20.25
C ILE E 149 -24.47 -19.64 -20.50
N GLU E 150 -23.82 -19.17 -19.44
CA GLU E 150 -22.73 -18.20 -19.60
C GLU E 150 -21.63 -18.78 -20.48
N LEU E 151 -21.24 -20.03 -20.21
CA LEU E 151 -20.27 -20.70 -21.06
C LEU E 151 -20.86 -21.03 -22.42
N ALA E 152 -22.16 -21.32 -22.47
CA ALA E 152 -22.81 -21.56 -23.75
C ALA E 152 -22.88 -20.28 -24.58
N LEU E 153 -23.21 -19.16 -23.94
CA LEU E 153 -23.27 -17.88 -24.64
C LEU E 153 -21.91 -17.48 -25.16
N LYS E 154 -20.86 -17.68 -24.34
CA LYS E 154 -19.50 -17.39 -24.80
C LYS E 154 -19.08 -18.35 -25.90
N ALA E 155 -19.59 -19.58 -25.88
CA ALA E 155 -19.27 -20.55 -26.93
C ALA E 155 -19.84 -20.11 -28.27
N ASN E 156 -21.03 -19.49 -28.26
CA ASN E 156 -21.61 -19.00 -29.50
C ASN E 156 -20.75 -17.90 -30.12
N ARG E 157 -20.17 -17.04 -29.28
CA ARG E 157 -19.26 -16.02 -29.76
C ARG E 157 -18.00 -16.64 -30.38
N LEU E 158 -17.54 -17.76 -29.82
CA LEU E 158 -16.37 -18.44 -30.35
C LEU E 158 -16.61 -18.94 -31.78
N LEU E 159 -17.80 -19.51 -32.03
CA LEU E 159 -18.11 -19.96 -33.39
C LEU E 159 -18.12 -18.80 -34.37
N ILE E 160 -18.49 -17.60 -33.92
CA ILE E 160 -18.50 -16.44 -34.81
C ILE E 160 -17.08 -16.05 -35.18
N ASP E 161 -16.20 -15.91 -34.18
CA ASP E 161 -14.82 -15.55 -34.47
C ASP E 161 -14.06 -16.67 -35.18
N ALA E 162 -14.46 -17.93 -34.97
CA ALA E 162 -13.82 -19.02 -35.70
C ALA E 162 -14.22 -19.01 -37.16
N LEU E 163 -15.50 -18.80 -37.45
CA LEU E 163 -15.95 -18.72 -38.84
C LEU E 163 -15.39 -17.49 -39.55
N ARG E 164 -15.25 -16.38 -38.81
CA ARG E 164 -14.74 -15.16 -39.44
C ARG E 164 -13.29 -15.33 -39.89
N VAL E 165 -12.48 -16.05 -39.11
CA VAL E 165 -11.10 -16.28 -39.52
C VAL E 165 -11.08 -17.22 -40.72
N LEU E 166 -11.97 -18.22 -40.71
CA LEU E 166 -12.05 -19.18 -41.80
C LEU E 166 -12.36 -18.50 -43.12
N VAL E 167 -13.17 -17.43 -43.09
CA VAL E 167 -13.51 -16.71 -44.32
C VAL E 167 -12.28 -16.07 -44.94
N ARG E 168 -11.39 -15.53 -44.11
CA ARG E 168 -10.17 -14.91 -44.62
C ARG E 168 -9.20 -15.94 -45.19
N ILE E 169 -9.29 -17.19 -44.73
CA ILE E 169 -8.40 -18.24 -45.21
C ILE E 169 -8.87 -18.88 -46.51
N MET E 170 -10.05 -18.52 -46.99
CA MET E 170 -10.58 -19.07 -48.23
C MET E 170 -10.32 -18.13 -49.41
N ILE F 6 -23.50 18.22 -42.13
CA ILE F 6 -22.26 18.78 -41.63
C ILE F 6 -22.45 19.37 -40.24
N GLU F 7 -23.56 19.00 -39.58
CA GLU F 7 -23.84 19.46 -38.22
C GLU F 7 -23.04 18.57 -37.26
N LYS F 8 -21.79 18.93 -37.04
CA LYS F 8 -20.88 17.99 -36.38
C LYS F 8 -21.24 17.82 -34.91
N LEU F 9 -21.59 18.92 -34.24
CA LEU F 9 -21.94 18.94 -32.82
C LEU F 9 -20.96 18.16 -31.94
N VAL F 10 -19.72 17.97 -32.39
CA VAL F 10 -18.72 17.26 -31.60
C VAL F 10 -18.31 18.10 -30.40
N GLU F 11 -18.89 19.30 -30.29
CA GLU F 11 -18.59 20.20 -29.18
C GLU F 11 -19.06 19.61 -27.85
N GLU F 12 -20.21 18.94 -27.85
CA GLU F 12 -20.69 18.32 -26.62
C GLU F 12 -19.70 17.27 -26.12
N LEU F 13 -19.15 16.46 -27.03
CA LEU F 13 -18.17 15.47 -26.60
C LEU F 13 -16.86 16.13 -26.17
N ILE F 14 -16.38 17.11 -26.94
CA ILE F 14 -15.14 17.79 -26.57
C ILE F 14 -15.32 18.59 -25.28
N ARG F 15 -16.47 19.27 -25.13
CA ARG F 15 -16.71 20.06 -23.92
C ARG F 15 -17.09 19.19 -22.73
N HIS F 16 -18.04 18.26 -22.90
CA HIS F 16 -18.51 17.45 -21.78
C HIS F 16 -17.43 16.51 -21.28
N THR F 17 -16.58 15.99 -22.16
CA THR F 17 -15.54 15.10 -21.70
C THR F 17 -14.54 15.85 -20.82
N GLU F 18 -14.21 17.08 -21.20
CA GLU F 18 -13.35 17.90 -20.36
C GLU F 18 -14.07 18.23 -19.05
N GLU F 19 -15.40 18.33 -19.08
CA GLU F 19 -16.14 18.55 -17.84
C GLU F 19 -16.14 17.28 -17.00
N LEU F 20 -16.29 16.11 -17.64
CA LEU F 20 -16.15 14.85 -16.92
C LEU F 20 -14.70 14.60 -16.55
N ARG F 21 -13.75 15.12 -17.35
CA ARG F 21 -12.33 14.99 -17.06
C ARG F 21 -11.95 15.81 -15.83
N GLU F 22 -12.59 16.97 -15.66
CA GLU F 22 -12.27 17.87 -14.55
C GLU F 22 -12.80 17.34 -13.23
N LEU F 23 -13.98 16.71 -13.25
CA LEU F 23 -14.56 16.20 -12.01
C LEU F 23 -13.67 15.12 -11.39
N LEU F 24 -13.04 14.31 -12.22
CA LEU F 24 -12.14 13.28 -11.71
C LEU F 24 -10.75 13.82 -11.39
N GLU F 25 -10.37 14.97 -11.99
CA GLU F 25 -9.08 15.56 -11.67
C GLU F 25 -9.15 16.32 -10.35
N LYS F 26 -10.35 16.73 -9.92
CA LYS F 26 -10.54 17.37 -8.63
C LYS F 26 -10.98 16.38 -7.56
N LEU F 27 -11.73 15.34 -7.95
CA LEU F 27 -12.16 14.29 -7.04
C LEU F 27 -11.04 13.31 -6.73
N VAL F 28 -10.00 13.25 -7.56
CA VAL F 28 -8.85 12.42 -7.23
C VAL F 28 -8.12 12.94 -6.00
N LYS F 29 -8.32 14.22 -5.65
CA LYS F 29 -7.77 14.74 -4.42
C LYS F 29 -8.38 14.06 -3.20
N HIS F 30 -9.70 13.84 -3.22
CA HIS F 30 -10.38 13.16 -2.13
C HIS F 30 -11.24 12.01 -2.65
N SER F 34 -9.09 6.36 -5.65
CA SER F 34 -7.90 5.77 -6.26
C SER F 34 -7.41 6.60 -7.44
N GLU F 35 -6.09 6.78 -7.50
CA GLU F 35 -5.43 7.45 -8.62
C GLU F 35 -5.69 6.74 -9.95
N GLU F 36 -5.93 5.43 -9.92
CA GLU F 36 -6.08 4.63 -11.13
C GLU F 36 -7.23 5.10 -12.02
N TYR F 37 -8.25 5.73 -11.43
CA TYR F 37 -9.40 6.18 -12.22
C TYR F 37 -9.02 7.26 -13.23
N LEU F 38 -8.05 8.10 -12.88
CA LEU F 38 -7.59 9.11 -13.83
C LEU F 38 -6.93 8.45 -15.04
N LEU F 39 -6.23 7.34 -14.83
CA LEU F 39 -5.63 6.62 -15.95
C LEU F 39 -6.68 6.11 -16.92
N GLU F 40 -7.79 5.59 -16.38
CA GLU F 40 -8.87 5.13 -17.26
C GLU F 40 -9.47 6.28 -18.05
N LEU F 41 -9.52 7.48 -17.45
CA LEU F 41 -9.96 8.66 -18.17
C LEU F 41 -9.00 9.04 -19.28
N LEU F 42 -7.70 8.90 -19.02
CA LEU F 42 -6.70 9.19 -20.05
C LEU F 42 -6.88 8.27 -21.25
N GLU F 43 -7.17 6.99 -21.00
CA GLU F 43 -7.44 6.08 -22.10
C GLU F 43 -8.68 6.52 -22.86
N ASN F 44 -9.68 7.01 -22.14
CA ASN F 44 -10.86 7.59 -22.79
C ASN F 44 -10.52 8.92 -23.45
N LEU F 45 -9.53 9.65 -22.93
CA LEU F 45 -9.16 10.93 -23.51
C LEU F 45 -8.51 10.75 -24.87
N VAL F 46 -7.57 9.80 -24.98
CA VAL F 46 -6.93 9.54 -26.27
C VAL F 46 -7.94 8.97 -27.26
N ARG F 47 -8.98 8.29 -26.76
CA ARG F 47 -10.02 7.75 -27.64
C ARG F 47 -10.76 8.87 -28.36
N LEU F 48 -10.93 10.03 -27.71
CA LEU F 48 -11.56 11.15 -28.38
C LEU F 48 -10.69 11.68 -29.50
N ALA F 49 -9.37 11.72 -29.31
CA ALA F 49 -8.48 12.26 -30.33
C ALA F 49 -8.55 11.46 -31.62
N HIS F 50 -8.60 10.12 -31.51
CA HIS F 50 -8.69 9.30 -32.72
C HIS F 50 -10.04 9.46 -33.40
N VAL F 51 -11.12 9.64 -32.64
CA VAL F 51 -12.44 9.78 -33.22
C VAL F 51 -12.56 11.09 -33.99
N ILE F 52 -12.11 12.20 -33.39
CA ILE F 52 -12.15 13.48 -34.09
C ILE F 52 -11.23 13.46 -35.29
N ALA F 53 -10.11 12.73 -35.20
CA ALA F 53 -9.19 12.65 -36.33
C ALA F 53 -9.87 12.04 -37.54
N GLU F 54 -10.75 11.06 -37.32
CA GLU F 54 -11.52 10.49 -38.41
C GLU F 54 -12.56 11.48 -38.94
N VAL F 55 -12.99 12.43 -38.13
CA VAL F 55 -13.96 13.43 -38.57
C VAL F 55 -13.30 14.52 -39.42
N ALA F 56 -12.10 14.95 -39.02
CA ALA F 56 -11.40 16.02 -39.71
C ALA F 56 -10.74 15.56 -41.01
N ARG F 57 -10.44 14.27 -41.14
CA ARG F 57 -9.79 13.79 -42.36
C ARG F 57 -10.75 13.81 -43.54
N GLU F 58 -11.96 13.28 -43.37
CA GLU F 58 -12.92 13.26 -44.46
C GLU F 58 -13.45 14.66 -44.75
N GLN F 59 -13.82 15.40 -43.70
CA GLN F 59 -14.36 16.73 -43.89
C GLN F 59 -13.31 17.71 -44.39
N GLY F 60 -12.04 17.50 -44.03
CA GLY F 60 -10.96 18.35 -44.48
C GLY F 60 -10.68 19.55 -43.59
N ASN F 61 -11.42 19.71 -42.49
CA ASN F 61 -11.22 20.85 -41.61
C ASN F 61 -9.88 20.71 -40.88
N GLU F 62 -8.99 21.67 -41.09
CA GLU F 62 -7.71 21.68 -40.38
C GLU F 62 -7.83 22.19 -38.95
N GLU F 63 -8.98 22.74 -38.57
CA GLU F 63 -9.16 23.22 -37.21
C GLU F 63 -9.39 22.08 -36.23
N LEU F 64 -10.23 21.10 -36.61
CA LEU F 64 -10.43 19.94 -35.76
C LEU F 64 -9.15 19.14 -35.61
N LEU F 65 -8.30 19.13 -36.65
CA LEU F 65 -7.01 18.46 -36.55
C LEU F 65 -6.13 19.14 -35.50
N GLU F 66 -6.13 20.47 -35.46
CA GLU F 66 -5.34 21.18 -34.46
C GLU F 66 -5.88 20.93 -33.06
N GLU F 67 -7.20 20.88 -32.91
CA GLU F 67 -7.81 20.58 -31.62
C GLU F 67 -7.64 19.12 -31.24
N ALA F 68 -7.69 18.21 -32.22
CA ALA F 68 -7.58 16.77 -31.94
C ALA F 68 -6.19 16.40 -31.44
N ALA F 69 -5.15 16.99 -32.02
CA ALA F 69 -3.78 16.71 -31.58
C ALA F 69 -3.49 17.30 -30.21
N ARG F 70 -4.04 18.48 -29.93
CA ARG F 70 -3.83 19.10 -28.62
C ARG F 70 -4.37 18.23 -27.50
N LEU F 71 -5.54 17.62 -27.70
CA LEU F 71 -6.12 16.74 -26.70
C LEU F 71 -5.26 15.50 -26.47
N ALA F 72 -4.71 14.93 -27.53
CA ALA F 72 -3.92 13.71 -27.40
C ALA F 72 -2.65 13.94 -26.58
N GLU F 73 -1.95 15.04 -26.83
CA GLU F 73 -0.70 15.30 -26.11
C GLU F 73 -0.96 15.54 -24.62
N GLU F 74 -2.05 16.24 -24.29
CA GLU F 74 -2.36 16.50 -22.89
C GLU F 74 -2.65 15.21 -22.12
N ALA F 75 -3.19 14.20 -22.80
CA ALA F 75 -3.41 12.92 -22.14
C ALA F 75 -2.09 12.17 -21.97
N ALA F 76 -1.20 12.29 -22.96
CA ALA F 76 0.12 11.68 -22.86
C ALA F 76 0.95 12.35 -21.78
N ARG F 77 0.86 13.68 -21.68
CA ARG F 77 1.62 14.41 -20.67
C ARG F 77 1.22 13.98 -19.27
N GLN F 78 -0.09 13.84 -19.02
CA GLN F 78 -0.55 13.33 -17.74
C GLN F 78 -0.12 11.87 -17.56
N ALA F 79 -0.01 11.12 -18.66
CA ALA F 79 0.35 9.71 -18.54
C ALA F 79 1.80 9.55 -18.11
N GLU F 80 2.71 10.33 -18.70
CA GLU F 80 4.12 10.24 -18.29
C GLU F 80 4.31 10.69 -16.85
N GLU F 81 3.60 11.74 -16.44
CA GLU F 81 3.71 12.23 -15.07
C GLU F 81 3.10 11.23 -14.08
N LEU F 82 1.93 10.68 -14.42
CA LEU F 82 1.33 9.66 -13.55
C LEU F 82 2.17 8.40 -13.54
N ALA F 83 2.82 8.07 -14.66
CA ALA F 83 3.73 6.93 -14.68
C ALA F 83 4.98 7.21 -13.84
N ARG F 84 5.54 8.41 -13.96
CA ARG F 84 6.76 8.74 -13.22
C ARG F 84 6.52 8.76 -11.72
N GLU F 85 5.40 9.35 -11.28
CA GLU F 85 5.09 9.35 -9.85
C GLU F 85 4.76 7.95 -9.36
N ALA F 86 4.08 7.15 -10.20
CA ALA F 86 3.76 5.79 -9.82
C ALA F 86 4.99 4.90 -9.76
N ARG F 87 6.05 5.26 -10.50
CA ARG F 87 7.30 4.50 -10.42
C ARG F 87 7.93 4.63 -9.05
N ARG F 88 7.75 5.78 -8.40
CA ARG F 88 8.25 6.01 -7.05
C ARG F 88 7.37 5.36 -5.99
N GLU F 89 6.10 5.10 -6.31
CA GLU F 89 5.16 4.57 -5.31
C GLU F 89 5.36 3.08 -5.05
N GLY F 90 6.02 2.36 -5.95
CA GLY F 90 6.25 0.94 -5.76
C GLY F 90 5.16 0.04 -6.26
N ASN F 91 4.13 0.57 -6.92
CA ASN F 91 3.05 -0.20 -7.52
C ASN F 91 3.31 -0.21 -9.02
N LEU F 92 4.09 -1.19 -9.47
CA LEU F 92 4.53 -1.21 -10.86
C LEU F 92 3.41 -1.57 -11.82
N GLU F 93 2.47 -2.42 -11.40
CA GLU F 93 1.34 -2.78 -12.26
C GLU F 93 0.55 -1.54 -12.65
N LEU F 94 0.28 -0.66 -11.68
CA LEU F 94 -0.41 0.59 -11.98
C LEU F 94 0.50 1.53 -12.78
N ALA F 95 1.80 1.52 -12.49
CA ALA F 95 2.73 2.38 -13.22
C ALA F 95 2.81 1.97 -14.69
N LEU F 96 2.83 0.67 -14.97
CA LEU F 96 2.91 0.19 -16.34
C LEU F 96 1.65 0.52 -17.13
N LYS F 97 0.50 0.65 -16.46
CA LYS F 97 -0.75 0.96 -17.15
C LYS F 97 -0.71 2.34 -17.80
N ALA F 98 0.04 3.29 -17.22
CA ALA F 98 0.13 4.61 -17.83
C ALA F 98 0.89 4.55 -19.16
N LEU F 99 1.92 3.71 -19.22
CA LEU F 99 2.68 3.57 -20.46
C LEU F 99 1.81 3.05 -21.60
N GLN F 100 0.87 2.16 -21.28
CA GLN F 100 -0.08 1.72 -22.31
C GLN F 100 -0.89 2.90 -22.83
N ILE F 101 -1.26 3.82 -21.93
CA ILE F 101 -1.92 5.05 -22.35
C ILE F 101 -0.96 5.91 -23.17
N LEU F 102 0.32 5.94 -22.75
CA LEU F 102 1.31 6.73 -23.47
C LEU F 102 1.58 6.17 -24.85
N VAL F 103 1.71 4.85 -24.97
CA VAL F 103 1.97 4.22 -26.27
C VAL F 103 0.85 4.51 -27.25
N ASN F 104 -0.40 4.35 -26.82
CA ASN F 104 -1.54 4.61 -27.68
C ASN F 104 -1.62 6.07 -28.11
N ALA F 105 -1.25 7.00 -27.22
CA ALA F 105 -1.32 8.41 -27.58
C ALA F 105 -0.32 8.79 -28.65
N ALA F 106 0.81 8.09 -28.73
CA ALA F 106 1.76 8.33 -29.81
C ALA F 106 1.20 7.86 -31.14
N TYR F 107 0.49 6.73 -31.13
CA TYR F 107 -0.11 6.20 -32.35
C TYR F 107 -1.18 7.15 -32.87
N VAL F 108 -1.95 7.75 -31.97
CA VAL F 108 -2.94 8.74 -32.37
C VAL F 108 -2.27 9.98 -32.96
N LEU F 109 -1.15 10.40 -32.35
CA LEU F 109 -0.44 11.57 -32.85
C LEU F 109 0.19 11.31 -34.21
N ALA F 110 0.71 10.10 -34.43
CA ALA F 110 1.30 9.79 -35.73
C ALA F 110 0.21 9.69 -36.80
N GLU F 111 -0.79 8.83 -36.57
CA GLU F 111 -1.92 8.68 -37.49
C GLU F 111 -2.60 10.00 -37.81
N ILE F 112 -2.42 11.02 -36.96
CA ILE F 112 -2.99 12.34 -37.19
C ILE F 112 -2.01 13.31 -37.85
N ALA F 113 -0.77 12.89 -38.07
CA ALA F 113 0.23 13.71 -38.74
C ALA F 113 0.57 13.23 -40.14
N ARG F 114 0.47 11.92 -40.40
CA ARG F 114 0.77 11.42 -41.73
C ARG F 114 -0.24 11.92 -42.76
N ASP F 115 -1.46 12.24 -42.34
CA ASP F 115 -2.47 12.77 -43.24
C ASP F 115 -2.44 14.29 -43.25
N ASN F 118 3.10 16.86 -41.49
CA ASN F 118 4.01 17.66 -40.67
C ASN F 118 4.97 16.78 -39.86
N GLU F 119 6.27 16.94 -40.13
CA GLU F 119 7.27 16.09 -39.49
C GLU F 119 7.44 16.41 -38.00
N GLU F 120 7.06 17.61 -37.56
CA GLU F 120 7.21 17.96 -36.15
C GLU F 120 6.42 17.00 -35.27
N LEU F 121 5.22 16.64 -35.69
CA LEU F 121 4.44 15.68 -34.92
C LEU F 121 4.99 14.26 -35.09
N LEU F 122 5.42 13.90 -36.31
CA LEU F 122 6.02 12.59 -36.51
C LEU F 122 7.34 12.45 -35.76
N GLU F 123 8.06 13.56 -35.57
CA GLU F 123 9.25 13.52 -34.72
C GLU F 123 8.84 13.48 -33.25
N LYS F 124 7.74 14.14 -32.91
CA LYS F 124 7.26 14.16 -31.53
C LYS F 124 6.60 12.83 -31.16
N ALA F 125 5.97 12.18 -32.13
CA ALA F 125 5.39 10.87 -31.87
C ALA F 125 6.48 9.87 -31.48
N GLU F 126 7.59 9.88 -32.24
CA GLU F 126 8.71 9.03 -31.91
C GLU F 126 9.32 9.39 -30.55
N ARG F 127 9.39 10.69 -30.25
CA ARG F 127 10.02 11.12 -29.00
C ARG F 127 9.24 10.66 -27.78
N LEU F 128 7.91 10.77 -27.81
CA LEU F 128 7.11 10.33 -26.67
C LEU F 128 7.14 8.81 -26.53
N ALA F 129 6.98 8.10 -27.65
CA ALA F 129 6.93 6.64 -27.61
C ALA F 129 8.28 6.02 -27.28
N ARG F 130 9.38 6.64 -27.72
CA ARG F 130 10.70 6.08 -27.44
C ARG F 130 10.97 6.06 -25.94
N GLU F 131 10.57 7.11 -25.22
CA GLU F 131 10.71 7.11 -23.77
C GLU F 131 9.87 6.00 -23.15
N ALA F 132 8.68 5.78 -23.70
CA ALA F 132 7.83 4.69 -23.20
C ALA F 132 8.49 3.34 -23.46
N LEU F 133 9.06 3.15 -24.65
CA LEU F 133 9.76 1.90 -24.93
C LEU F 133 10.91 1.69 -23.97
N ARG F 134 11.63 2.77 -23.64
CA ARG F 134 12.69 2.68 -22.64
C ARG F 134 12.12 2.49 -21.25
N GLN F 135 11.06 3.23 -20.90
CA GLN F 135 10.43 3.10 -19.59
C GLN F 135 9.82 1.73 -19.39
N VAL F 136 9.12 1.20 -20.41
CA VAL F 136 8.53 -0.13 -20.29
C VAL F 136 9.59 -1.21 -20.24
N ARG F 137 10.71 -1.03 -20.94
CA ARG F 137 11.79 -2.01 -20.90
C ARG F 137 12.48 -2.05 -19.54
N GLU F 138 12.71 -0.88 -18.94
CA GLU F 138 13.38 -0.82 -17.64
C GLU F 138 12.57 -1.50 -16.55
N ILE F 139 11.25 -1.41 -16.61
CA ILE F 139 10.40 -2.05 -15.59
C ILE F 139 10.47 -3.57 -15.71
N SER F 140 10.72 -4.08 -16.91
CA SER F 140 10.77 -5.53 -17.10
C SER F 140 11.89 -6.17 -16.30
N LYS F 141 13.07 -5.52 -16.26
CA LYS F 141 14.19 -6.09 -15.52
C LYS F 141 13.91 -6.10 -14.02
N ARG F 142 13.34 -5.03 -13.48
CA ARG F 142 12.99 -5.00 -12.07
C ARG F 142 11.91 -6.03 -11.75
N LEU F 143 10.93 -6.19 -12.64
CA LEU F 143 9.89 -7.20 -12.43
C LEU F 143 10.48 -8.60 -12.59
N GLN F 144 11.51 -8.74 -13.43
CA GLN F 144 12.18 -10.03 -13.56
C GLN F 144 12.92 -10.38 -12.28
N LYS F 145 13.50 -9.37 -11.62
CA LYS F 145 14.15 -9.62 -10.33
C LYS F 145 13.10 -9.96 -9.27
N GLU F 146 11.97 -9.25 -9.28
CA GLU F 146 10.88 -9.59 -8.39
C GLU F 146 10.29 -10.93 -8.79
N GLY F 147 9.36 -11.42 -7.98
CA GLY F 147 8.71 -12.68 -8.25
C GLY F 147 7.28 -12.63 -8.78
N ASN F 148 6.79 -11.43 -9.11
CA ASN F 148 5.42 -11.31 -9.63
C ASN F 148 5.43 -11.59 -11.13
N ILE F 149 4.93 -12.76 -11.53
CA ILE F 149 4.96 -13.13 -12.94
C ILE F 149 3.87 -12.41 -13.71
N GLU F 150 2.73 -12.14 -13.07
CA GLU F 150 1.61 -11.48 -13.75
C GLU F 150 2.01 -10.09 -14.26
N LEU F 151 2.66 -9.29 -13.40
CA LEU F 151 3.09 -7.96 -13.82
C LEU F 151 4.23 -8.03 -14.83
N ALA F 152 5.09 -9.05 -14.73
CA ALA F 152 6.17 -9.20 -15.70
C ALA F 152 5.62 -9.53 -17.08
N LEU F 153 4.60 -10.38 -17.14
CA LEU F 153 4.01 -10.76 -18.41
C LEU F 153 3.35 -9.58 -19.12
N LYS F 154 2.67 -8.71 -18.37
CA LYS F 154 2.02 -7.56 -18.98
C LYS F 154 3.01 -6.56 -19.55
N ALA F 155 4.21 -6.46 -18.96
CA ALA F 155 5.19 -5.50 -19.44
C ALA F 155 5.69 -5.84 -20.84
N ASN F 156 5.84 -7.12 -21.17
CA ASN F 156 6.28 -7.46 -22.52
C ASN F 156 5.24 -7.07 -23.55
N ARG F 157 3.95 -7.22 -23.21
CA ARG F 157 2.90 -6.80 -24.13
C ARG F 157 2.96 -5.30 -24.36
N LEU F 158 3.29 -4.53 -23.32
CA LEU F 158 3.51 -3.11 -23.52
C LEU F 158 4.72 -2.91 -24.42
N LEU F 159 5.80 -3.66 -24.17
CA LEU F 159 6.96 -3.62 -25.04
C LEU F 159 6.63 -4.13 -26.44
N ILE F 160 5.71 -5.10 -26.54
CA ILE F 160 5.28 -5.59 -27.84
C ILE F 160 4.44 -4.53 -28.55
N ASP F 161 3.44 -3.98 -27.84
CA ASP F 161 2.60 -2.94 -28.42
C ASP F 161 3.37 -1.64 -28.66
N ALA F 162 4.48 -1.43 -27.93
CA ALA F 162 5.31 -0.27 -28.19
C ALA F 162 5.99 -0.41 -29.54
N LEU F 163 6.37 -1.63 -29.92
CA LEU F 163 6.98 -1.83 -31.23
C LEU F 163 6.03 -1.46 -32.35
N ARG F 164 4.72 -1.66 -32.16
CA ARG F 164 3.76 -1.29 -33.21
C ARG F 164 3.78 0.20 -33.49
N VAL F 165 3.98 1.01 -32.45
CA VAL F 165 4.03 2.46 -32.65
C VAL F 165 5.29 2.86 -33.40
N LEU F 166 6.43 2.26 -33.05
CA LEU F 166 7.68 2.59 -33.72
C LEU F 166 7.61 2.24 -35.20
N VAL F 167 6.98 1.12 -35.54
CA VAL F 167 6.84 0.71 -36.93
C VAL F 167 5.94 1.68 -37.70
N ARG F 168 4.90 2.22 -37.05
CA ARG F 168 4.00 3.14 -37.75
C ARG F 168 4.71 4.43 -38.15
N ILE F 169 5.74 4.83 -37.40
CA ILE F 169 6.52 6.01 -37.74
C ILE F 169 7.65 5.71 -38.71
N MET F 170 7.92 4.43 -39.00
CA MET F 170 9.02 4.04 -39.88
C MET F 170 8.96 4.69 -41.25
N ARG F 171 7.96 4.33 -42.06
CA ARG F 171 7.84 4.83 -43.42
C ARG F 171 6.90 6.03 -43.40
N HIS F 172 7.47 7.22 -43.47
CA HIS F 172 6.69 8.45 -43.46
C HIS F 172 7.49 9.60 -44.05
N LYS G 5 37.85 -39.23 20.47
CA LYS G 5 38.68 -39.46 19.27
C LYS G 5 38.69 -38.22 18.39
N ILE G 6 37.67 -37.39 18.52
CA ILE G 6 37.55 -36.17 17.72
C ILE G 6 38.22 -35.02 18.45
N GLU G 7 38.96 -35.34 19.51
CA GLU G 7 39.72 -34.33 20.24
C GLU G 7 40.80 -33.70 19.39
N LYS G 8 41.30 -34.41 18.38
CA LYS G 8 42.29 -33.79 17.50
C LYS G 8 41.65 -32.68 16.69
N LEU G 9 40.45 -32.91 16.15
CA LEU G 9 39.78 -31.88 15.38
C LEU G 9 39.52 -30.62 16.20
N VAL G 10 39.42 -30.75 17.53
CA VAL G 10 39.16 -29.56 18.35
C VAL G 10 40.40 -28.67 18.41
N GLU G 11 41.58 -29.27 18.35
CA GLU G 11 42.81 -28.48 18.35
C GLU G 11 43.00 -27.75 17.03
N GLU G 12 42.72 -28.43 15.92
CA GLU G 12 42.87 -27.81 14.60
C GLU G 12 41.95 -26.61 14.45
N LEU G 13 40.71 -26.73 14.91
CA LEU G 13 39.78 -25.60 14.85
C LEU G 13 40.23 -24.50 15.78
N ILE G 14 40.65 -24.85 17.00
CA ILE G 14 41.17 -23.86 17.93
C ILE G 14 42.42 -23.20 17.36
N ARG G 15 43.24 -23.97 16.64
CA ARG G 15 44.42 -23.41 16.01
C ARG G 15 44.04 -22.50 14.85
N HIS G 16 43.10 -22.95 14.00
CA HIS G 16 42.70 -22.15 12.86
C HIS G 16 41.94 -20.90 13.29
N THR G 17 41.11 -21.02 14.33
CA THR G 17 40.35 -19.86 14.80
C THR G 17 41.24 -18.85 15.50
N GLU G 18 42.17 -19.33 16.34
CA GLU G 18 43.09 -18.42 17.01
C GLU G 18 44.02 -17.75 16.01
N GLU G 19 44.34 -18.44 14.93
CA GLU G 19 45.18 -17.85 13.88
C GLU G 19 44.42 -16.77 13.11
N LEU G 20 43.11 -17.00 12.89
CA LEU G 20 42.30 -16.00 12.21
C LEU G 20 42.14 -14.74 13.05
N ARG G 21 42.23 -14.86 14.38
CA ARG G 21 42.14 -13.68 15.23
C ARG G 21 43.32 -12.75 15.01
N GLU G 22 44.50 -13.32 14.74
CA GLU G 22 45.69 -12.49 14.50
C GLU G 22 45.65 -11.86 13.11
N LEU G 23 45.18 -12.62 12.11
CA LEU G 23 45.07 -12.07 10.77
C LEU G 23 44.04 -10.95 10.70
N LEU G 24 42.95 -11.06 11.48
CA LEU G 24 41.90 -10.05 11.46
C LEU G 24 42.22 -8.86 12.38
N GLU G 25 43.10 -9.05 13.37
CA GLU G 25 43.51 -7.99 14.30
C GLU G 25 44.59 -7.08 13.73
N LYS G 26 44.92 -7.18 12.44
CA LYS G 26 45.97 -6.37 11.83
C LYS G 26 45.46 -5.06 11.23
N LEU G 27 44.21 -5.02 10.78
CA LEU G 27 43.65 -3.78 10.24
C LEU G 27 42.53 -3.24 11.12
N GLU G 35 37.13 -3.47 11.83
CA GLU G 35 35.86 -2.80 12.06
C GLU G 35 34.75 -3.81 12.35
N GLU G 36 33.74 -3.84 11.46
CA GLU G 36 32.62 -4.74 11.66
C GLU G 36 33.04 -6.20 11.59
N TYR G 37 34.09 -6.50 10.81
CA TYR G 37 34.56 -7.88 10.68
C TYR G 37 35.16 -8.38 11.99
N LEU G 38 35.85 -7.51 12.73
CA LEU G 38 36.38 -7.91 14.03
C LEU G 38 35.26 -8.21 15.02
N LEU G 39 34.19 -7.40 14.98
CA LEU G 39 33.04 -7.70 15.82
C LEU G 39 32.39 -9.01 15.42
N GLU G 40 32.26 -9.25 14.11
CA GLU G 40 31.68 -10.50 13.63
C GLU G 40 32.57 -11.69 13.99
N LEU G 41 33.90 -11.49 13.98
CA LEU G 41 34.81 -12.55 14.39
C LEU G 41 34.69 -12.83 15.89
N LEU G 42 34.47 -11.77 16.69
CA LEU G 42 34.28 -11.97 18.13
C LEU G 42 33.10 -12.88 18.42
N GLU G 43 32.02 -12.75 17.63
CA GLU G 43 30.89 -13.66 17.77
C GLU G 43 31.31 -15.09 17.49
N ASN G 44 32.23 -15.28 16.53
CA ASN G 44 32.76 -16.61 16.26
C ASN G 44 33.63 -17.11 17.41
N LEU G 45 34.25 -16.18 18.15
CA LEU G 45 35.06 -16.60 19.30
C LEU G 45 34.18 -17.15 20.40
N VAL G 46 33.07 -16.48 20.70
CA VAL G 46 32.14 -17.00 21.70
C VAL G 46 31.52 -18.30 21.20
N ARG G 47 31.33 -18.44 19.89
CA ARG G 47 30.83 -19.68 19.33
C ARG G 47 31.85 -20.82 19.50
N LEU G 48 33.14 -20.51 19.32
CA LEU G 48 34.17 -21.52 19.54
C LEU G 48 34.28 -21.89 21.01
N ALA G 49 34.13 -20.90 21.89
CA ALA G 49 34.20 -21.17 23.32
C ALA G 49 33.06 -22.08 23.77
N HIS G 50 31.85 -21.86 23.24
CA HIS G 50 30.70 -22.64 23.67
C HIS G 50 30.80 -24.10 23.25
N VAL G 51 31.32 -24.38 22.05
CA VAL G 51 31.48 -25.78 21.65
C VAL G 51 32.56 -26.46 22.48
N ILE G 52 33.66 -25.75 22.72
CA ILE G 52 34.75 -26.30 23.53
C ILE G 52 34.28 -26.56 24.97
N ALA G 53 33.41 -25.69 25.49
CA ALA G 53 32.91 -25.89 26.85
C ALA G 53 32.05 -27.14 26.95
N GLU G 54 31.19 -27.38 25.94
CA GLU G 54 30.36 -28.58 25.94
C GLU G 54 31.17 -29.83 25.62
N VAL G 55 32.30 -29.67 24.92
CA VAL G 55 33.12 -30.83 24.54
C VAL G 55 33.95 -31.33 25.72
N ALA G 56 34.35 -30.44 26.62
CA ALA G 56 35.21 -30.82 27.74
C ALA G 56 34.49 -31.67 28.79
N ARG G 57 33.15 -31.65 28.79
CA ARG G 57 32.41 -32.40 29.81
C ARG G 57 32.56 -33.91 29.65
N GLU G 58 32.84 -34.40 28.44
CA GLU G 58 32.99 -35.84 28.23
C GLU G 58 34.44 -36.32 28.32
N GLN G 59 35.40 -35.40 28.49
CA GLN G 59 36.80 -35.77 28.54
C GLN G 59 37.50 -35.41 29.83
N GLY G 60 36.91 -34.53 30.65
CA GLY G 60 37.53 -34.12 31.90
C GLY G 60 38.72 -33.19 31.76
N ASN G 61 39.19 -32.94 30.54
CA ASN G 61 40.30 -32.03 30.31
C ASN G 61 39.95 -30.62 30.75
N GLU G 62 40.37 -30.24 31.95
CA GLU G 62 40.09 -28.90 32.47
C GLU G 62 40.85 -27.82 31.72
N GLU G 63 41.90 -28.17 30.98
CA GLU G 63 42.61 -27.17 30.19
C GLU G 63 41.72 -26.62 29.09
N LEU G 64 41.03 -27.49 28.36
CA LEU G 64 40.04 -27.00 27.39
C LEU G 64 38.95 -26.21 28.08
N LEU G 65 38.58 -26.60 29.30
CA LEU G 65 37.66 -25.79 30.08
C LEU G 65 38.30 -24.46 30.46
N GLU G 66 39.57 -24.50 30.88
CA GLU G 66 40.28 -23.27 31.22
C GLU G 66 40.56 -22.43 29.97
N GLU G 67 40.88 -23.10 28.85
CA GLU G 67 41.10 -22.39 27.59
C GLU G 67 39.81 -21.79 27.06
N ALA G 68 38.67 -22.46 27.27
CA ALA G 68 37.40 -21.92 26.80
C ALA G 68 37.06 -20.61 27.51
N ALA G 69 37.37 -20.52 28.80
CA ALA G 69 37.15 -19.27 29.51
C ALA G 69 38.14 -18.21 29.07
N ARG G 70 39.40 -18.61 28.84
CA ARG G 70 40.38 -17.67 28.31
C ARG G 70 39.99 -17.20 26.91
N LEU G 71 39.53 -18.13 26.07
CA LEU G 71 39.07 -17.75 24.74
C LEU G 71 37.81 -16.90 24.82
N ALA G 72 36.87 -17.27 25.69
CA ALA G 72 35.66 -16.48 25.84
C ALA G 72 35.96 -15.10 26.43
N GLU G 73 36.79 -15.06 27.47
CA GLU G 73 37.11 -13.79 28.11
C GLU G 73 37.87 -12.87 27.15
N GLU G 74 38.77 -13.44 26.35
CA GLU G 74 39.51 -12.64 25.38
C GLU G 74 38.56 -12.02 24.36
N ALA G 75 37.45 -12.68 24.06
CA ALA G 75 36.44 -12.12 23.17
C ALA G 75 35.60 -11.07 23.88
N ALA G 76 35.31 -11.28 25.17
CA ALA G 76 34.46 -10.34 25.90
C ALA G 76 35.14 -8.99 26.10
N ARG G 77 36.45 -9.00 26.39
CA ARG G 77 37.15 -7.74 26.64
C ARG G 77 37.17 -6.84 25.41
N GLN G 78 37.44 -7.41 24.23
CA GLN G 78 37.47 -6.60 23.01
C GLN G 78 36.12 -5.99 22.68
N ALA G 79 35.02 -6.68 23.02
CA ALA G 79 33.70 -6.16 22.69
C ALA G 79 33.34 -4.93 23.53
N GLU G 80 33.61 -4.98 24.83
CA GLU G 80 33.27 -3.84 25.69
C GLU G 80 34.06 -2.60 25.33
N GLU G 81 35.35 -2.77 25.01
CA GLU G 81 36.17 -1.62 24.64
C GLU G 81 35.74 -1.05 23.29
N LEU G 82 35.47 -1.92 22.32
CA LEU G 82 34.97 -1.44 21.03
C LEU G 82 33.58 -0.86 21.17
N ALA G 83 32.76 -1.41 22.08
CA ALA G 83 31.45 -0.82 22.34
C ALA G 83 31.58 0.55 22.95
N ARG G 84 32.51 0.72 23.90
CA ARG G 84 32.75 2.03 24.48
C ARG G 84 33.29 2.99 23.44
N GLU G 85 34.17 2.51 22.57
CA GLU G 85 34.68 3.35 21.48
C GLU G 85 33.59 3.71 20.50
N ALA G 86 32.73 2.75 20.16
CA ALA G 86 31.64 3.02 19.22
C ALA G 86 30.51 3.81 19.86
N ARG G 87 30.28 3.64 21.17
CA ARG G 87 29.25 4.42 21.86
C ARG G 87 29.67 5.87 21.97
N ARG G 88 30.97 6.11 22.13
CA ARG G 88 31.54 7.45 22.22
C ARG G 88 31.65 8.13 20.87
N GLU G 89 31.82 7.35 19.81
CA GLU G 89 31.92 7.86 18.45
C GLU G 89 30.58 7.87 17.70
N ASN G 91 28.67 5.86 15.76
CA ASN G 91 28.16 4.61 15.19
C ASN G 91 27.35 3.83 16.21
N LEU G 92 26.04 4.11 16.29
CA LEU G 92 25.22 3.46 17.30
C LEU G 92 24.90 2.02 16.93
N GLU G 93 24.72 1.74 15.64
CA GLU G 93 24.51 0.36 15.20
C GLU G 93 25.70 -0.51 15.55
N LEU G 94 26.91 0.01 15.33
CA LEU G 94 28.12 -0.74 15.70
C LEU G 94 28.26 -0.83 17.22
N ALA G 95 27.87 0.22 17.94
CA ALA G 95 27.93 0.17 19.40
C ALA G 95 26.99 -0.87 19.95
N LEU G 96 25.77 -0.93 19.42
CA LEU G 96 24.81 -1.94 19.86
C LEU G 96 25.25 -3.33 19.42
N LYS G 97 25.92 -3.44 18.27
CA LYS G 97 26.40 -4.74 17.81
C LYS G 97 27.53 -5.29 18.68
N ALA G 98 28.37 -4.42 19.24
CA ALA G 98 29.45 -4.89 20.09
C ALA G 98 28.91 -5.37 21.44
N LEU G 99 27.94 -4.66 22.02
CA LEU G 99 27.38 -5.05 23.31
C LEU G 99 26.66 -6.39 23.23
N GLN G 100 26.05 -6.70 22.09
CA GLN G 100 25.38 -7.99 21.90
C GLN G 100 26.36 -9.15 22.06
N ILE G 101 27.61 -8.96 21.62
CA ILE G 101 28.62 -10.00 21.77
C ILE G 101 28.90 -10.28 23.24
N LEU G 102 28.88 -9.24 24.07
CA LEU G 102 29.15 -9.42 25.50
C LEU G 102 28.07 -10.25 26.17
N VAL G 103 26.80 -9.97 25.87
CA VAL G 103 25.71 -10.73 26.49
C VAL G 103 25.80 -12.20 26.10
N ASN G 104 26.00 -12.48 24.81
CA ASN G 104 26.13 -13.86 24.37
C ASN G 104 27.37 -14.52 24.97
N ALA G 105 28.47 -13.76 25.08
CA ALA G 105 29.67 -14.29 25.70
C ALA G 105 29.52 -14.43 27.22
N ALA G 106 28.66 -13.60 27.82
CA ALA G 106 28.42 -13.70 29.26
C ALA G 106 27.71 -15.00 29.61
N TYR G 107 26.75 -15.41 28.77
CA TYR G 107 26.04 -16.67 29.02
C TYR G 107 26.99 -17.86 28.94
N VAL G 108 27.97 -17.79 28.03
CA VAL G 108 28.97 -18.85 27.89
C VAL G 108 29.78 -18.96 29.18
N LEU G 109 30.09 -17.81 29.79
CA LEU G 109 30.84 -17.82 31.04
C LEU G 109 30.03 -18.44 32.17
N ALA G 110 28.72 -18.22 32.19
CA ALA G 110 27.91 -18.83 33.23
C ALA G 110 27.87 -20.35 33.06
N GLU G 111 27.51 -20.82 31.85
CA GLU G 111 27.52 -22.26 31.57
C GLU G 111 28.87 -22.91 31.87
N ILE G 112 29.94 -22.12 32.00
CA ILE G 112 31.26 -22.68 32.29
C ILE G 112 31.58 -22.63 33.78
N ALA G 113 31.03 -21.67 34.52
CA ALA G 113 31.32 -21.57 35.94
C ALA G 113 30.49 -22.57 36.74
N ARG G 114 29.16 -22.48 36.63
CA ARG G 114 28.27 -23.30 37.46
C ARG G 114 28.55 -24.78 37.30
N ASP G 115 28.95 -25.21 36.10
CA ASP G 115 29.36 -26.60 35.91
C ASP G 115 30.59 -26.92 36.73
N ARG G 116 31.63 -26.09 36.61
CA ARG G 116 32.81 -26.26 37.46
C ARG G 116 32.58 -25.73 38.87
N GLY G 117 31.55 -24.90 39.07
CA GLY G 117 31.26 -24.35 40.38
C GLY G 117 32.21 -23.26 40.84
N ASN G 118 33.06 -22.73 39.97
CA ASN G 118 34.05 -21.75 40.37
C ASN G 118 33.37 -20.49 40.91
N GLU G 119 33.89 -20.00 42.03
CA GLU G 119 33.30 -18.83 42.68
C GLU G 119 33.65 -17.55 41.96
N GLU G 120 34.93 -17.38 41.60
CA GLU G 120 35.37 -16.13 40.98
C GLU G 120 34.83 -15.98 39.56
N LEU G 121 34.81 -17.08 38.79
CA LEU G 121 34.37 -17.01 37.41
C LEU G 121 32.88 -16.67 37.32
N LEU G 122 32.06 -17.33 38.14
CA LEU G 122 30.62 -17.06 38.12
C LEU G 122 30.32 -15.64 38.58
N GLU G 123 31.18 -15.07 39.43
CA GLU G 123 30.99 -13.69 39.86
C GLU G 123 31.34 -12.70 38.75
N LYS G 124 32.33 -13.03 37.92
CA LYS G 124 32.74 -12.12 36.85
C LYS G 124 31.74 -12.10 35.71
N ALA G 125 31.11 -13.24 35.41
CA ALA G 125 30.11 -13.26 34.35
C ALA G 125 28.92 -12.37 34.71
N GLU G 126 28.41 -12.48 35.93
CA GLU G 126 27.29 -11.65 36.35
C GLU G 126 27.70 -10.17 36.38
N ARG G 127 28.91 -9.87 36.85
CA ARG G 127 29.36 -8.48 36.90
C ARG G 127 29.55 -7.91 35.50
N LEU G 128 30.12 -8.70 34.58
CA LEU G 128 30.34 -8.22 33.22
C LEU G 128 29.02 -7.99 32.49
N ALA G 129 28.07 -8.91 32.66
CA ALA G 129 26.80 -8.78 31.95
C ALA G 129 26.02 -7.57 32.42
N ARG G 130 26.13 -7.22 33.69
CA ARG G 130 25.44 -6.04 34.21
C ARG G 130 25.94 -4.77 33.53
N GLU G 131 27.26 -4.69 33.31
CA GLU G 131 27.83 -3.51 32.63
C GLU G 131 27.30 -3.38 31.20
N ALA G 132 27.13 -4.51 30.51
CA ALA G 132 26.60 -4.46 29.15
C ALA G 132 25.17 -3.94 29.14
N LEU G 133 24.35 -4.40 30.09
CA LEU G 133 22.97 -3.92 30.18
C LEU G 133 22.92 -2.43 30.43
N ARG G 134 23.84 -1.91 31.24
CA ARG G 134 23.87 -0.47 31.52
C ARG G 134 24.29 0.31 30.28
N GLN G 135 25.29 -0.17 29.55
CA GLN G 135 25.69 0.49 28.31
C GLN G 135 24.56 0.44 27.30
N VAL G 136 23.89 -0.72 27.21
CA VAL G 136 22.74 -0.84 26.32
C VAL G 136 21.58 0.00 26.84
N ARG G 137 21.43 0.11 28.16
CA ARG G 137 20.38 0.96 28.71
C ARG G 137 20.67 2.43 28.42
N GLU G 138 21.92 2.85 28.56
CA GLU G 138 22.28 4.22 28.22
C GLU G 138 22.09 4.49 26.74
N ILE G 139 22.39 3.49 25.90
CA ILE G 139 22.21 3.65 24.46
C ILE G 139 20.72 3.65 24.11
N SER G 140 19.90 2.90 24.86
CA SER G 140 18.48 2.85 24.57
C SER G 140 17.82 4.22 24.79
N LYS G 141 18.20 4.91 25.86
CA LYS G 141 17.62 6.22 26.11
C LYS G 141 18.05 7.21 25.04
N ARG G 142 19.32 7.17 24.65
CA ARG G 142 19.79 8.03 23.57
C ARG G 142 19.17 7.65 22.24
N LEU G 143 19.07 6.34 21.95
CA LEU G 143 18.51 5.91 20.68
C LEU G 143 16.99 6.13 20.63
N GLN G 144 16.30 5.96 21.77
CA GLN G 144 14.86 6.22 21.78
C GLN G 144 14.56 7.70 21.67
N LYS G 145 15.36 8.54 22.33
CA LYS G 145 15.15 9.98 22.24
C LYS G 145 15.57 10.52 20.88
N GLU G 146 16.71 10.04 20.34
CA GLU G 146 17.18 10.53 19.06
C GLU G 146 16.28 10.15 17.89
N GLY G 147 15.15 9.51 18.14
CA GLY G 147 14.21 9.19 17.07
C GLY G 147 14.62 8.09 16.13
N ASN G 148 15.70 7.37 16.40
CA ASN G 148 16.08 6.26 15.54
C ASN G 148 15.25 5.06 15.95
N ILE G 149 14.20 4.77 15.17
CA ILE G 149 13.27 3.72 15.55
C ILE G 149 13.84 2.35 15.21
N GLU G 150 14.55 2.25 14.08
CA GLU G 150 15.16 0.98 13.70
C GLU G 150 16.14 0.53 14.77
N LEU G 151 17.00 1.44 15.23
CA LEU G 151 17.91 1.12 16.32
C LEU G 151 17.16 0.97 17.64
N ALA G 152 16.08 1.73 17.84
CA ALA G 152 15.28 1.56 19.05
C ALA G 152 14.58 0.21 19.05
N LEU G 153 14.01 -0.17 17.91
CA LEU G 153 13.36 -1.48 17.80
C LEU G 153 14.37 -2.60 17.97
N LYS G 154 15.56 -2.45 17.40
CA LYS G 154 16.61 -3.44 17.58
C LYS G 154 17.15 -3.44 19.00
N ALA G 155 17.15 -2.27 19.66
CA ALA G 155 17.65 -2.17 21.03
C ALA G 155 16.78 -2.92 22.03
N ASN G 156 15.46 -2.91 21.84
CA ASN G 156 14.58 -3.59 22.79
C ASN G 156 14.82 -5.09 22.80
N ARG G 157 15.10 -5.69 21.63
CA ARG G 157 15.40 -7.12 21.60
C ARG G 157 16.69 -7.43 22.36
N LEU G 158 17.68 -6.53 22.26
CA LEU G 158 18.91 -6.73 23.03
C LEU G 158 18.64 -6.62 24.52
N LEU G 159 17.87 -5.62 24.94
CA LEU G 159 17.51 -5.50 26.35
C LEU G 159 16.65 -6.67 26.79
N ILE G 160 15.83 -7.21 25.89
CA ILE G 160 15.02 -8.37 26.22
C ILE G 160 15.90 -9.60 26.41
N ASP G 161 16.80 -9.83 25.45
CA ASP G 161 17.71 -10.97 25.53
C ASP G 161 18.75 -10.82 26.65
N ALA G 162 19.04 -9.59 27.07
CA ALA G 162 19.98 -9.38 28.16
C ALA G 162 19.38 -9.80 29.50
N LEU G 163 18.09 -9.54 29.71
CA LEU G 163 17.43 -9.91 30.96
C LEU G 163 17.41 -11.42 31.18
N ARG G 164 17.33 -12.20 30.10
CA ARG G 164 17.35 -13.65 30.23
C ARG G 164 18.68 -14.14 30.80
N VAL G 165 19.78 -13.46 30.45
CA VAL G 165 21.09 -13.87 30.95
C VAL G 165 21.21 -13.60 32.44
N LEU G 166 20.74 -12.43 32.90
CA LEU G 166 20.85 -12.11 34.31
C LEU G 166 20.07 -13.10 35.16
N VAL G 167 18.89 -13.51 34.71
CA VAL G 167 18.12 -14.50 35.46
C VAL G 167 18.84 -15.85 35.41
N ARG G 168 19.39 -16.20 34.25
CA ARG G 168 20.15 -17.44 34.14
C ARG G 168 21.50 -17.38 34.85
N ILE G 169 22.09 -16.19 35.01
CA ILE G 169 23.39 -16.05 35.65
C ILE G 169 23.32 -15.98 37.18
N MET G 170 22.12 -15.89 37.75
CA MET G 170 22.00 -15.82 39.20
C MET G 170 21.70 -17.17 39.84
N ARG G 171 21.56 -18.23 39.04
CA ARG G 171 21.33 -19.58 39.57
C ARG G 171 22.21 -20.59 38.85
N ILE H 6 -6.95 -32.38 14.27
CA ILE H 6 -7.20 -33.25 15.41
C ILE H 6 -6.54 -34.60 15.20
N GLU H 7 -5.21 -34.62 15.36
CA GLU H 7 -4.41 -35.83 15.27
C GLU H 7 -4.32 -36.38 13.85
N LYS H 8 -4.41 -35.51 12.84
CA LYS H 8 -4.26 -35.91 11.44
C LYS H 8 -3.44 -34.92 10.63
N LEU H 9 -2.97 -33.82 11.25
CA LEU H 9 -2.22 -32.78 10.54
C LEU H 9 -0.91 -33.26 9.90
N VAL H 10 -0.34 -34.39 10.37
CA VAL H 10 1.01 -34.77 9.95
C VAL H 10 1.06 -35.20 8.48
N GLU H 11 -0.02 -35.78 7.96
CA GLU H 11 0.01 -36.27 6.58
C GLU H 11 0.04 -35.14 5.55
N GLU H 12 -0.76 -34.10 5.78
CA GLU H 12 -0.86 -33.00 4.82
C GLU H 12 0.47 -32.28 4.61
N LEU H 13 1.24 -32.08 5.68
CA LEU H 13 2.49 -31.31 5.56
C LEU H 13 3.51 -32.04 4.70
N ILE H 14 3.65 -33.36 4.88
CA ILE H 14 4.60 -34.14 4.08
C ILE H 14 4.23 -34.10 2.61
N ARG H 15 2.93 -34.07 2.30
CA ARG H 15 2.49 -34.09 0.91
C ARG H 15 2.81 -32.79 0.18
N HIS H 16 2.62 -31.65 0.84
CA HIS H 16 2.82 -30.35 0.17
C HIS H 16 4.27 -30.12 -0.23
N THR H 17 5.23 -30.59 0.57
CA THR H 17 6.64 -30.31 0.31
C THR H 17 7.20 -31.04 -0.91
N GLU H 18 6.78 -32.31 -1.11
CA GLU H 18 7.45 -33.14 -2.11
C GLU H 18 7.31 -32.63 -3.54
N GLU H 19 6.20 -31.96 -3.87
CA GLU H 19 6.03 -31.45 -5.23
C GLU H 19 6.93 -30.25 -5.51
N LEU H 20 7.09 -29.36 -4.52
CA LEU H 20 7.92 -28.16 -4.71
C LEU H 20 9.40 -28.47 -4.88
N ARG H 21 9.88 -29.60 -4.34
CA ARG H 21 11.30 -29.92 -4.45
C ARG H 21 11.73 -30.15 -5.89
N GLU H 22 10.86 -30.76 -6.70
CA GLU H 22 11.19 -30.99 -8.11
C GLU H 22 11.03 -29.73 -8.94
N LEU H 23 9.98 -28.95 -8.66
CA LEU H 23 9.75 -27.72 -9.42
C LEU H 23 10.88 -26.72 -9.23
N LEU H 24 11.45 -26.68 -8.02
CA LEU H 24 12.57 -25.81 -7.68
C LEU H 24 13.91 -26.39 -8.13
N GLU H 25 13.96 -27.70 -8.37
CA GLU H 25 15.19 -28.39 -8.75
C GLU H 25 15.61 -28.17 -10.19
N LYS H 26 14.69 -27.79 -11.07
CA LYS H 26 15.07 -27.63 -12.47
C LYS H 26 14.39 -26.44 -13.13
N LEU H 27 14.28 -25.32 -12.42
CA LEU H 27 13.73 -24.10 -12.98
C LEU H 27 14.72 -23.44 -13.94
N VAL H 28 15.63 -22.62 -13.39
CA VAL H 28 16.73 -22.07 -14.16
C VAL H 28 17.94 -22.99 -13.99
N LYS H 29 18.05 -23.64 -12.83
CA LYS H 29 19.15 -24.55 -12.58
C LYS H 29 18.94 -25.86 -13.36
N SER H 34 20.27 -19.11 -10.78
CA SER H 34 19.28 -18.98 -9.71
C SER H 34 19.29 -20.21 -8.82
N GLU H 35 20.48 -20.71 -8.50
CA GLU H 35 20.63 -21.86 -7.63
C GLU H 35 20.40 -21.53 -6.16
N GLU H 36 20.37 -20.25 -5.80
CA GLU H 36 20.22 -19.87 -4.40
C GLU H 36 18.86 -20.30 -3.85
N TYR H 37 17.83 -20.38 -4.72
CA TYR H 37 16.53 -20.82 -4.25
C TYR H 37 16.54 -22.29 -3.84
N LEU H 38 17.33 -23.11 -4.54
CA LEU H 38 17.43 -24.52 -4.18
C LEU H 38 18.08 -24.71 -2.83
N LEU H 39 19.09 -23.90 -2.51
CA LEU H 39 19.71 -23.99 -1.20
C LEU H 39 18.72 -23.59 -0.10
N GLU H 40 17.95 -22.53 -0.33
CA GLU H 40 16.94 -22.14 0.63
C GLU H 40 15.84 -23.19 0.73
N LEU H 41 15.50 -23.81 -0.40
CA LEU H 41 14.54 -24.91 -0.38
C LEU H 41 15.10 -26.15 0.31
N LEU H 42 16.37 -26.47 0.04
CA LEU H 42 17.00 -27.61 0.70
C LEU H 42 17.10 -27.42 2.20
N GLU H 43 17.42 -26.20 2.65
CA GLU H 43 17.46 -25.92 4.08
C GLU H 43 16.10 -26.11 4.73
N ASN H 44 15.03 -25.84 3.98
CA ASN H 44 13.66 -26.04 4.46
C ASN H 44 13.34 -27.52 4.70
N LEU H 45 14.02 -28.43 4.00
CA LEU H 45 13.76 -29.84 4.18
C LEU H 45 14.16 -30.32 5.57
N VAL H 46 15.34 -29.92 6.05
CA VAL H 46 15.77 -30.33 7.38
C VAL H 46 14.86 -29.74 8.45
N ARG H 47 14.30 -28.55 8.20
CA ARG H 47 13.35 -27.99 9.16
C ARG H 47 12.09 -28.85 9.24
N LEU H 48 11.61 -29.32 8.09
CA LEU H 48 10.48 -30.25 8.06
C LEU H 48 10.89 -31.66 8.51
N ALA H 49 12.10 -32.09 8.15
CA ALA H 49 12.55 -33.43 8.49
C ALA H 49 12.66 -33.65 9.99
N HIS H 50 13.19 -32.66 10.72
CA HIS H 50 13.27 -32.78 12.16
C HIS H 50 11.90 -32.73 12.81
N VAL H 51 10.98 -31.93 12.25
CA VAL H 51 9.64 -31.82 12.81
C VAL H 51 8.87 -33.12 12.64
N ILE H 52 8.99 -33.77 11.47
CA ILE H 52 8.30 -35.05 11.27
C ILE H 52 8.85 -36.09 12.24
N ALA H 53 10.16 -36.06 12.48
CA ALA H 53 10.75 -36.97 13.46
C ALA H 53 10.31 -36.61 14.88
N GLU H 54 10.23 -35.30 15.19
CA GLU H 54 9.80 -34.88 16.52
C GLU H 54 8.33 -35.15 16.74
N VAL H 55 7.53 -35.19 15.67
CA VAL H 55 6.13 -35.52 15.81
C VAL H 55 5.97 -37.04 15.92
N ALA H 56 6.81 -37.80 15.23
CA ALA H 56 6.67 -39.26 15.25
C ALA H 56 7.10 -39.85 16.59
N ARG H 57 7.95 -39.14 17.34
CA ARG H 57 8.35 -39.61 18.66
C ARG H 57 7.18 -39.45 19.64
N GLU H 58 6.01 -39.93 19.26
CA GLU H 58 4.82 -39.74 20.08
C GLU H 58 3.72 -40.72 19.70
N ASN H 61 3.15 -42.73 12.78
CA ASN H 61 3.67 -44.06 13.07
C ASN H 61 5.17 -44.12 12.82
N GLU H 62 5.75 -45.31 12.96
CA GLU H 62 7.17 -45.49 12.68
C GLU H 62 7.48 -45.24 11.21
N GLU H 63 6.51 -45.48 10.32
CA GLU H 63 6.72 -45.17 8.91
C GLU H 63 6.88 -43.67 8.71
N LEU H 64 6.13 -42.86 9.48
CA LEU H 64 6.34 -41.42 9.45
C LEU H 64 7.69 -41.05 10.07
N LEU H 65 8.14 -41.79 11.08
CA LEU H 65 9.48 -41.56 11.63
C LEU H 65 10.55 -41.92 10.61
N GLU H 66 10.38 -43.04 9.91
CA GLU H 66 11.35 -43.48 8.90
C GLU H 66 11.39 -42.53 7.70
N GLU H 67 10.26 -41.93 7.33
CA GLU H 67 10.24 -41.00 6.21
C GLU H 67 11.10 -39.78 6.49
N ALA H 68 11.18 -39.36 7.76
CA ALA H 68 12.03 -38.23 8.10
C ALA H 68 13.50 -38.55 7.84
N ALA H 69 13.92 -39.79 8.08
CA ALA H 69 15.30 -40.17 7.81
C ALA H 69 15.58 -40.24 6.32
N ARG H 70 14.64 -40.74 5.53
CA ARG H 70 14.81 -40.72 4.09
C ARG H 70 14.83 -39.29 3.56
N LEU H 71 13.92 -38.45 4.06
CA LEU H 71 13.87 -37.05 3.65
C LEU H 71 15.11 -36.29 4.07
N ALA H 72 15.60 -36.52 5.29
CA ALA H 72 16.80 -35.83 5.75
C ALA H 72 18.02 -36.25 4.94
N GLU H 73 18.18 -37.55 4.70
CA GLU H 73 19.33 -38.03 3.94
C GLU H 73 19.30 -37.53 2.51
N GLU H 74 18.11 -37.49 1.90
CA GLU H 74 18.00 -37.02 0.52
C GLU H 74 18.41 -35.56 0.38
N ALA H 75 18.23 -34.77 1.44
CA ALA H 75 18.67 -33.37 1.40
C ALA H 75 20.19 -33.28 1.54
N ALA H 76 20.79 -34.16 2.34
CA ALA H 76 22.24 -34.11 2.53
C ALA H 76 22.96 -34.47 1.24
N ARG H 77 22.46 -35.46 0.50
CA ARG H 77 23.09 -35.84 -0.76
C ARG H 77 23.03 -34.69 -1.78
N GLN H 78 21.88 -34.03 -1.88
CA GLN H 78 21.77 -32.88 -2.77
C GLN H 78 22.68 -31.75 -2.32
N ALA H 79 22.88 -31.60 -1.02
CA ALA H 79 23.77 -30.56 -0.52
C ALA H 79 25.22 -30.90 -0.84
N GLU H 80 25.60 -32.16 -0.64
CA GLU H 80 26.96 -32.58 -0.95
C GLU H 80 27.22 -32.48 -2.45
N GLU H 81 26.23 -32.84 -3.28
CA GLU H 81 26.41 -32.77 -4.72
C GLU H 81 26.51 -31.33 -5.20
N LEU H 82 25.65 -30.45 -4.68
CA LEU H 82 25.71 -29.05 -5.05
C LEU H 82 26.98 -28.37 -4.51
N ALA H 83 27.46 -28.81 -3.35
CA ALA H 83 28.70 -28.26 -2.81
C ALA H 83 29.90 -28.62 -3.68
N ARG H 84 29.96 -29.86 -4.15
CA ARG H 84 31.07 -30.27 -5.02
C ARG H 84 31.04 -29.50 -6.34
N GLU H 85 29.84 -29.32 -6.92
CA GLU H 85 29.72 -28.58 -8.17
C GLU H 85 30.08 -27.12 -7.98
N ALA H 86 29.66 -26.52 -6.87
CA ALA H 86 29.96 -25.13 -6.59
C ALA H 86 31.43 -24.95 -6.19
N ARG H 87 32.03 -25.99 -5.60
CA ARG H 87 33.44 -25.94 -5.24
C ARG H 87 34.33 -25.88 -6.46
N ARG H 88 33.93 -26.56 -7.54
CA ARG H 88 34.71 -26.58 -8.78
C ARG H 88 34.51 -25.33 -9.63
N GLU H 89 33.36 -24.66 -9.48
CA GLU H 89 33.05 -23.49 -10.28
C GLU H 89 33.71 -22.21 -9.77
N GLY H 90 34.23 -22.19 -8.54
CA GLY H 90 34.88 -21.02 -7.99
C GLY H 90 33.98 -20.16 -7.12
N ASN H 91 32.68 -20.19 -7.34
CA ASN H 91 31.74 -19.49 -6.47
C ASN H 91 31.81 -20.10 -5.08
N LEU H 92 32.74 -19.61 -4.26
CA LEU H 92 33.00 -20.23 -2.97
C LEU H 92 31.94 -19.91 -1.93
N GLU H 93 31.36 -18.70 -1.97
CA GLU H 93 30.30 -18.37 -1.03
C GLU H 93 29.13 -19.33 -1.19
N LEU H 94 28.79 -19.67 -2.44
CA LEU H 94 27.73 -20.64 -2.68
C LEU H 94 28.14 -22.03 -2.22
N ALA H 95 29.43 -22.37 -2.37
CA ALA H 95 29.90 -23.68 -1.92
C ALA H 95 29.79 -23.80 -0.41
N LEU H 96 30.18 -22.75 0.32
CA LEU H 96 30.08 -22.76 1.77
C LEU H 96 28.62 -22.71 2.24
N LYS H 97 27.75 -22.05 1.47
CA LYS H 97 26.34 -21.96 1.84
C LYS H 97 25.64 -23.31 1.76
N ALA H 98 26.05 -24.17 0.83
CA ALA H 98 25.44 -25.49 0.72
C ALA H 98 25.81 -26.38 1.90
N LEU H 99 27.06 -26.29 2.37
CA LEU H 99 27.50 -27.13 3.47
C LEU H 99 26.74 -26.85 4.76
N GLN H 100 26.31 -25.60 4.98
CA GLN H 100 25.53 -25.31 6.18
C GLN H 100 24.24 -26.12 6.20
N ILE H 101 23.59 -26.30 5.04
CA ILE H 101 22.41 -27.15 4.97
C ILE H 101 22.78 -28.60 5.24
N LEU H 102 23.93 -29.05 4.71
CA LEU H 102 24.36 -30.43 4.91
C LEU H 102 24.70 -30.70 6.37
N VAL H 103 25.43 -29.79 7.02
CA VAL H 103 25.77 -29.97 8.42
C VAL H 103 24.51 -30.06 9.26
N ASN H 104 23.56 -29.16 9.02
CA ASN H 104 22.28 -29.21 9.73
C ASN H 104 21.52 -30.48 9.40
N ALA H 105 21.64 -30.97 8.17
CA ALA H 105 20.97 -32.22 7.81
C ALA H 105 21.59 -33.41 8.51
N ALA H 106 22.88 -33.32 8.85
CA ALA H 106 23.52 -34.38 9.62
C ALA H 106 22.95 -34.41 11.03
N TYR H 107 22.69 -33.24 11.60
CA TYR H 107 22.10 -33.16 12.93
C TYR H 107 20.69 -33.75 12.94
N VAL H 108 19.92 -33.50 11.88
CA VAL H 108 18.57 -34.08 11.80
C VAL H 108 18.66 -35.59 11.71
N LEU H 109 19.63 -36.09 10.94
CA LEU H 109 19.82 -37.54 10.86
C LEU H 109 20.35 -38.09 12.18
N ALA H 110 21.25 -37.34 12.83
CA ALA H 110 21.77 -37.79 14.11
C ALA H 110 20.70 -37.73 15.19
N GLU H 111 20.05 -36.56 15.36
CA GLU H 111 18.97 -36.41 16.34
C GLU H 111 17.90 -37.49 16.18
N ILE H 112 17.83 -38.12 15.02
CA ILE H 112 16.90 -39.23 14.82
C ILE H 112 17.59 -40.57 14.98
N ALA H 113 18.91 -40.63 14.70
CA ALA H 113 19.64 -41.88 14.85
C ALA H 113 19.83 -42.25 16.31
N ARG H 114 20.03 -41.25 17.18
CA ARG H 114 20.18 -41.51 18.61
C ARG H 114 18.93 -42.18 19.17
N ASP H 115 17.76 -41.80 18.66
CA ASP H 115 16.51 -42.47 19.06
C ASP H 115 16.26 -43.72 18.23
N ARG H 116 16.66 -43.70 16.95
CA ARG H 116 16.44 -44.88 16.11
C ARG H 116 17.34 -46.05 16.49
N GLY H 117 18.49 -45.79 17.12
CA GLY H 117 19.34 -46.84 17.64
C GLY H 117 20.11 -47.53 16.54
N ASN H 118 19.85 -47.10 15.31
CA ASN H 118 20.51 -47.61 14.13
C ASN H 118 21.92 -47.06 14.08
N GLU H 119 22.90 -47.89 14.44
CA GLU H 119 24.30 -47.47 14.40
C GLU H 119 24.72 -47.05 13.00
N GLU H 120 24.18 -47.72 11.97
CA GLU H 120 24.46 -47.31 10.59
C GLU H 120 23.93 -45.90 10.33
N LEU H 121 22.73 -45.59 10.81
CA LEU H 121 22.22 -44.23 10.74
C LEU H 121 23.02 -43.29 11.63
N LEU H 122 23.54 -43.80 12.76
CA LEU H 122 24.43 -43.01 13.59
C LEU H 122 25.83 -42.94 13.01
N GLU H 123 26.23 -43.96 12.24
CA GLU H 123 27.51 -43.91 11.52
C GLU H 123 27.44 -42.93 10.37
N LYS H 124 26.26 -42.79 9.77
CA LYS H 124 26.08 -41.88 8.63
C LYS H 124 26.17 -40.43 9.08
N ALA H 125 25.78 -40.15 10.33
CA ALA H 125 25.92 -38.79 10.84
C ALA H 125 27.38 -38.36 10.86
N GLU H 126 28.25 -39.23 11.38
CA GLU H 126 29.68 -38.90 11.37
C GLU H 126 30.24 -38.87 9.95
N ARG H 127 29.89 -39.87 9.13
CA ARG H 127 30.49 -39.97 7.79
C ARG H 127 30.11 -38.79 6.91
N LEU H 128 28.84 -38.39 6.92
CA LEU H 128 28.43 -37.24 6.12
C LEU H 128 29.08 -35.98 6.66
N ALA H 129 29.07 -35.81 7.99
CA ALA H 129 29.67 -34.63 8.59
C ALA H 129 31.20 -34.66 8.54
N ARG H 130 31.80 -35.85 8.76
CA ARG H 130 33.27 -35.94 8.73
C ARG H 130 33.82 -35.65 7.34
N GLU H 131 33.19 -36.21 6.30
CA GLU H 131 33.62 -35.91 4.94
C GLU H 131 33.40 -34.44 4.65
N ALA H 132 32.33 -33.87 5.17
CA ALA H 132 32.04 -32.44 4.98
C ALA H 132 33.15 -31.58 5.57
N LEU H 133 33.68 -31.98 6.74
CA LEU H 133 34.75 -31.22 7.36
C LEU H 133 35.95 -31.07 6.43
N ARG H 134 36.26 -32.11 5.64
CA ARG H 134 37.38 -32.01 4.71
C ARG H 134 37.10 -31.02 3.59
N GLN H 135 35.89 -31.04 3.03
CA GLN H 135 35.53 -30.07 1.99
C GLN H 135 35.51 -28.66 2.55
N VAL H 136 34.96 -28.49 3.76
CA VAL H 136 34.91 -27.17 4.38
C VAL H 136 36.30 -26.69 4.77
N ARG H 137 37.18 -27.61 5.18
CA ARG H 137 38.55 -27.22 5.50
C ARG H 137 39.33 -26.79 4.27
N GLU H 138 39.18 -27.53 3.16
CA GLU H 138 39.88 -27.16 1.93
C GLU H 138 39.40 -25.81 1.40
N ILE H 139 38.09 -25.53 1.55
CA ILE H 139 37.58 -24.24 1.08
C ILE H 139 38.08 -23.13 1.98
N SER H 140 38.26 -23.41 3.27
CA SER H 140 38.78 -22.42 4.21
C SER H 140 40.22 -22.05 3.88
N LYS H 141 41.05 -23.04 3.56
CA LYS H 141 42.45 -22.78 3.26
C LYS H 141 42.62 -21.97 1.98
N ARG H 142 41.85 -22.30 0.94
CA ARG H 142 41.93 -21.54 -0.30
C ARG H 142 41.40 -20.12 -0.11
N LEU H 143 40.32 -19.96 0.67
CA LEU H 143 39.78 -18.63 0.91
C LEU H 143 40.72 -17.78 1.75
N GLN H 144 41.46 -18.42 2.66
CA GLN H 144 42.47 -17.68 3.43
C GLN H 144 43.60 -17.23 2.53
N LYS H 145 43.97 -18.06 1.55
CA LYS H 145 45.00 -17.68 0.59
C LYS H 145 44.50 -16.56 -0.32
N GLU H 146 43.23 -16.65 -0.77
CA GLU H 146 42.69 -15.61 -1.63
C GLU H 146 42.45 -14.29 -0.88
N GLY H 147 42.72 -14.23 0.42
CA GLY H 147 42.60 -12.99 1.16
C GLY H 147 41.20 -12.44 1.36
N ASN H 148 40.16 -13.19 0.98
CA ASN H 148 38.80 -12.69 1.13
C ASN H 148 38.35 -12.93 2.57
N ILE H 149 38.28 -11.85 3.35
CA ILE H 149 38.01 -12.01 4.78
C ILE H 149 36.55 -12.33 5.04
N GLU H 150 35.63 -11.78 4.25
CA GLU H 150 34.21 -12.06 4.46
C GLU H 150 33.93 -13.56 4.32
N LEU H 151 34.43 -14.18 3.25
CA LEU H 151 34.26 -15.62 3.10
C LEU H 151 35.13 -16.40 4.08
N ALA H 152 36.30 -15.88 4.42
CA ALA H 152 37.16 -16.56 5.39
C ALA H 152 36.54 -16.55 6.78
N LEU H 153 35.95 -15.41 7.17
CA LEU H 153 35.33 -15.31 8.49
C LEU H 153 34.16 -16.27 8.62
N LYS H 154 33.34 -16.40 7.58
CA LYS H 154 32.23 -17.33 7.62
C LYS H 154 32.69 -18.78 7.63
N ALA H 155 33.83 -19.09 6.99
CA ALA H 155 34.31 -20.46 6.99
C ALA H 155 34.70 -20.92 8.38
N ASN H 156 35.31 -20.03 9.18
CA ASN H 156 35.62 -20.38 10.56
C ASN H 156 34.35 -20.56 11.38
N ARG H 157 33.35 -19.70 11.15
CA ARG H 157 32.08 -19.83 11.85
C ARG H 157 31.38 -21.13 11.48
N LEU H 158 31.45 -21.52 10.20
CA LEU H 158 30.88 -22.80 9.78
C LEU H 158 31.62 -23.94 10.44
N LEU H 159 32.96 -23.87 10.49
CA LEU H 159 33.74 -24.89 11.15
C LEU H 159 33.44 -24.95 12.64
N ILE H 160 33.08 -23.82 13.24
CA ILE H 160 32.70 -23.82 14.66
C ILE H 160 31.40 -24.60 14.84
N ASP H 161 30.40 -24.29 14.02
CA ASP H 161 29.14 -25.04 14.06
C ASP H 161 29.33 -26.46 13.56
N ALA H 162 30.36 -26.71 12.73
CA ALA H 162 30.64 -28.08 12.29
C ALA H 162 31.15 -28.92 13.45
N LEU H 163 31.98 -28.34 14.31
CA LEU H 163 32.45 -29.06 15.48
C LEU H 163 31.30 -29.41 16.42
N ARG H 164 30.30 -28.53 16.51
CA ARG H 164 29.15 -28.80 17.37
C ARG H 164 28.33 -29.98 16.89
N VAL H 165 28.18 -30.13 15.56
CA VAL H 165 27.40 -31.25 15.04
C VAL H 165 28.17 -32.57 15.18
N LEU H 166 29.45 -32.56 14.82
CA LEU H 166 30.26 -33.78 14.85
C LEU H 166 30.43 -34.32 16.26
N VAL H 167 30.61 -33.44 17.24
CA VAL H 167 30.84 -33.86 18.63
C VAL H 167 29.63 -34.63 19.17
N ARG H 168 28.43 -34.22 18.75
CA ARG H 168 27.21 -34.88 19.19
C ARG H 168 27.11 -36.33 18.73
N ILE H 169 27.89 -36.71 17.71
CA ILE H 169 27.86 -38.08 17.20
C ILE H 169 28.61 -39.04 18.10
N MET H 170 29.30 -38.52 19.12
CA MET H 170 29.96 -39.32 20.15
C MET H 170 29.07 -39.42 21.38
N ARG H 171 27.75 -39.48 21.17
CA ARG H 171 26.82 -39.41 22.29
C ARG H 171 26.74 -40.73 23.04
N HIS H 172 26.28 -41.79 22.37
CA HIS H 172 26.15 -43.09 23.02
C HIS H 172 27.13 -44.11 22.44
N GLU I 4 16.09 -12.84 43.89
CA GLU I 4 15.07 -12.06 44.58
C GLU I 4 14.83 -10.73 43.89
N LYS I 5 15.92 -10.10 43.46
CA LYS I 5 15.85 -8.84 42.73
C LYS I 5 15.46 -9.01 41.27
N ILE I 6 15.21 -10.25 40.85
CA ILE I 6 14.86 -10.51 39.45
C ILE I 6 13.55 -9.82 39.09
N GLU I 7 12.52 -10.01 39.93
CA GLU I 7 11.24 -9.37 39.68
C GLU I 7 11.39 -7.85 39.61
N LYS I 8 12.23 -7.28 40.47
CA LYS I 8 12.54 -5.86 40.34
C LYS I 8 13.34 -5.61 39.07
N LEU I 9 14.36 -6.45 38.81
CA LEU I 9 15.12 -6.29 37.57
C LEU I 9 14.24 -6.52 36.35
N VAL I 10 13.18 -7.31 36.51
CA VAL I 10 12.26 -7.60 35.41
C VAL I 10 11.40 -6.37 35.11
N GLU I 11 11.22 -5.50 36.10
CA GLU I 11 10.40 -4.31 35.93
C GLU I 11 11.02 -3.36 34.91
N GLU I 12 12.34 -3.24 34.92
CA GLU I 12 13.00 -2.33 33.96
C GLU I 12 12.70 -2.71 32.53
N LEU I 13 12.74 -4.01 32.20
CA LEU I 13 12.45 -4.44 30.84
C LEU I 13 10.97 -4.30 30.51
N ILE I 14 10.10 -4.70 31.44
CA ILE I 14 8.66 -4.61 31.20
C ILE I 14 8.23 -3.15 31.04
N ARG I 15 8.85 -2.25 31.81
CA ARG I 15 8.51 -0.84 31.70
C ARG I 15 9.04 -0.23 30.41
N HIS I 16 10.27 -0.56 30.04
CA HIS I 16 10.89 0.06 28.86
C HIS I 16 10.24 -0.40 27.55
N THR I 17 9.87 -1.67 27.45
CA THR I 17 9.35 -2.20 26.19
C THR I 17 7.93 -1.73 25.89
N GLU I 18 7.05 -1.72 26.91
CA GLU I 18 5.65 -1.37 26.72
C GLU I 18 5.42 0.08 26.31
N GLU I 19 6.32 0.99 26.70
CA GLU I 19 6.11 2.40 26.39
C GLU I 19 6.21 2.68 24.90
N LEU I 20 7.12 1.99 24.20
CA LEU I 20 7.24 2.14 22.75
C LEU I 20 6.01 1.61 22.01
N ARG I 21 5.26 0.67 22.59
CA ARG I 21 4.11 0.10 21.88
C ARG I 21 3.05 1.15 21.57
N GLU I 22 2.82 2.08 22.49
CA GLU I 22 1.86 3.15 22.21
C GLU I 22 2.50 4.24 21.35
N LEU I 23 3.76 4.57 21.65
CA LEU I 23 4.48 5.59 20.88
C LEU I 23 4.74 5.13 19.45
N LEU I 24 5.01 3.83 19.25
CA LEU I 24 5.24 3.35 17.89
C LEU I 24 3.93 3.06 17.17
N GLU I 25 2.84 2.81 17.92
CA GLU I 25 1.53 2.62 17.29
C GLU I 25 0.91 3.96 16.94
N LYS I 26 1.35 5.04 17.59
CA LYS I 26 0.91 6.39 17.29
C LYS I 26 1.81 7.05 16.25
N LEU I 27 3.08 6.65 16.22
CA LEU I 27 3.97 7.10 15.16
C LEU I 27 3.70 6.35 13.86
N VAL I 28 3.30 5.08 13.97
CA VAL I 28 2.87 4.33 12.79
C VAL I 28 1.54 4.88 12.26
N LYS I 29 0.60 5.12 13.16
CA LYS I 29 -0.65 5.79 12.80
C LYS I 29 -0.36 7.18 12.27
N HIS I 30 -0.27 7.30 10.95
CA HIS I 30 0.08 8.56 10.30
C HIS I 30 -0.34 8.54 8.84
N GLU I 35 6.47 1.17 7.98
CA GLU I 35 5.17 0.57 8.25
C GLU I 35 5.33 -0.77 8.96
N GLU I 36 6.32 -1.54 8.51
CA GLU I 36 6.67 -2.84 9.06
C GLU I 36 7.25 -2.77 10.47
N TYR I 37 7.55 -1.56 10.95
CA TYR I 37 8.20 -1.42 12.26
C TYR I 37 7.33 -1.93 13.40
N LEU I 38 6.01 -1.80 13.28
CA LEU I 38 5.13 -2.35 14.32
C LEU I 38 5.25 -3.87 14.39
N LEU I 39 5.44 -4.53 13.24
CA LEU I 39 5.65 -5.96 13.25
C LEU I 39 6.93 -6.32 13.98
N GLU I 40 8.01 -5.57 13.74
CA GLU I 40 9.25 -5.82 14.46
C GLU I 40 9.10 -5.51 15.94
N LEU I 41 8.33 -4.46 16.27
CA LEU I 41 8.09 -4.15 17.68
C LEU I 41 7.22 -5.21 18.34
N LEU I 42 6.17 -5.66 17.65
CA LEU I 42 5.33 -6.73 18.20
C LEU I 42 6.10 -8.03 18.33
N GLU I 43 6.92 -8.36 17.35
CA GLU I 43 7.75 -9.56 17.42
C GLU I 43 8.73 -9.52 18.59
N ASN I 44 9.25 -8.34 18.91
CA ASN I 44 10.14 -8.22 20.06
C ASN I 44 9.40 -8.47 21.36
N LEU I 45 8.10 -8.18 21.40
CA LEU I 45 7.31 -8.44 22.61
C LEU I 45 7.13 -9.94 22.85
N VAL I 46 6.81 -10.70 21.80
CA VAL I 46 6.60 -12.14 21.97
C VAL I 46 7.89 -12.83 22.38
N ARG I 47 9.03 -12.33 21.89
CA ARG I 47 10.31 -12.85 22.37
C ARG I 47 10.54 -12.42 23.81
N LEU I 48 10.17 -11.17 24.15
CA LEU I 48 10.27 -10.70 25.52
C LEU I 48 9.24 -11.38 26.41
N ALA I 49 8.03 -11.62 25.89
CA ALA I 49 7.00 -12.29 26.66
C ALA I 49 7.44 -13.69 27.06
N HIS I 50 8.16 -14.37 26.14
CA HIS I 50 8.67 -15.70 26.44
C HIS I 50 9.73 -15.64 27.54
N VAL I 51 10.51 -14.56 27.57
CA VAL I 51 11.52 -14.39 28.61
C VAL I 51 10.87 -14.20 29.98
N ILE I 52 9.80 -13.40 30.04
CA ILE I 52 9.12 -13.16 31.31
C ILE I 52 8.53 -14.45 31.86
N ALA I 53 8.05 -15.33 30.98
CA ALA I 53 7.50 -16.60 31.44
C ALA I 53 8.59 -17.49 32.04
N GLU I 54 9.77 -17.52 31.41
CA GLU I 54 10.86 -18.34 31.94
C GLU I 54 11.47 -17.77 33.22
N VAL I 55 11.41 -16.45 33.41
CA VAL I 55 11.95 -15.88 34.64
C VAL I 55 10.99 -16.06 35.79
N ALA I 56 9.68 -16.06 35.54
CA ALA I 56 8.71 -16.21 36.61
C ALA I 56 8.73 -17.62 37.20
N ARG I 57 9.19 -18.61 36.42
CA ARG I 57 9.32 -19.96 36.94
C ARG I 57 10.48 -20.07 37.94
N GLU I 58 11.47 -19.18 37.84
CA GLU I 58 12.54 -19.17 38.83
C GLU I 58 12.04 -18.65 40.16
N GLN I 59 11.24 -17.58 40.15
CA GLN I 59 10.68 -17.04 41.37
C GLN I 59 9.33 -17.64 41.73
N GLY I 60 8.74 -18.45 40.84
CA GLY I 60 7.45 -19.03 41.11
C GLY I 60 6.30 -18.06 41.16
N ASN I 61 6.50 -16.84 40.64
CA ASN I 61 5.48 -15.81 40.72
C ASN I 61 4.33 -16.11 39.77
N GLU I 62 3.13 -16.27 40.32
CA GLU I 62 1.94 -16.47 39.50
C GLU I 62 1.38 -15.15 38.97
N GLU I 63 1.84 -14.01 39.48
CA GLU I 63 1.38 -12.73 38.96
C GLU I 63 2.09 -12.38 37.65
N LEU I 64 3.40 -12.62 37.57
CA LEU I 64 4.13 -12.39 36.32
C LEU I 64 3.78 -13.44 35.27
N LEU I 65 3.52 -14.68 35.70
CA LEU I 65 3.08 -15.70 34.75
C LEU I 65 1.75 -15.34 34.12
N GLU I 66 0.80 -14.85 34.94
CA GLU I 66 -0.49 -14.44 34.41
C GLU I 66 -0.36 -13.21 33.53
N GLU I 67 0.54 -12.30 33.90
CA GLU I 67 0.81 -11.09 33.12
C GLU I 67 1.53 -11.41 31.79
N ALA I 68 2.34 -12.48 31.76
CA ALA I 68 3.12 -12.80 30.57
C ALA I 68 2.25 -13.09 29.36
N ALA I 69 1.09 -13.71 29.57
CA ALA I 69 0.19 -14.02 28.46
C ALA I 69 -0.43 -12.76 27.86
N ARG I 70 -0.69 -11.74 28.69
CA ARG I 70 -1.29 -10.50 28.19
C ARG I 70 -0.45 -9.84 27.12
N LEU I 71 0.87 -9.80 27.30
CA LEU I 71 1.73 -9.20 26.27
C LEU I 71 1.68 -9.99 24.98
N ALA I 72 1.72 -11.32 25.06
CA ALA I 72 1.65 -12.16 23.86
C ALA I 72 0.27 -12.07 23.21
N GLU I 73 -0.79 -12.19 24.02
CA GLU I 73 -2.14 -12.18 23.47
C GLU I 73 -2.50 -10.83 22.87
N GLU I 74 -2.14 -9.73 23.54
CA GLU I 74 -2.40 -8.41 23.00
C GLU I 74 -1.61 -8.18 21.72
N ALA I 75 -0.42 -8.76 21.63
CA ALA I 75 0.37 -8.67 20.40
C ALA I 75 -0.21 -9.57 19.32
N ALA I 76 -0.72 -10.74 19.71
CA ALA I 76 -1.31 -11.65 18.73
C ALA I 76 -2.55 -11.02 18.11
N ARG I 77 -3.37 -10.34 18.91
CA ARG I 77 -4.52 -9.65 18.36
C ARG I 77 -4.07 -8.55 17.41
N GLN I 78 -3.05 -7.77 17.81
CA GLN I 78 -2.49 -6.78 16.91
C GLN I 78 -1.80 -7.44 15.72
N ALA I 79 -1.20 -8.62 15.92
CA ALA I 79 -0.52 -9.31 14.82
C ALA I 79 -1.54 -9.90 13.86
N GLU I 80 -2.57 -10.55 14.39
CA GLU I 80 -3.60 -11.14 13.53
C GLU I 80 -4.36 -10.06 12.77
N GLU I 81 -4.65 -8.94 13.42
CA GLU I 81 -5.35 -7.85 12.75
C GLU I 81 -4.48 -7.22 11.66
N LEU I 82 -3.19 -7.02 11.96
CA LEU I 82 -2.30 -6.49 10.94
C LEU I 82 -2.14 -7.47 9.79
N ALA I 83 -2.21 -8.77 10.08
CA ALA I 83 -2.19 -9.78 9.03
C ALA I 83 -3.44 -9.71 8.17
N ARG I 84 -4.60 -9.51 8.81
CA ARG I 84 -5.86 -9.40 8.06
C ARG I 84 -5.86 -8.16 7.18
N GLU I 85 -5.35 -7.04 7.69
CA GLU I 85 -5.28 -5.82 6.89
C GLU I 85 -4.29 -5.97 5.74
N ALA I 86 -3.14 -6.58 6.00
CA ALA I 86 -2.12 -6.75 4.97
C ALA I 86 -2.47 -7.82 3.95
N ARG I 87 -3.26 -8.82 4.33
CA ARG I 87 -3.64 -9.87 3.39
C ARG I 87 -4.57 -9.37 2.29
N ARG I 88 -5.42 -8.38 2.58
CA ARG I 88 -6.38 -7.91 1.59
C ARG I 88 -5.77 -6.94 0.58
N GLU I 89 -4.70 -6.23 0.94
CA GLU I 89 -4.13 -5.26 0.02
C GLU I 89 -3.25 -5.89 -1.06
N GLY I 90 -2.68 -7.06 -0.80
CA GLY I 90 -1.80 -7.73 -1.73
C GLY I 90 -0.36 -7.85 -1.27
N ASN I 91 0.05 -7.11 -0.24
CA ASN I 91 1.39 -7.22 0.30
C ASN I 91 1.49 -8.52 1.09
N LEU I 92 1.81 -9.61 0.39
CA LEU I 92 1.81 -10.92 1.03
C LEU I 92 3.02 -11.12 1.93
N GLU I 93 4.16 -10.51 1.59
CA GLU I 93 5.34 -10.63 2.43
C GLU I 93 5.09 -10.12 3.85
N LEU I 94 4.40 -8.98 3.97
CA LEU I 94 4.10 -8.46 5.30
C LEU I 94 3.10 -9.35 6.04
N ALA I 95 2.12 -9.91 5.31
CA ALA I 95 1.14 -10.79 5.95
C ALA I 95 1.79 -12.06 6.47
N LEU I 96 2.67 -12.68 5.67
CA LEU I 96 3.35 -13.89 6.10
C LEU I 96 4.28 -13.62 7.27
N LYS I 97 4.88 -12.43 7.33
CA LYS I 97 5.72 -12.07 8.47
C LYS I 97 4.90 -11.92 9.73
N ALA I 98 3.64 -11.49 9.59
CA ALA I 98 2.79 -11.35 10.77
C ALA I 98 2.43 -12.73 11.34
N LEU I 99 2.22 -13.71 10.47
CA LEU I 99 1.92 -15.06 10.93
C LEU I 99 3.07 -15.64 11.72
N GLN I 100 4.31 -15.30 11.37
CA GLN I 100 5.45 -15.76 12.17
C GLN I 100 5.37 -15.22 13.58
N ILE I 101 4.93 -13.97 13.74
CA ILE I 101 4.67 -13.44 15.08
C ILE I 101 3.47 -14.15 15.69
N LEU I 102 2.44 -14.41 14.89
CA LEU I 102 1.26 -15.10 15.39
C LEU I 102 1.56 -16.54 15.75
N VAL I 103 2.28 -17.26 14.89
CA VAL I 103 2.65 -18.64 15.19
C VAL I 103 3.48 -18.70 16.46
N ASN I 104 4.45 -17.79 16.58
CA ASN I 104 5.26 -17.72 17.79
C ASN I 104 4.42 -17.36 19.01
N ALA I 105 3.39 -16.52 18.83
CA ALA I 105 2.56 -16.14 19.96
C ALA I 105 1.77 -17.32 20.49
N ALA I 106 1.48 -18.30 19.64
CA ALA I 106 0.85 -19.52 20.12
C ALA I 106 1.81 -20.33 20.98
N TYR I 107 3.09 -20.35 20.59
CA TYR I 107 4.09 -21.09 21.34
C TYR I 107 4.25 -20.53 22.74
N VAL I 108 4.18 -19.21 22.89
CA VAL I 108 4.27 -18.60 24.20
C VAL I 108 3.08 -19.02 25.06
N LEU I 109 1.90 -19.13 24.46
CA LEU I 109 0.72 -19.54 25.21
C LEU I 109 0.79 -21.00 25.62
N ALA I 110 1.32 -21.87 24.75
CA ALA I 110 1.42 -23.28 25.12
C ALA I 110 2.44 -23.49 26.23
N GLU I 111 3.66 -23.01 26.01
CA GLU I 111 4.75 -23.06 26.99
C GLU I 111 4.38 -22.46 28.35
N ILE I 112 3.30 -21.68 28.42
CA ILE I 112 2.91 -20.99 29.65
C ILE I 112 1.92 -21.80 30.47
N ALA I 113 0.74 -22.06 29.89
CA ALA I 113 -0.31 -22.76 30.62
C ALA I 113 0.10 -24.17 30.98
N ARG I 114 1.01 -24.77 30.20
CA ARG I 114 1.45 -26.14 30.49
C ARG I 114 2.27 -26.20 31.78
N ASP I 115 3.27 -25.34 31.90
CA ASP I 115 4.11 -25.30 33.09
C ASP I 115 3.44 -24.51 34.20
N LEU I 122 -3.23 -24.31 26.61
CA LEU I 122 -3.50 -25.05 25.39
C LEU I 122 -4.97 -24.90 24.96
N GLU I 123 -5.72 -24.10 25.71
CA GLU I 123 -7.11 -23.83 25.34
C GLU I 123 -7.20 -22.90 24.13
N LYS I 124 -6.27 -21.95 24.01
CA LYS I 124 -6.29 -20.95 22.94
C LYS I 124 -5.10 -21.02 22.00
N ALA I 125 -3.93 -21.49 22.44
CA ALA I 125 -2.76 -21.55 21.59
C ALA I 125 -3.01 -22.41 20.36
N GLU I 126 -3.62 -23.58 20.53
CA GLU I 126 -3.93 -24.42 19.39
C GLU I 126 -4.88 -23.71 18.43
N ARG I 127 -5.86 -22.98 18.97
CA ARG I 127 -6.79 -22.24 18.12
C ARG I 127 -6.07 -21.13 17.37
N LEU I 128 -5.17 -20.41 18.04
CA LEU I 128 -4.42 -19.34 17.38
C LEU I 128 -3.47 -19.92 16.33
N ALA I 129 -2.78 -21.01 16.68
CA ALA I 129 -1.84 -21.63 15.75
C ALA I 129 -2.55 -22.25 14.56
N ARG I 130 -3.76 -22.77 14.77
CA ARG I 130 -4.52 -23.38 13.69
C ARG I 130 -4.84 -22.37 12.60
N GLU I 131 -5.16 -21.13 12.99
CA GLU I 131 -5.42 -20.09 12.00
C GLU I 131 -4.19 -19.86 11.13
N ALA I 132 -3.00 -19.92 11.72
CA ALA I 132 -1.78 -19.77 10.94
C ALA I 132 -1.66 -20.90 9.92
N LEU I 133 -1.99 -22.13 10.33
CA LEU I 133 -2.01 -23.24 9.38
C LEU I 133 -3.01 -22.98 8.26
N ARG I 134 -4.18 -22.45 8.60
CA ARG I 134 -5.18 -22.09 7.58
C ARG I 134 -4.80 -20.82 6.83
N GLN I 135 -4.35 -19.78 7.55
CA GLN I 135 -4.01 -18.52 6.89
C GLN I 135 -2.82 -18.67 5.95
N VAL I 136 -1.78 -19.39 6.39
CA VAL I 136 -0.66 -19.64 5.49
C VAL I 136 -1.12 -20.55 4.36
N ARG I 137 -2.04 -21.46 4.64
CA ARG I 137 -2.59 -22.33 3.60
C ARG I 137 -3.37 -21.53 2.57
N GLU I 138 -4.16 -20.55 3.03
CA GLU I 138 -4.86 -19.67 2.09
C GLU I 138 -3.85 -18.92 1.24
N ILE I 139 -2.74 -18.50 1.85
CA ILE I 139 -1.65 -17.87 1.11
C ILE I 139 -0.85 -18.90 0.31
N SER I 140 -0.76 -20.14 0.81
CA SER I 140 0.10 -21.14 0.16
C SER I 140 -0.35 -21.48 -1.25
N LYS I 141 -1.66 -21.66 -1.46
CA LYS I 141 -2.15 -21.97 -2.80
C LYS I 141 -1.97 -20.76 -3.73
N ARG I 142 -2.22 -19.57 -3.22
CA ARG I 142 -2.10 -18.35 -4.03
C ARG I 142 -0.68 -18.14 -4.52
N LEU I 143 0.32 -18.42 -3.68
CA LEU I 143 1.70 -18.27 -4.13
C LEU I 143 2.08 -19.30 -5.18
N GLN I 144 1.49 -20.50 -5.09
CA GLN I 144 1.77 -21.53 -6.09
C GLN I 144 1.14 -21.17 -7.44
N LYS I 145 -0.07 -20.61 -7.42
CA LYS I 145 -0.72 -20.19 -8.66
C LYS I 145 -0.10 -18.94 -9.26
N GLU I 146 0.23 -17.95 -8.40
CA GLU I 146 0.81 -16.69 -8.88
C GLU I 146 2.22 -16.89 -9.40
N GLY I 147 2.81 -18.05 -9.18
CA GLY I 147 4.13 -18.27 -9.72
C GLY I 147 5.23 -17.53 -9.01
N ASN I 148 4.96 -16.91 -7.88
CA ASN I 148 6.04 -16.27 -7.14
C ASN I 148 6.67 -17.33 -6.24
N ILE I 149 7.80 -17.88 -6.68
CA ILE I 149 8.40 -19.00 -5.97
C ILE I 149 9.17 -18.54 -4.75
N GLU I 150 9.83 -17.38 -4.82
CA GLU I 150 10.63 -16.89 -3.69
C GLU I 150 9.78 -16.75 -2.44
N LEU I 151 8.61 -16.12 -2.59
CA LEU I 151 7.68 -16.00 -1.47
C LEU I 151 7.07 -17.35 -1.13
N ALA I 152 6.92 -18.23 -2.12
CA ALA I 152 6.34 -19.55 -1.87
C ALA I 152 7.22 -20.40 -0.97
N LEU I 153 8.54 -20.31 -1.14
CA LEU I 153 9.46 -21.07 -0.30
C LEU I 153 9.32 -20.69 1.16
N LYS I 154 9.15 -19.39 1.43
CA LYS I 154 8.93 -18.95 2.80
C LYS I 154 7.59 -19.42 3.33
N ALA I 155 6.59 -19.59 2.46
CA ALA I 155 5.28 -20.08 2.91
C ALA I 155 5.38 -21.51 3.42
N ASN I 156 6.23 -22.33 2.80
CA ASN I 156 6.45 -23.68 3.29
C ASN I 156 7.09 -23.67 4.67
N ARG I 157 8.02 -22.72 4.89
CA ARG I 157 8.66 -22.60 6.20
C ARG I 157 7.66 -22.21 7.29
N LEU I 158 6.70 -21.36 6.95
CA LEU I 158 5.70 -20.95 7.94
C LEU I 158 4.82 -22.13 8.35
N LEU I 159 4.32 -22.91 7.37
CA LEU I 159 3.51 -24.07 7.70
C LEU I 159 4.33 -25.13 8.44
N ILE I 160 5.62 -25.23 8.14
CA ILE I 160 6.49 -26.18 8.84
C ILE I 160 6.66 -25.77 10.30
N ASP I 161 7.01 -24.50 10.52
CA ASP I 161 7.15 -24.01 11.89
C ASP I 161 5.81 -23.93 12.60
N ALA I 162 4.72 -23.76 11.84
CA ALA I 162 3.37 -23.76 12.43
C ALA I 162 2.94 -25.16 12.85
N LEU I 163 3.25 -26.16 12.02
CA LEU I 163 2.88 -27.54 12.37
C LEU I 163 3.58 -28.01 13.61
N ARG I 164 4.83 -27.59 13.82
CA ARG I 164 5.55 -27.96 15.04
C ARG I 164 4.90 -27.31 16.26
N VAL I 165 4.34 -26.11 16.11
CA VAL I 165 3.70 -25.44 17.24
C VAL I 165 2.43 -26.19 17.64
N LEU I 166 1.63 -26.60 16.67
CA LEU I 166 0.42 -27.36 16.98
C LEU I 166 0.76 -28.72 17.58
N VAL I 167 1.81 -29.36 17.07
CA VAL I 167 2.20 -30.69 17.55
C VAL I 167 2.66 -30.61 19.01
N ARG I 168 3.39 -29.55 19.37
CA ARG I 168 3.83 -29.41 20.75
C ARG I 168 2.67 -29.16 21.69
N ILE I 169 1.56 -28.64 21.17
CA ILE I 169 0.35 -28.39 21.96
C ILE I 169 -0.51 -29.63 22.12
N MET I 170 -0.15 -30.75 21.48
CA MET I 170 -0.98 -31.95 21.53
C MET I 170 -0.56 -32.92 22.63
N ARG I 171 0.74 -33.19 22.75
CA ARG I 171 1.22 -34.11 23.79
C ARG I 171 0.96 -33.54 25.18
N LYS J 3 14.63 26.88 -20.76
CA LYS J 3 14.58 27.69 -19.57
C LYS J 3 13.36 27.36 -18.73
N GLU J 4 12.20 27.23 -19.39
CA GLU J 4 10.97 26.87 -18.70
C GLU J 4 11.03 25.46 -18.10
N LYS J 5 11.95 24.62 -18.59
CA LYS J 5 12.10 23.29 -18.01
C LYS J 5 12.62 23.35 -16.59
N ILE J 6 13.31 24.43 -16.23
CA ILE J 6 13.80 24.57 -14.86
C ILE J 6 12.66 24.90 -13.91
N GLU J 7 11.59 25.52 -14.41
CA GLU J 7 10.47 25.89 -13.55
C GLU J 7 9.70 24.68 -13.07
N LYS J 8 9.70 23.60 -13.85
CA LYS J 8 8.92 22.43 -13.46
C LYS J 8 9.55 21.69 -12.30
N LEU J 9 10.88 21.55 -12.30
CA LEU J 9 11.55 20.79 -11.25
C LEU J 9 11.31 21.38 -9.87
N VAL J 10 11.14 22.71 -9.77
CA VAL J 10 10.90 23.29 -8.46
C VAL J 10 9.50 22.97 -7.96
N GLU J 11 8.55 22.79 -8.87
CA GLU J 11 7.19 22.45 -8.43
C GLU J 11 7.17 21.05 -7.82
N GLU J 12 7.85 20.10 -8.46
CA GLU J 12 7.92 18.75 -7.91
C GLU J 12 8.67 18.72 -6.59
N LEU J 13 9.82 19.41 -6.53
CA LEU J 13 10.65 19.37 -5.33
C LEU J 13 10.03 20.15 -4.17
N ILE J 14 9.53 21.35 -4.42
CA ILE J 14 8.94 22.15 -3.35
C ILE J 14 7.75 21.42 -2.75
N ARG J 15 6.99 20.71 -3.59
CA ARG J 15 5.87 19.93 -3.10
C ARG J 15 6.35 18.72 -2.32
N HIS J 16 7.37 18.02 -2.84
CA HIS J 16 7.87 16.82 -2.16
C HIS J 16 8.55 17.17 -0.84
N THR J 17 9.28 18.29 -0.80
CA THR J 17 9.93 18.70 0.44
C THR J 17 8.90 19.14 1.47
N GLU J 18 7.84 19.82 1.01
CA GLU J 18 6.75 20.23 1.89
C GLU J 18 6.03 19.03 2.47
N GLU J 19 6.08 17.88 1.79
CA GLU J 19 5.45 16.68 2.31
C GLU J 19 6.18 16.18 3.55
N LEU J 20 7.51 16.31 3.59
CA LEU J 20 8.25 15.93 4.79
C LEU J 20 7.94 16.87 5.96
N ARG J 21 7.57 18.12 5.66
CA ARG J 21 7.20 19.06 6.72
C ARG J 21 5.92 18.63 7.42
N GLU J 22 4.97 18.06 6.66
CA GLU J 22 3.71 17.60 7.25
C GLU J 22 3.90 16.30 8.02
N LEU J 23 4.72 15.39 7.47
CA LEU J 23 4.96 14.12 8.15
C LEU J 23 5.76 14.31 9.44
N LEU J 24 6.70 15.25 9.44
CA LEU J 24 7.56 15.46 10.60
C LEU J 24 6.96 16.36 11.68
N GLU J 25 5.97 17.20 11.35
CA GLU J 25 5.41 18.08 12.37
C GLU J 25 4.42 17.37 13.29
N LYS J 26 3.84 16.26 12.85
CA LYS J 26 2.89 15.50 13.67
C LYS J 26 3.58 14.38 14.45
N LEU J 27 4.68 13.85 13.90
CA LEU J 27 5.45 12.84 14.64
C LEU J 27 6.29 13.47 15.73
N VAL J 28 6.70 14.73 15.55
CA VAL J 28 7.43 15.43 16.59
C VAL J 28 6.53 15.72 17.78
N LYS J 29 5.27 16.10 17.51
CA LYS J 29 4.34 16.37 18.60
C LYS J 29 3.81 15.09 19.24
N HIS J 30 3.68 14.02 18.45
CA HIS J 30 3.16 12.75 18.94
C HIS J 30 4.16 11.98 19.81
N GLY J 31 5.32 12.55 20.09
CA GLY J 31 6.28 11.95 20.99
C GLY J 31 7.28 11.02 20.34
N GLY J 32 7.00 10.54 19.13
CA GLY J 32 7.89 9.61 18.47
C GLY J 32 8.98 10.23 17.62
N ALA J 33 9.24 11.52 17.82
CA ALA J 33 10.27 12.22 17.04
C ALA J 33 10.78 13.39 17.87
N SER J 34 12.09 13.43 18.10
CA SER J 34 12.66 14.47 18.94
C SER J 34 12.73 15.80 18.18
N GLU J 35 12.77 16.89 18.96
CA GLU J 35 12.92 18.23 18.40
C GLU J 35 14.08 18.31 17.41
N GLU J 36 15.16 17.53 17.65
CA GLU J 36 16.34 17.64 16.80
C GLU J 36 16.02 17.31 15.35
N TYR J 37 15.04 16.43 15.09
CA TYR J 37 14.65 16.21 13.70
C TYR J 37 13.96 17.43 13.13
N LEU J 38 13.17 18.13 13.95
CA LEU J 38 12.54 19.36 13.49
C LEU J 38 13.58 20.46 13.26
N LEU J 39 14.59 20.54 14.13
CA LEU J 39 15.67 21.49 13.91
C LEU J 39 16.48 21.12 12.67
N GLU J 40 16.79 19.83 12.49
CA GLU J 40 17.54 19.40 11.31
C GLU J 40 16.71 19.54 10.05
N LEU J 41 15.39 19.31 10.13
CA LEU J 41 14.54 19.48 8.95
C LEU J 41 14.47 20.94 8.54
N LEU J 42 14.39 21.85 9.51
CA LEU J 42 14.38 23.27 9.20
C LEU J 42 15.67 23.69 8.51
N GLU J 43 16.80 23.15 8.95
CA GLU J 43 18.08 23.49 8.32
C GLU J 43 18.11 23.09 6.85
N ASN J 44 17.56 21.92 6.51
CA ASN J 44 17.44 21.55 5.12
C ASN J 44 16.36 22.35 4.41
N LEU J 45 15.33 22.77 5.14
CA LEU J 45 14.23 23.53 4.54
C LEU J 45 14.69 24.93 4.13
N VAL J 46 15.43 25.61 5.00
CA VAL J 46 15.90 26.96 4.69
C VAL J 46 16.85 26.92 3.49
N ARG J 47 17.53 25.79 3.30
CA ARG J 47 18.40 25.61 2.14
C ARG J 47 17.62 25.67 0.83
N LEU J 48 16.36 25.21 0.84
CA LEU J 48 15.55 25.31 -0.36
C LEU J 48 15.33 26.77 -0.73
N ALA J 49 15.19 27.62 0.29
CA ALA J 49 15.01 29.05 0.04
C ALA J 49 16.22 29.64 -0.67
N HIS J 50 17.43 29.23 -0.27
CA HIS J 50 18.64 29.73 -0.92
C HIS J 50 18.79 29.20 -2.34
N VAL J 51 18.42 27.94 -2.58
CA VAL J 51 18.51 27.39 -3.92
C VAL J 51 17.51 28.06 -4.85
N ILE J 52 16.28 28.26 -4.38
CA ILE J 52 15.26 28.95 -5.17
C ILE J 52 15.67 30.39 -5.41
N ALA J 53 16.35 31.02 -4.46
CA ALA J 53 16.80 32.39 -4.62
C ALA J 53 17.78 32.53 -5.77
N GLU J 54 18.66 31.54 -5.95
CA GLU J 54 19.61 31.55 -7.05
C GLU J 54 18.94 31.37 -8.40
N VAL J 55 17.74 30.79 -8.43
CA VAL J 55 17.02 30.59 -9.69
C VAL J 55 16.42 31.89 -10.19
N ALA J 56 16.02 32.79 -9.28
CA ALA J 56 15.39 34.04 -9.68
C ALA J 56 16.38 35.00 -10.34
N ARG J 57 17.67 34.84 -10.08
CA ARG J 57 18.70 35.67 -10.69
C ARG J 57 18.88 35.34 -12.17
N GLY J 60 12.85 35.60 -15.09
CA GLY J 60 13.06 35.75 -13.67
C GLY J 60 11.77 35.75 -12.87
N ASN J 61 11.29 34.55 -12.54
CA ASN J 61 10.06 34.39 -11.77
C ASN J 61 10.19 35.00 -10.38
N GLU J 62 9.60 36.19 -10.18
CA GLU J 62 9.66 36.83 -8.88
C GLU J 62 8.76 36.12 -7.86
N GLU J 63 7.67 35.51 -8.32
CA GLU J 63 6.78 34.80 -7.40
C GLU J 63 7.51 33.65 -6.73
N LEU J 64 8.42 33.00 -7.47
CA LEU J 64 9.28 31.96 -6.89
C LEU J 64 10.18 32.53 -5.80
N LEU J 65 10.61 33.80 -5.95
CA LEU J 65 11.40 34.43 -4.90
C LEU J 65 10.59 34.52 -3.61
N GLU J 66 9.29 34.80 -3.73
CA GLU J 66 8.44 34.83 -2.54
C GLU J 66 8.36 33.45 -1.91
N GLU J 67 8.34 32.40 -2.74
CA GLU J 67 8.41 31.05 -2.20
C GLU J 67 9.76 30.82 -1.55
N ALA J 68 10.82 31.39 -2.13
CA ALA J 68 12.15 31.39 -1.53
C ALA J 68 12.21 32.25 -0.29
N ALA J 69 11.18 33.06 -0.04
CA ALA J 69 11.11 33.90 1.16
C ALA J 69 10.09 33.41 2.17
N ARG J 70 8.94 32.90 1.70
CA ARG J 70 7.97 32.31 2.62
C ARG J 70 8.54 31.09 3.33
N LEU J 71 9.27 30.25 2.59
CA LEU J 71 9.88 29.07 3.19
C LEU J 71 10.89 29.47 4.26
N ALA J 72 11.68 30.52 3.99
CA ALA J 72 12.62 31.00 4.99
C ALA J 72 11.86 31.55 6.20
N GLU J 73 10.81 32.34 5.95
CA GLU J 73 10.03 32.92 7.04
C GLU J 73 9.27 31.85 7.81
N GLU J 74 8.69 30.88 7.10
CA GLU J 74 7.92 29.82 7.76
C GLU J 74 8.80 28.97 8.68
N ALA J 75 10.06 28.78 8.31
CA ALA J 75 11.01 28.07 9.15
C ALA J 75 11.55 28.96 10.27
N ALA J 76 11.71 30.26 10.00
CA ALA J 76 12.31 31.17 10.98
C ALA J 76 11.46 31.32 12.23
N ARG J 77 10.13 31.38 12.08
CA ARG J 77 9.27 31.50 13.24
C ARG J 77 9.39 30.27 14.13
N GLN J 78 9.39 29.08 13.54
CA GLN J 78 9.58 27.85 14.31
C GLN J 78 10.98 27.77 14.91
N ALA J 79 11.98 28.35 14.26
CA ALA J 79 13.34 28.27 14.78
C ALA J 79 13.48 29.12 16.04
N GLU J 80 12.96 30.35 16.00
CA GLU J 80 13.01 31.20 17.19
C GLU J 80 12.14 30.62 18.30
N GLU J 81 10.98 30.08 17.94
CA GLU J 81 10.08 29.51 18.94
C GLU J 81 10.67 28.26 19.58
N LEU J 82 11.27 27.38 18.76
CA LEU J 82 11.90 26.18 19.31
C LEU J 82 13.10 26.55 20.19
N ALA J 83 13.79 27.64 19.86
CA ALA J 83 14.91 28.09 20.69
C ALA J 83 14.44 28.51 22.08
N ARG J 84 13.30 29.21 22.15
CA ARG J 84 12.76 29.62 23.45
C ARG J 84 12.38 28.42 24.29
N GLU J 85 11.82 27.38 23.66
CA GLU J 85 11.47 26.18 24.40
C GLU J 85 12.72 25.48 24.93
N ALA J 86 13.77 25.43 24.11
CA ALA J 86 15.01 24.80 24.54
C ALA J 86 15.81 25.67 25.51
N ARG J 87 15.69 27.00 25.40
CA ARG J 87 16.41 27.88 26.30
C ARG J 87 15.86 27.82 27.73
N ARG J 88 14.54 27.69 27.87
CA ARG J 88 13.93 27.68 29.20
C ARG J 88 13.97 26.32 29.88
N GLU J 89 14.00 25.24 29.11
CA GLU J 89 13.95 23.89 29.65
C GLU J 89 15.29 23.40 30.17
N GLY J 90 16.28 24.28 30.34
CA GLY J 90 17.58 23.86 30.82
C GLY J 90 18.34 22.96 29.87
N ASN J 91 18.02 23.02 28.59
CA ASN J 91 18.72 22.27 27.54
C ASN J 91 19.22 23.31 26.54
N LEU J 92 20.39 23.88 26.84
CA LEU J 92 20.95 24.96 26.04
C LEU J 92 21.56 24.49 24.72
N GLU J 93 22.07 23.25 24.66
CA GLU J 93 22.68 22.74 23.44
C GLU J 93 21.72 22.81 22.25
N LEU J 94 20.45 22.47 22.46
CA LEU J 94 19.48 22.59 21.37
C LEU J 94 19.23 24.05 21.00
N ALA J 95 19.23 24.93 22.00
CA ALA J 95 19.00 26.35 21.74
C ALA J 95 20.12 26.95 20.91
N LEU J 96 21.37 26.61 21.23
CA LEU J 96 22.49 27.17 20.46
C LEU J 96 22.48 26.64 19.03
N LYS J 97 22.08 25.39 18.83
CA LYS J 97 21.94 24.86 17.49
C LYS J 97 20.72 25.44 16.77
N ALA J 98 19.64 25.68 17.52
CA ALA J 98 18.42 26.21 16.90
C ALA J 98 18.57 27.67 16.50
N LEU J 99 19.22 28.47 17.34
CA LEU J 99 19.40 29.87 17.02
C LEU J 99 20.28 30.05 15.78
N GLN J 100 21.24 29.14 15.57
CA GLN J 100 22.06 29.18 14.38
C GLN J 100 21.22 29.05 13.12
N ILE J 101 20.16 28.25 13.17
CA ILE J 101 19.26 28.12 12.02
C ILE J 101 18.59 29.44 11.72
N LEU J 102 18.23 30.20 12.76
CA LEU J 102 17.60 31.51 12.55
C LEU J 102 18.58 32.46 11.86
N VAL J 103 19.84 32.46 12.30
CA VAL J 103 20.85 33.31 11.67
C VAL J 103 21.01 32.96 10.20
N ASN J 104 21.08 31.65 9.89
CA ASN J 104 21.19 31.23 8.50
C ASN J 104 19.97 31.65 7.70
N ALA J 105 18.79 31.64 8.33
CA ALA J 105 17.58 32.07 7.63
C ALA J 105 17.60 33.57 7.35
N ALA J 106 18.35 34.34 8.16
CA ALA J 106 18.45 35.77 7.92
C ALA J 106 19.20 36.09 6.64
N TYR J 107 20.28 35.35 6.36
CA TYR J 107 21.06 35.63 5.16
C TYR J 107 20.27 35.31 3.89
N VAL J 108 19.55 34.19 3.86
CA VAL J 108 18.77 33.86 2.68
C VAL J 108 17.65 34.87 2.48
N LEU J 109 17.05 35.35 3.57
CA LEU J 109 16.00 36.35 3.45
C LEU J 109 16.57 37.67 2.94
N ALA J 110 17.78 38.01 3.37
CA ALA J 110 18.42 39.22 2.87
C ALA J 110 18.79 39.07 1.40
N GLU J 111 19.53 38.00 1.05
CA GLU J 111 19.91 37.72 -0.32
C GLU J 111 18.72 37.75 -1.29
N ILE J 112 17.50 37.62 -0.78
CA ILE J 112 16.30 37.69 -1.62
C ILE J 112 15.68 39.09 -1.58
N ALA J 113 15.72 39.75 -0.43
CA ALA J 113 15.14 41.08 -0.32
C ALA J 113 15.95 42.11 -1.09
N ARG J 114 17.27 41.92 -1.15
CA ARG J 114 18.13 42.87 -1.84
C ARG J 114 17.80 42.93 -3.33
N ASP J 115 17.75 41.78 -3.99
CA ASP J 115 17.40 41.75 -5.41
C ASP J 115 15.93 42.11 -5.61
N ARG J 116 15.05 41.68 -4.71
CA ARG J 116 13.63 42.01 -4.84
C ARG J 116 13.35 43.47 -4.49
N GLY J 117 14.23 44.11 -3.71
CA GLY J 117 14.04 45.49 -3.35
C GLY J 117 12.93 45.74 -2.35
N ASN J 118 12.23 44.70 -1.90
CA ASN J 118 11.18 44.84 -0.89
C ASN J 118 11.76 45.40 0.41
N GLU J 119 11.61 46.71 0.61
CA GLU J 119 12.16 47.35 1.81
C GLU J 119 11.59 46.75 3.09
N GLU J 120 10.33 46.29 3.05
CA GLU J 120 9.76 45.63 4.22
C GLU J 120 10.45 44.30 4.49
N LEU J 121 10.77 43.55 3.43
CA LEU J 121 11.50 42.30 3.60
C LEU J 121 12.93 42.55 4.07
N LEU J 122 13.56 43.62 3.59
CA LEU J 122 14.90 43.95 4.05
C LEU J 122 14.90 44.37 5.52
N GLU J 123 13.76 44.86 6.01
CA GLU J 123 13.62 45.23 7.41
C GLU J 123 13.56 44.01 8.32
N LYS J 124 13.01 42.89 7.83
CA LYS J 124 12.85 41.72 8.69
C LYS J 124 14.17 41.02 8.99
N ALA J 125 15.14 41.05 8.07
CA ALA J 125 16.43 40.44 8.34
C ALA J 125 17.16 41.16 9.48
N GLU J 126 17.20 42.49 9.43
CA GLU J 126 17.86 43.26 10.50
C GLU J 126 17.15 43.05 11.84
N ARG J 127 15.82 43.03 11.84
CA ARG J 127 15.09 42.82 13.07
C ARG J 127 15.28 41.40 13.60
N LEU J 128 15.24 40.41 12.70
CA LEU J 128 15.38 39.02 13.11
C LEU J 128 16.80 38.71 13.62
N ALA J 129 17.82 39.22 12.94
CA ALA J 129 19.19 38.89 13.31
C ALA J 129 19.57 39.46 14.68
N ARG J 130 19.04 40.64 15.03
CA ARG J 130 19.35 41.21 16.34
C ARG J 130 18.81 40.35 17.48
N GLU J 131 17.61 39.80 17.31
CA GLU J 131 17.03 38.95 18.35
C GLU J 131 17.87 37.69 18.57
N ALA J 132 18.35 37.07 17.49
CA ALA J 132 19.21 35.92 17.65
C ALA J 132 20.55 36.32 18.25
N LEU J 133 21.13 37.43 17.76
CA LEU J 133 22.39 37.92 18.31
C LEU J 133 22.26 38.25 19.79
N ARG J 134 21.12 38.84 20.18
CA ARG J 134 20.89 39.11 21.60
C ARG J 134 20.65 37.82 22.37
N GLN J 135 19.86 36.91 21.82
CA GLN J 135 19.60 35.63 22.47
C GLN J 135 20.86 34.78 22.58
N VAL J 136 21.67 34.75 21.52
CA VAL J 136 22.90 33.97 21.54
C VAL J 136 23.91 34.58 22.51
N ARG J 137 23.91 35.91 22.64
CA ARG J 137 24.81 36.57 23.59
C ARG J 137 24.44 36.23 25.03
N GLU J 138 23.15 36.16 25.33
CA GLU J 138 22.71 35.83 26.69
C GLU J 138 23.16 34.44 27.11
N ILE J 139 23.20 33.49 26.17
CA ILE J 139 23.63 32.13 26.52
C ILE J 139 25.13 32.10 26.81
N SER J 140 25.92 32.95 26.14
CA SER J 140 27.36 32.95 26.37
C SER J 140 27.72 33.41 27.78
N LYS J 141 27.07 34.48 28.24
CA LYS J 141 27.38 34.99 29.59
C LYS J 141 26.92 34.02 30.67
N ARG J 142 25.73 33.45 30.52
CA ARG J 142 25.25 32.49 31.51
C ARG J 142 26.09 31.22 31.51
N LEU J 143 26.45 30.73 30.31
CA LEU J 143 27.28 29.54 30.19
C LEU J 143 28.73 29.78 30.58
N GLN J 144 29.23 31.00 30.40
CA GLN J 144 30.62 31.28 30.75
C GLN J 144 30.86 31.16 32.25
N LYS J 145 29.89 31.58 33.06
CA LYS J 145 30.01 31.39 34.50
C LYS J 145 29.89 29.91 34.86
N GLU J 146 28.98 29.20 34.18
CA GLU J 146 28.82 27.77 34.44
C GLU J 146 30.05 26.97 34.02
N GLY J 147 30.85 27.49 33.09
CA GLY J 147 32.07 26.86 32.65
C GLY J 147 31.99 25.70 31.65
N ASN J 148 30.85 25.48 30.97
CA ASN J 148 30.84 24.44 29.93
C ASN J 148 31.53 25.04 28.70
N ILE J 149 32.79 24.63 28.49
CA ILE J 149 33.61 25.25 27.46
C ILE J 149 33.25 24.73 26.07
N GLU J 150 32.88 23.45 25.95
CA GLU J 150 32.51 22.91 24.65
C GLU J 150 31.33 23.69 24.08
N LEU J 151 30.32 23.94 24.91
CA LEU J 151 29.18 24.76 24.50
C LEU J 151 29.56 26.22 24.35
N ALA J 152 30.53 26.70 25.13
CA ALA J 152 30.93 28.10 25.06
C ALA J 152 31.57 28.44 23.73
N LEU J 153 32.40 27.55 23.19
CA LEU J 153 33.05 27.81 21.90
C LEU J 153 32.03 27.93 20.78
N LYS J 154 30.99 27.09 20.79
CA LYS J 154 29.97 27.17 19.76
C LYS J 154 29.17 28.47 19.85
N ALA J 155 29.00 29.01 21.06
CA ALA J 155 28.28 30.27 21.19
C ALA J 155 29.02 31.43 20.55
N ASN J 156 30.36 31.44 20.66
CA ASN J 156 31.14 32.50 20.03
C ASN J 156 31.04 32.44 18.51
N ARG J 157 31.07 31.24 17.94
CA ARG J 157 30.95 31.10 16.49
C ARG J 157 29.57 31.51 16.00
N LEU J 158 28.52 31.18 16.76
CA LEU J 158 27.17 31.57 16.37
C LEU J 158 27.01 33.08 16.38
N LEU J 159 27.49 33.73 17.45
CA LEU J 159 27.44 35.19 17.52
C LEU J 159 28.31 35.84 16.46
N ILE J 160 29.42 35.20 16.10
CA ILE J 160 30.32 35.76 15.09
C ILE J 160 29.68 35.75 13.71
N ASP J 161 29.11 34.62 13.31
CA ASP J 161 28.46 34.55 12.00
C ASP J 161 27.19 35.39 11.97
N ALA J 162 26.58 35.67 13.12
CA ALA J 162 25.42 36.56 13.13
C ALA J 162 25.84 37.97 12.77
N LEU J 163 27.01 38.41 13.25
CA LEU J 163 27.53 39.71 12.87
C LEU J 163 27.80 39.76 11.37
N ARG J 164 28.18 38.64 10.78
CA ARG J 164 28.40 38.60 9.33
C ARG J 164 27.11 38.89 8.58
N VAL J 165 25.97 38.44 9.11
CA VAL J 165 24.69 38.73 8.47
C VAL J 165 24.35 40.20 8.58
N LEU J 166 24.57 40.79 9.76
CA LEU J 166 24.29 42.22 9.92
C LEU J 166 25.20 43.06 9.04
N VAL J 167 26.48 42.68 8.94
CA VAL J 167 27.40 43.42 8.09
C VAL J 167 27.02 43.25 6.63
N ARG J 168 26.66 42.03 6.22
CA ARG J 168 26.25 41.78 4.84
C ARG J 168 24.86 42.34 4.53
N ILE J 169 23.96 42.46 5.51
CA ILE J 169 22.61 42.92 5.20
C ILE J 169 22.52 44.44 5.18
N MET J 170 23.49 45.14 5.76
CA MET J 170 23.53 46.58 5.66
C MET J 170 24.59 47.07 4.69
N ARG J 171 25.47 46.17 4.22
CA ARG J 171 26.44 46.54 3.20
C ARG J 171 25.75 46.80 1.87
N HIS J 172 24.83 45.91 1.47
CA HIS J 172 24.12 46.09 0.21
C HIS J 172 23.10 47.23 0.30
N ARG J 173 22.49 47.40 1.47
CA ARG J 173 21.45 48.41 1.64
C ARG J 173 21.97 49.82 1.39
N GLU K 4 54.47 29.95 -12.77
CA GLU K 4 55.30 29.12 -13.65
C GLU K 4 55.68 27.81 -12.98
N LYS K 5 56.24 27.91 -11.77
CA LYS K 5 56.63 26.74 -11.01
C LYS K 5 55.45 26.05 -10.33
N ILE K 6 54.24 26.63 -10.41
CA ILE K 6 53.11 26.08 -9.68
C ILE K 6 52.71 24.72 -10.24
N GLU K 7 52.96 24.49 -11.53
CA GLU K 7 52.55 23.23 -12.15
C GLU K 7 53.27 22.04 -11.52
N LYS K 8 54.47 22.25 -10.99
CA LYS K 8 55.14 21.17 -10.29
C LYS K 8 54.35 20.74 -9.06
N LEU K 9 53.83 21.72 -8.30
CA LEU K 9 53.05 21.39 -7.11
C LEU K 9 51.82 20.56 -7.48
N VAL K 10 51.12 20.93 -8.54
CA VAL K 10 49.93 20.17 -8.93
C VAL K 10 50.33 18.80 -9.49
N GLU K 11 51.49 18.72 -10.14
CA GLU K 11 51.96 17.42 -10.60
C GLU K 11 52.39 16.55 -9.41
N GLU K 12 53.09 17.16 -8.45
CA GLU K 12 53.47 16.46 -7.23
C GLU K 12 52.24 16.03 -6.45
N LEU K 13 51.23 16.90 -6.37
CA LEU K 13 50.01 16.56 -5.65
C LEU K 13 49.25 15.47 -6.38
N ILE K 14 49.16 15.57 -7.71
CA ILE K 14 48.51 14.50 -8.48
C ILE K 14 49.29 13.22 -8.34
N ARG K 15 50.63 13.31 -8.27
CA ARG K 15 51.44 12.12 -8.06
C ARG K 15 51.26 11.59 -6.63
N HIS K 16 51.27 12.50 -5.65
CA HIS K 16 51.09 12.09 -4.26
C HIS K 16 49.67 11.57 -4.01
N THR K 17 48.67 12.16 -4.67
CA THR K 17 47.30 11.73 -4.51
C THR K 17 47.07 10.38 -5.17
N GLU K 18 47.71 10.15 -6.32
CA GLU K 18 47.56 8.88 -7.03
C GLU K 18 48.07 7.69 -6.22
N GLU K 19 49.04 7.93 -5.32
CA GLU K 19 49.54 6.83 -4.50
C GLU K 19 48.49 6.35 -3.51
N LEU K 20 47.73 7.28 -2.92
CA LEU K 20 46.61 6.89 -2.06
C LEU K 20 45.47 6.27 -2.85
N ARG K 21 45.36 6.58 -4.14
CA ARG K 21 44.27 6.04 -4.96
C ARG K 21 44.37 4.52 -5.09
N GLU K 22 45.52 4.02 -5.57
CA GLU K 22 45.70 2.59 -5.78
C GLU K 22 45.93 1.86 -4.45
N LEU K 23 46.66 2.47 -3.52
CA LEU K 23 46.93 1.83 -2.23
C LEU K 23 45.66 1.59 -1.45
N LEU K 24 44.68 2.47 -1.58
CA LEU K 24 43.39 2.26 -0.93
C LEU K 24 42.52 1.31 -1.74
N GLU K 25 42.82 1.18 -3.04
CA GLU K 25 42.10 0.25 -3.91
C GLU K 25 42.62 -1.18 -3.77
N LYS K 26 43.83 -1.37 -3.23
CA LYS K 26 44.36 -2.72 -3.03
C LYS K 26 43.96 -3.26 -1.67
N LEU K 27 43.80 -2.38 -0.68
CA LEU K 27 43.26 -2.78 0.61
C LEU K 27 41.75 -2.97 0.55
N VAL K 28 41.09 -2.37 -0.45
CA VAL K 28 39.64 -2.47 -0.57
C VAL K 28 39.24 -3.72 -1.36
N LYS K 29 40.07 -4.17 -2.29
CA LYS K 29 39.74 -5.36 -3.07
C LYS K 29 39.74 -6.62 -2.22
N HIS K 30 40.36 -6.59 -1.04
CA HIS K 30 40.35 -7.70 -0.11
C HIS K 30 39.25 -7.60 0.94
N GLY K 31 38.31 -6.67 0.76
CA GLY K 31 37.27 -6.45 1.75
C GLY K 31 37.77 -5.90 3.06
N GLY K 32 38.98 -5.32 3.08
CA GLY K 32 39.54 -4.83 4.32
C GLY K 32 38.76 -3.66 4.89
N ALA K 33 38.29 -2.76 4.03
CA ALA K 33 37.49 -1.62 4.45
C ALA K 33 36.15 -1.64 3.75
N SER K 34 35.18 -0.96 4.34
CA SER K 34 33.89 -0.83 3.71
C SER K 34 33.99 0.03 2.45
N GLU K 35 32.95 -0.04 1.62
CA GLU K 35 32.82 0.84 0.47
C GLU K 35 33.01 2.30 0.86
N GLU K 36 32.57 2.70 2.06
CA GLU K 36 32.62 4.11 2.45
C GLU K 36 34.05 4.62 2.50
N TYR K 37 35.02 3.77 2.83
CA TYR K 37 36.41 4.24 2.81
C TYR K 37 36.87 4.50 1.38
N LEU K 38 36.46 3.64 0.45
CA LEU K 38 36.72 3.89 -0.96
C LEU K 38 35.88 5.06 -1.46
N LEU K 39 34.65 5.16 -0.97
CA LEU K 39 33.81 6.30 -1.30
C LEU K 39 34.41 7.58 -0.76
N GLU K 40 34.94 7.54 0.46
CA GLU K 40 35.59 8.72 1.01
C GLU K 40 36.83 9.08 0.22
N LEU K 41 37.54 8.08 -0.30
CA LEU K 41 38.67 8.36 -1.18
C LEU K 41 38.19 8.96 -2.50
N LEU K 42 37.10 8.44 -3.06
CA LEU K 42 36.54 9.00 -4.29
C LEU K 42 36.06 10.43 -4.06
N GLU K 43 35.46 10.70 -2.92
CA GLU K 43 35.00 12.06 -2.61
C GLU K 43 36.18 13.04 -2.56
N ASN K 44 37.34 12.58 -2.09
CA ASN K 44 38.52 13.43 -2.10
C ASN K 44 39.05 13.67 -3.50
N LEU K 45 38.78 12.75 -4.43
CA LEU K 45 39.28 12.89 -5.79
C LEU K 45 38.63 14.06 -6.53
N VAL K 46 37.31 14.22 -6.39
CA VAL K 46 36.62 15.30 -7.08
C VAL K 46 37.10 16.67 -6.60
N ARG K 47 37.55 16.76 -5.34
CA ARG K 47 38.10 18.02 -4.84
C ARG K 47 39.38 18.39 -5.58
N LEU K 48 40.21 17.40 -5.91
CA LEU K 48 41.40 17.68 -6.70
C LEU K 48 41.04 18.10 -8.12
N ALA K 49 40.00 17.48 -8.69
CA ALA K 49 39.58 17.84 -10.04
C ALA K 49 39.08 19.29 -10.07
N HIS K 50 38.31 19.69 -9.05
CA HIS K 50 37.84 21.07 -9.00
C HIS K 50 38.99 22.03 -8.71
N VAL K 51 39.93 21.61 -7.86
CA VAL K 51 41.08 22.46 -7.56
C VAL K 51 41.98 22.63 -8.78
N ILE K 52 42.25 21.53 -9.49
CA ILE K 52 43.06 21.60 -10.70
C ILE K 52 42.36 22.40 -11.78
N ALA K 53 41.03 22.29 -11.86
CA ALA K 53 40.26 23.01 -12.87
C ALA K 53 40.35 24.52 -12.66
N GLU K 54 40.35 24.97 -11.41
CA GLU K 54 40.40 26.40 -11.12
C GLU K 54 41.73 27.03 -11.47
N VAL K 55 42.81 26.25 -11.54
CA VAL K 55 44.11 26.82 -11.89
C VAL K 55 44.20 27.07 -13.39
N ALA K 56 43.56 26.24 -14.22
CA ALA K 56 43.65 26.43 -15.66
C ALA K 56 42.88 27.65 -16.14
N ARG K 57 41.87 28.08 -15.38
CA ARG K 57 41.15 29.29 -15.75
C ARG K 57 41.99 30.53 -15.51
N GLU K 58 42.84 30.53 -14.48
CA GLU K 58 43.72 31.66 -14.23
C GLU K 58 44.82 31.74 -15.29
N GLN K 59 45.39 30.59 -15.67
CA GLN K 59 46.41 30.54 -16.71
C GLN K 59 46.16 29.29 -17.55
N GLY K 60 46.09 29.47 -18.87
CA GLY K 60 45.80 28.39 -19.80
C GLY K 60 46.60 27.12 -19.61
N ASN K 61 45.91 25.98 -19.65
CA ASN K 61 46.56 24.67 -19.56
C ASN K 61 45.63 23.64 -20.20
N GLU K 62 46.10 23.00 -21.27
CA GLU K 62 45.32 21.99 -22.01
C GLU K 62 45.30 20.65 -21.29
N GLU K 63 46.47 20.12 -20.92
CA GLU K 63 46.51 18.80 -20.30
C GLU K 63 45.96 18.80 -18.89
N LEU K 64 45.84 19.98 -18.26
CA LEU K 64 45.29 20.03 -16.92
C LEU K 64 43.79 19.75 -16.93
N LEU K 65 43.10 20.20 -17.98
CA LEU K 65 41.68 19.87 -18.13
C LEU K 65 41.48 18.39 -18.42
N GLU K 66 42.31 17.81 -19.29
CA GLU K 66 42.14 16.40 -19.64
C GLU K 66 42.47 15.48 -18.46
N GLU K 67 43.50 15.80 -17.68
CA GLU K 67 43.78 14.99 -16.50
C GLU K 67 42.73 15.20 -15.42
N ALA K 68 42.26 16.44 -15.25
CA ALA K 68 41.22 16.71 -14.26
C ALA K 68 39.90 16.06 -14.67
N ALA K 69 39.59 16.08 -15.97
CA ALA K 69 38.38 15.41 -16.43
C ALA K 69 38.53 13.90 -16.31
N ARG K 70 39.72 13.38 -16.60
CA ARG K 70 39.98 11.97 -16.37
C ARG K 70 39.85 11.63 -14.90
N LEU K 71 40.39 12.49 -14.02
CA LEU K 71 40.23 12.29 -12.60
C LEU K 71 38.77 12.43 -12.20
N ALA K 72 38.08 13.42 -12.78
CA ALA K 72 36.67 13.61 -12.47
C ALA K 72 35.81 12.48 -13.02
N GLU K 73 36.00 12.13 -14.29
CA GLU K 73 35.17 11.10 -14.91
C GLU K 73 35.46 9.71 -14.35
N GLU K 74 36.73 9.36 -14.14
CA GLU K 74 37.05 8.05 -13.62
C GLU K 74 36.51 7.84 -12.21
N ALA K 75 36.47 8.91 -11.40
CA ALA K 75 35.89 8.77 -10.06
C ALA K 75 34.37 8.75 -10.14
N ALA K 76 33.79 9.57 -11.02
CA ALA K 76 32.34 9.59 -11.16
C ALA K 76 31.83 8.30 -11.79
N ARG K 77 32.53 7.79 -12.80
CA ARG K 77 32.13 6.54 -13.42
C ARG K 77 32.22 5.39 -12.43
N GLN K 78 33.30 5.34 -11.65
CA GLN K 78 33.43 4.34 -10.60
C GLN K 78 32.35 4.53 -9.54
N ALA K 79 31.91 5.77 -9.34
CA ALA K 79 30.88 6.06 -8.34
C ALA K 79 29.54 5.48 -8.76
N GLU K 80 29.24 5.53 -10.05
CA GLU K 80 27.95 5.06 -10.56
C GLU K 80 27.71 3.59 -10.24
N GLU K 81 28.75 2.76 -10.26
CA GLU K 81 28.59 1.34 -9.98
C GLU K 81 28.14 1.10 -8.54
N LEU K 82 28.70 1.86 -7.59
CA LEU K 82 28.33 1.71 -6.19
C LEU K 82 26.87 2.08 -5.91
N ALA K 83 26.29 2.99 -6.71
CA ALA K 83 24.92 3.41 -6.46
C ALA K 83 23.92 2.25 -6.61
N ARG K 84 24.06 1.46 -7.67
CA ARG K 84 23.16 0.32 -7.85
C ARG K 84 23.41 -0.78 -6.82
N GLU K 85 24.67 -1.07 -6.52
CA GLU K 85 25.00 -2.16 -5.60
C GLU K 85 24.53 -1.88 -4.18
N ALA K 86 24.71 -0.66 -3.70
CA ALA K 86 24.25 -0.35 -2.35
C ALA K 86 22.73 -0.24 -2.30
N ARG K 87 22.10 0.18 -3.41
CA ARG K 87 20.66 0.19 -3.48
C ARG K 87 20.09 -1.22 -3.54
N ARG K 88 20.81 -2.14 -4.19
CA ARG K 88 20.35 -3.51 -4.30
C ARG K 88 20.66 -4.33 -3.06
N GLU K 89 21.70 -3.94 -2.31
CA GLU K 89 22.08 -4.69 -1.11
C GLU K 89 21.23 -4.30 0.09
N GLY K 90 20.74 -3.07 0.14
CA GLY K 90 19.99 -2.57 1.27
C GLY K 90 20.67 -1.49 2.07
N ASN K 91 21.99 -1.29 1.92
CA ASN K 91 22.69 -0.24 2.64
C ASN K 91 22.40 1.09 1.96
N LEU K 92 21.29 1.71 2.36
CA LEU K 92 20.87 2.95 1.71
C LEU K 92 21.72 4.13 2.15
N GLU K 93 22.19 4.11 3.40
CA GLU K 93 23.08 5.18 3.86
C GLU K 93 24.33 5.24 2.99
N LEU K 94 24.91 4.09 2.67
CA LEU K 94 26.03 4.06 1.74
C LEU K 94 25.57 4.44 0.34
N ALA K 95 24.35 4.02 -0.03
CA ALA K 95 23.81 4.37 -1.34
C ALA K 95 23.57 5.87 -1.46
N LEU K 96 23.02 6.48 -0.41
CA LEU K 96 22.76 7.91 -0.45
C LEU K 96 24.06 8.70 -0.48
N LYS K 97 25.08 8.21 0.22
CA LYS K 97 26.39 8.88 0.19
C LYS K 97 27.09 8.67 -1.16
N ALA K 98 26.91 7.50 -1.77
CA ALA K 98 27.55 7.24 -3.06
C ALA K 98 26.91 8.06 -4.18
N LEU K 99 25.59 8.19 -4.18
CA LEU K 99 24.93 8.98 -5.21
C LEU K 99 25.32 10.44 -5.11
N GLN K 100 25.57 10.93 -3.88
CA GLN K 100 26.04 12.29 -3.70
C GLN K 100 27.36 12.55 -4.42
N ILE K 101 28.22 11.53 -4.48
CA ILE K 101 29.49 11.67 -5.19
C ILE K 101 29.23 11.95 -6.68
N LEU K 102 28.20 11.32 -7.25
CA LEU K 102 27.86 11.55 -8.64
C LEU K 102 27.42 13.00 -8.87
N VAL K 103 26.62 13.54 -7.94
CA VAL K 103 26.17 14.92 -8.02
C VAL K 103 27.35 15.89 -8.00
N ASN K 104 28.34 15.62 -7.14
CA ASN K 104 29.50 16.51 -7.02
C ASN K 104 30.25 16.64 -8.33
N ALA K 105 30.24 15.61 -9.17
CA ALA K 105 30.94 15.71 -10.43
C ALA K 105 30.33 16.73 -11.39
N ALA K 106 29.35 17.56 -11.02
CA ALA K 106 28.84 18.54 -11.96
C ALA K 106 29.86 19.63 -12.22
N TYR K 107 30.44 20.20 -11.15
CA TYR K 107 31.49 21.18 -11.34
C TYR K 107 32.70 20.51 -11.97
N VAL K 108 32.92 19.25 -11.62
CA VAL K 108 34.02 18.48 -12.20
C VAL K 108 33.85 18.34 -13.70
N LEU K 109 32.61 18.19 -14.18
CA LEU K 109 32.40 18.03 -15.61
C LEU K 109 31.77 19.25 -16.30
N ALA K 110 30.78 19.90 -15.68
CA ALA K 110 30.17 21.05 -16.34
C ALA K 110 31.08 22.27 -16.32
N GLU K 111 31.56 22.67 -15.12
CA GLU K 111 32.41 23.85 -14.96
C GLU K 111 33.59 23.89 -15.93
N ILE K 112 33.96 22.75 -16.53
CA ILE K 112 35.05 22.71 -17.50
C ILE K 112 34.55 22.81 -18.93
N ALA K 113 33.24 22.63 -19.16
CA ALA K 113 32.65 22.84 -20.48
C ALA K 113 32.40 24.31 -20.73
N ARG K 114 31.98 25.05 -19.70
CA ARG K 114 31.63 26.46 -19.88
C ARG K 114 32.87 27.29 -20.20
N ASP K 115 33.69 27.52 -19.19
CA ASP K 115 34.88 28.34 -19.34
C ASP K 115 36.15 27.49 -19.31
N GLY K 117 32.90 25.87 -24.22
CA GLY K 117 33.86 24.89 -24.70
C GLY K 117 33.19 23.64 -25.25
N ASN K 118 33.75 22.47 -24.93
CA ASN K 118 33.22 21.21 -25.44
C ASN K 118 31.75 21.03 -25.04
N GLU K 119 30.88 20.99 -26.05
CA GLU K 119 29.44 20.89 -25.84
C GLU K 119 29.00 19.50 -25.38
N GLU K 120 29.77 18.46 -25.70
CA GLU K 120 29.37 17.11 -25.30
C GLU K 120 29.36 16.94 -23.79
N LEU K 121 30.23 17.69 -23.09
CA LEU K 121 30.30 17.55 -21.64
C LEU K 121 29.06 18.10 -20.96
N LEU K 122 28.51 19.20 -21.47
CA LEU K 122 27.31 19.76 -20.87
C LEU K 122 26.10 18.85 -21.06
N GLU K 123 26.07 18.08 -22.15
CA GLU K 123 25.02 17.09 -22.32
C GLU K 123 25.27 15.87 -21.43
N LYS K 124 26.54 15.51 -21.24
CA LYS K 124 26.87 14.35 -20.41
C LYS K 124 26.72 14.69 -18.93
N ALA K 125 27.03 15.93 -18.54
CA ALA K 125 26.81 16.34 -17.16
C ALA K 125 25.34 16.33 -16.82
N GLU K 126 24.51 16.88 -17.72
CA GLU K 126 23.06 16.90 -17.49
C GLU K 126 22.49 15.49 -17.43
N ARG K 127 22.98 14.59 -18.29
CA ARG K 127 22.49 13.22 -18.27
C ARG K 127 22.88 12.51 -16.98
N LEU K 128 24.12 12.71 -16.53
CA LEU K 128 24.58 12.10 -15.29
C LEU K 128 23.84 12.67 -14.09
N ALA K 129 23.66 13.99 -14.05
CA ALA K 129 23.00 14.62 -12.91
C ALA K 129 21.53 14.22 -12.85
N ARG K 130 20.89 14.06 -14.00
CA ARG K 130 19.49 13.65 -14.02
C ARG K 130 19.32 12.25 -13.45
N GLU K 131 20.24 11.34 -13.79
CA GLU K 131 20.20 9.99 -13.26
C GLU K 131 20.39 9.99 -11.75
N ALA K 132 21.26 10.85 -11.24
CA ALA K 132 21.49 10.92 -9.80
C ALA K 132 20.24 11.37 -9.06
N LEU K 133 19.55 12.37 -9.59
CA LEU K 133 18.30 12.83 -8.98
C LEU K 133 17.26 11.72 -8.92
N ARG K 134 17.21 10.86 -9.93
CA ARG K 134 16.25 9.78 -9.96
C ARG K 134 16.53 8.75 -8.88
N GLN K 135 17.79 8.39 -8.67
CA GLN K 135 18.12 7.43 -7.61
C GLN K 135 17.80 8.00 -6.22
N VAL K 136 18.13 9.27 -5.99
CA VAL K 136 17.86 9.88 -4.70
C VAL K 136 16.36 10.04 -4.47
N ARG K 137 15.60 10.34 -5.53
CA ARG K 137 14.15 10.45 -5.38
C ARG K 137 13.53 9.09 -5.10
N GLU K 138 13.98 8.05 -5.80
CA GLU K 138 13.48 6.70 -5.55
C GLU K 138 13.89 6.21 -4.17
N ILE K 139 15.09 6.56 -3.72
CA ILE K 139 15.56 6.14 -2.40
C ILE K 139 14.83 6.89 -1.29
N SER K 140 14.45 8.14 -1.54
CA SER K 140 13.77 8.94 -0.51
C SER K 140 12.40 8.37 -0.18
N LYS K 141 11.65 7.95 -1.19
CA LYS K 141 10.29 7.44 -0.95
C LYS K 141 10.31 6.14 -0.16
N ARG K 142 11.26 5.25 -0.46
CA ARG K 142 11.34 3.99 0.28
C ARG K 142 11.68 4.23 1.75
N LEU K 143 12.56 5.20 2.02
CA LEU K 143 12.91 5.51 3.41
C LEU K 143 11.78 6.19 4.15
N GLN K 144 10.95 6.98 3.46
CA GLN K 144 9.84 7.65 4.14
C GLN K 144 8.77 6.66 4.59
N LYS K 145 8.48 5.65 3.77
CA LYS K 145 7.52 4.63 4.17
C LYS K 145 8.08 3.72 5.26
N GLU K 146 9.37 3.37 5.16
CA GLU K 146 9.98 2.46 6.13
C GLU K 146 10.05 3.07 7.51
N GLY K 147 10.15 4.40 7.59
CA GLY K 147 10.13 5.11 8.85
C GLY K 147 11.47 5.55 9.40
N ASN K 148 12.57 5.36 8.68
CA ASN K 148 13.86 5.86 9.14
C ASN K 148 13.92 7.31 8.69
N ILE K 149 13.63 8.23 9.61
CA ILE K 149 13.51 9.63 9.24
C ILE K 149 14.87 10.29 9.08
N GLU K 150 15.85 9.93 9.92
CA GLU K 150 17.17 10.56 9.86
C GLU K 150 17.80 10.38 8.48
N LEU K 151 17.79 9.17 7.95
CA LEU K 151 18.31 8.95 6.60
C LEU K 151 17.41 9.59 5.55
N ALA K 152 16.10 9.63 5.81
CA ALA K 152 15.20 10.29 4.88
C ALA K 152 15.43 11.79 4.85
N LEU K 153 15.67 12.40 6.03
CA LEU K 153 15.95 13.82 6.10
C LEU K 153 17.24 14.15 5.35
N LYS K 154 18.24 13.28 5.46
CA LYS K 154 19.47 13.48 4.70
C LYS K 154 19.23 13.33 3.20
N ALA K 155 18.23 12.50 2.83
CA ALA K 155 17.89 12.36 1.42
C ALA K 155 17.35 13.68 0.87
N ASN K 156 16.61 14.42 1.69
CA ASN K 156 16.14 15.73 1.28
C ASN K 156 17.31 16.67 1.06
N ARG K 157 18.34 16.57 1.90
CA ARG K 157 19.53 17.38 1.70
C ARG K 157 20.23 17.03 0.40
N LEU K 158 20.25 15.75 0.03
CA LEU K 158 20.86 15.36 -1.23
C LEU K 158 20.07 15.91 -2.42
N LEU K 159 18.75 15.72 -2.42
CA LEU K 159 17.94 16.21 -3.54
C LEU K 159 17.94 17.74 -3.62
N ILE K 160 18.03 18.44 -2.50
CA ILE K 160 18.07 19.90 -2.54
C ILE K 160 19.37 20.38 -3.16
N ASP K 161 20.50 19.86 -2.68
CA ASP K 161 21.79 20.23 -3.25
C ASP K 161 21.98 19.64 -4.64
N ALA K 162 21.33 18.51 -4.95
CA ALA K 162 21.45 17.93 -6.27
C ALA K 162 20.70 18.72 -7.33
N LEU K 163 19.50 19.22 -7.01
CA LEU K 163 18.77 20.00 -8.01
C LEU K 163 19.52 21.29 -8.36
N ARG K 164 20.27 21.83 -7.39
CA ARG K 164 21.09 23.01 -7.67
C ARG K 164 22.09 22.74 -8.77
N VAL K 165 22.53 21.49 -8.91
CA VAL K 165 23.45 21.12 -9.97
C VAL K 165 22.79 21.28 -11.33
N LEU K 166 21.55 20.81 -11.46
CA LEU K 166 20.85 20.94 -12.74
C LEU K 166 20.60 22.40 -13.08
N VAL K 167 20.23 23.20 -12.08
CA VAL K 167 19.97 24.62 -12.30
C VAL K 167 21.25 25.33 -12.69
N ARG K 168 22.36 24.99 -12.03
CA ARG K 168 23.64 25.60 -12.39
C ARG K 168 24.14 25.09 -13.74
N ILE K 169 23.75 23.87 -14.13
CA ILE K 169 24.21 23.31 -15.40
C ILE K 169 23.32 23.73 -16.55
N MET K 170 22.07 24.12 -16.29
CA MET K 170 21.18 24.54 -17.36
C MET K 170 21.12 26.06 -17.48
N ARG K 171 21.70 26.77 -16.52
CA ARG K 171 22.00 28.18 -16.66
C ARG K 171 23.14 28.43 -17.62
N HIS K 172 23.81 27.38 -18.11
CA HIS K 172 24.85 27.57 -19.11
C HIS K 172 24.28 28.07 -20.42
N ARG K 173 23.34 27.34 -20.99
CA ARG K 173 22.68 27.75 -22.23
C ARG K 173 21.69 28.89 -21.97
N GLU L 4 27.22 52.68 9.79
CA GLU L 4 26.22 53.14 10.75
C GLU L 4 26.10 52.14 11.90
N LYS L 5 25.37 51.05 11.66
CA LYS L 5 25.23 49.98 12.64
C LYS L 5 26.36 48.95 12.52
N ILE L 6 27.46 49.30 11.86
CA ILE L 6 28.56 48.36 11.68
C ILE L 6 29.33 48.18 12.98
N GLU L 7 29.68 49.29 13.63
CA GLU L 7 30.42 49.27 14.89
C GLU L 7 29.57 48.84 16.08
N LYS L 8 28.33 48.44 15.83
CA LYS L 8 27.44 47.96 16.89
C LYS L 8 27.97 46.68 17.51
N LEU L 9 27.82 45.57 16.78
CA LEU L 9 28.21 44.23 17.20
C LEU L 9 29.70 43.95 17.03
N VAL L 10 30.39 44.71 16.17
CA VAL L 10 31.79 44.44 15.87
C VAL L 10 32.68 44.63 17.10
N GLU L 11 32.28 45.50 18.03
CA GLU L 11 33.08 45.74 19.23
C GLU L 11 32.77 44.77 20.37
N GLU L 12 31.50 44.44 20.61
CA GLU L 12 31.15 43.59 21.74
C GLU L 12 31.81 42.22 21.67
N LEU L 13 31.75 41.59 20.50
CA LEU L 13 32.39 40.31 20.24
C LEU L 13 33.90 40.40 20.12
N ILE L 14 34.43 41.56 19.68
CA ILE L 14 35.87 41.70 19.45
C ILE L 14 36.67 41.46 20.73
N ARG L 15 36.18 42.00 21.85
CA ARG L 15 36.85 41.80 23.14
C ARG L 15 36.58 40.41 23.70
N HIS L 16 35.33 39.95 23.60
CA HIS L 16 34.94 38.70 24.24
C HIS L 16 35.65 37.50 23.63
N THR L 17 35.82 37.49 22.30
CA THR L 17 36.56 36.38 21.70
C THR L 17 38.06 36.51 21.98
N GLU L 18 38.59 37.73 21.87
CA GLU L 18 40.01 37.95 22.15
C GLU L 18 40.35 37.71 23.62
N GLU L 19 39.42 37.99 24.53
CA GLU L 19 39.64 37.68 25.94
C GLU L 19 39.48 36.19 26.23
N LEU L 20 38.50 35.53 25.58
CA LEU L 20 38.22 34.13 25.82
C LEU L 20 39.36 33.21 25.41
N ARG L 21 40.20 33.64 24.47
CA ARG L 21 41.34 32.81 24.08
C ARG L 21 42.30 32.60 25.24
N GLU L 22 42.42 33.60 26.12
CA GLU L 22 43.30 33.47 27.28
C GLU L 22 42.70 32.50 28.30
N LEU L 23 41.38 32.55 28.50
CA LEU L 23 40.74 31.60 29.40
C LEU L 23 40.84 30.18 28.86
N LEU L 24 40.79 30.03 27.53
CA LEU L 24 40.94 28.73 26.91
C LEU L 24 42.42 28.36 26.77
N GLU L 25 43.30 29.36 26.79
CA GLU L 25 44.74 29.13 26.77
C GLU L 25 45.27 28.77 28.15
N LYS L 26 44.49 29.00 29.21
CA LYS L 26 44.97 28.70 30.57
C LYS L 26 44.71 27.26 30.94
N LEU L 27 43.64 26.67 30.39
CA LEU L 27 43.41 25.24 30.57
C LEU L 27 44.32 24.44 29.65
N VAL L 28 44.17 24.62 28.33
CA VAL L 28 44.78 23.69 27.38
C VAL L 28 46.29 23.71 27.48
N LYS L 29 46.87 24.86 27.79
CA LYS L 29 48.32 25.00 27.83
C LYS L 29 48.92 24.72 29.22
N HIS L 30 48.51 25.50 30.23
CA HIS L 30 49.05 25.37 31.58
C HIS L 30 48.42 24.19 32.32
N GLY L 31 47.10 24.21 32.48
CA GLY L 31 46.41 23.09 33.09
C GLY L 31 46.31 21.90 32.15
N GLY L 32 45.37 21.00 32.40
CA GLY L 32 45.12 19.87 31.52
C GLY L 32 43.81 19.97 30.83
N ALA L 33 43.84 19.87 29.49
CA ALA L 33 42.68 19.94 28.62
C ALA L 33 43.07 19.43 27.25
N SER L 34 42.12 18.79 26.57
CA SER L 34 42.37 18.27 25.22
C SER L 34 42.85 19.38 24.30
N GLU L 35 44.03 19.16 23.69
CA GLU L 35 44.58 20.14 22.75
C GLU L 35 43.56 20.60 21.71
N GLU L 36 42.65 19.73 21.30
CA GLU L 36 41.73 20.06 20.22
C GLU L 36 40.83 21.26 20.54
N TYR L 37 40.52 21.51 21.82
CA TYR L 37 39.64 22.63 22.14
C TYR L 37 40.27 23.99 21.84
N LEU L 38 41.59 24.12 22.01
CA LEU L 38 42.25 25.38 21.69
C LEU L 38 42.15 25.71 20.19
N LEU L 39 42.20 24.69 19.34
CA LEU L 39 42.07 24.90 17.90
C LEU L 39 40.72 25.52 17.54
N GLU L 40 39.65 25.09 18.21
CA GLU L 40 38.32 25.61 17.88
C GLU L 40 38.24 27.12 18.13
N LEU L 41 38.89 27.60 19.19
CA LEU L 41 38.93 29.04 19.43
C LEU L 41 39.76 29.75 18.37
N LEU L 42 40.90 29.17 17.99
CA LEU L 42 41.73 29.75 16.95
C LEU L 42 40.99 29.76 15.61
N GLU L 43 40.30 28.66 15.29
CA GLU L 43 39.50 28.62 14.08
C GLU L 43 38.38 29.64 14.11
N ASN L 44 37.78 29.85 15.28
CA ASN L 44 36.76 30.89 15.42
C ASN L 44 37.37 32.27 15.28
N LEU L 45 38.64 32.43 15.68
CA LEU L 45 39.30 33.71 15.54
C LEU L 45 39.60 34.03 14.08
N VAL L 46 40.13 33.04 13.34
CA VAL L 46 40.44 33.25 11.93
C VAL L 46 39.19 33.47 11.11
N ARG L 47 38.07 32.84 11.50
CA ARG L 47 36.80 33.10 10.83
C ARG L 47 36.33 34.52 11.06
N LEU L 48 36.57 35.06 12.27
CA LEU L 48 36.23 36.44 12.57
C LEU L 48 37.07 37.41 11.75
N ALA L 49 38.34 37.07 11.49
CA ALA L 49 39.20 37.94 10.71
C ALA L 49 38.64 38.16 9.31
N HIS L 50 38.07 37.12 8.70
CA HIS L 50 37.47 37.26 7.39
C HIS L 50 36.23 38.14 7.44
N VAL L 51 35.48 38.10 8.54
CA VAL L 51 34.31 38.95 8.67
C VAL L 51 34.74 40.41 8.69
N ILE L 52 35.80 40.72 9.44
CA ILE L 52 36.32 42.08 9.45
C ILE L 52 36.85 42.45 8.08
N ALA L 53 37.47 41.48 7.38
CA ALA L 53 37.97 41.75 6.03
C ALA L 53 36.83 42.02 5.07
N GLU L 54 35.72 41.28 5.19
CA GLU L 54 34.57 41.60 4.35
C GLU L 54 33.89 42.89 4.83
N VAL L 55 33.97 43.19 6.12
CA VAL L 55 33.35 44.40 6.66
C VAL L 55 34.21 45.63 6.41
N ALA L 56 35.55 45.48 6.46
CA ALA L 56 36.46 46.63 6.35
C ALA L 56 36.51 47.22 4.96
N ARG L 57 36.11 46.48 3.93
CA ARG L 57 36.19 47.02 2.58
C ARG L 57 35.20 48.15 2.36
N GLU L 58 33.99 48.03 2.91
CA GLU L 58 32.97 49.06 2.71
C GLU L 58 33.29 50.32 3.52
N GLN L 59 33.26 50.20 4.85
CA GLN L 59 33.50 51.35 5.71
C GLN L 59 34.91 51.91 5.51
N GLY L 60 35.87 51.06 5.14
CA GLY L 60 37.20 51.54 4.81
C GLY L 60 38.09 51.85 5.98
N ASN L 61 37.74 51.40 7.19
CA ASN L 61 38.57 51.60 8.37
C ASN L 61 39.93 50.92 8.20
N GLU L 62 40.95 51.72 7.87
CA GLU L 62 42.29 51.18 7.63
C GLU L 62 42.95 50.64 8.90
N GLU L 63 42.54 51.11 10.08
CA GLU L 63 43.11 50.61 11.31
C GLU L 63 42.76 49.15 11.56
N LEU L 64 41.79 48.64 10.82
CA LEU L 64 41.33 47.26 10.87
C LEU L 64 42.16 46.31 10.02
N LEU L 65 42.82 46.80 8.97
CA LEU L 65 43.58 45.92 8.08
C LEU L 65 44.71 45.21 8.81
N GLU L 66 45.52 45.94 9.58
CA GLU L 66 46.58 45.29 10.33
C GLU L 66 46.03 44.47 11.48
N GLU L 67 44.98 44.98 12.13
CA GLU L 67 44.36 44.27 13.25
C GLU L 67 43.67 42.99 12.78
N ALA L 68 43.04 43.02 11.59
CA ALA L 68 42.46 41.80 11.03
C ALA L 68 43.54 40.80 10.65
N ALA L 69 44.66 41.32 10.11
CA ALA L 69 45.78 40.45 9.79
C ALA L 69 46.47 39.96 11.05
N ARG L 70 46.54 40.82 12.08
CA ARG L 70 47.09 40.40 13.37
C ARG L 70 46.27 39.26 13.96
N LEU L 71 44.95 39.34 13.84
CA LEU L 71 44.11 38.24 14.30
C LEU L 71 44.38 36.98 13.49
N ALA L 72 44.56 37.14 12.18
CA ALA L 72 44.94 35.99 11.35
C ALA L 72 46.35 35.53 11.70
N GLU L 73 47.28 36.48 11.83
CA GLU L 73 48.66 36.12 12.15
C GLU L 73 48.77 35.53 13.55
N GLU L 74 48.07 36.10 14.53
CA GLU L 74 48.11 35.54 15.88
C GLU L 74 47.51 34.15 15.93
N ALA L 75 46.51 33.88 15.10
CA ALA L 75 45.94 32.55 15.04
C ALA L 75 46.83 31.59 14.26
N ALA L 76 47.46 32.08 13.19
CA ALA L 76 48.31 31.23 12.37
C ALA L 76 49.58 30.81 13.10
N ARG L 77 50.18 31.73 13.86
CA ARG L 77 51.44 31.42 14.54
C ARG L 77 51.27 30.30 15.57
N GLN L 78 50.21 30.38 16.38
CA GLN L 78 49.97 29.32 17.37
C GLN L 78 49.63 27.99 16.72
N ALA L 79 49.00 28.01 15.54
CA ALA L 79 48.56 26.77 14.90
C ALA L 79 49.73 25.91 14.44
N GLU L 80 50.74 26.52 13.81
CA GLU L 80 51.87 25.74 13.33
C GLU L 80 52.65 25.11 14.48
N GLU L 81 52.83 25.84 15.58
CA GLU L 81 53.57 25.29 16.71
C GLU L 81 52.79 24.17 17.39
N LEU L 82 51.48 24.37 17.60
CA LEU L 82 50.69 23.31 18.22
C LEU L 82 50.60 22.09 17.31
N ALA L 83 50.56 22.30 15.99
CA ALA L 83 50.63 21.17 15.06
C ALA L 83 52.00 20.51 15.13
N ARG L 84 53.07 21.31 15.20
CA ARG L 84 54.41 20.76 15.32
C ARG L 84 54.57 20.00 16.62
N GLU L 85 53.99 20.53 17.71
CA GLU L 85 54.03 19.82 18.98
C GLU L 85 53.20 18.54 18.90
N ALA L 86 52.05 18.60 18.24
CA ALA L 86 51.22 17.40 18.09
C ALA L 86 51.84 16.42 17.09
N ARG L 87 52.58 16.94 16.10
CA ARG L 87 53.30 16.06 15.20
C ARG L 87 54.47 15.38 15.92
N ARG L 88 55.11 16.11 16.84
CA ARG L 88 56.22 15.56 17.62
C ARG L 88 55.76 14.75 18.82
N GLU L 89 54.57 15.06 19.35
CA GLU L 89 54.09 14.35 20.54
C GLU L 89 53.47 13.01 20.21
N GLY L 90 53.11 12.76 18.96
CA GLY L 90 52.49 11.52 18.55
C GLY L 90 51.06 11.64 18.07
N ASN L 91 50.32 12.66 18.51
CA ASN L 91 48.94 12.83 18.08
C ASN L 91 48.92 13.57 16.75
N LEU L 92 49.10 12.81 15.67
CA LEU L 92 49.18 13.38 14.34
C LEU L 92 47.80 13.77 13.84
N GLU L 93 46.77 13.03 14.26
CA GLU L 93 45.40 13.38 13.90
C GLU L 93 45.05 14.78 14.37
N LEU L 94 45.48 15.13 15.59
CA LEU L 94 45.27 16.50 16.05
C LEU L 94 46.11 17.48 15.23
N ALA L 95 47.33 17.07 14.87
CA ALA L 95 48.19 17.90 14.04
C ALA L 95 47.63 18.07 12.64
N LEU L 96 47.14 16.98 12.03
CA LEU L 96 46.60 17.08 10.68
C LEU L 96 45.37 17.95 10.63
N LYS L 97 44.54 17.89 11.67
CA LYS L 97 43.39 18.79 11.74
C LYS L 97 43.82 20.22 12.06
N ALA L 98 44.88 20.38 12.85
CA ALA L 98 45.36 21.70 13.24
C ALA L 98 45.99 22.44 12.06
N LEU L 99 46.72 21.72 11.21
CA LEU L 99 47.38 22.37 10.08
C LEU L 99 46.37 23.02 9.14
N GLN L 100 45.17 22.46 9.05
CA GLN L 100 44.11 23.08 8.26
C GLN L 100 43.76 24.48 8.77
N ILE L 101 43.83 24.69 10.09
CA ILE L 101 43.58 26.02 10.64
C ILE L 101 44.60 27.01 10.12
N LEU L 102 45.86 26.57 9.97
CA LEU L 102 46.90 27.42 9.41
C LEU L 102 46.60 27.75 7.95
N VAL L 103 46.10 26.76 7.20
CA VAL L 103 45.76 26.97 5.79
C VAL L 103 44.72 28.07 5.64
N ASN L 104 43.69 28.05 6.48
CA ASN L 104 42.65 29.07 6.39
C ASN L 104 43.18 30.46 6.71
N ALA L 105 44.15 30.56 7.63
CA ALA L 105 44.71 31.87 7.93
C ALA L 105 45.53 32.40 6.76
N ALA L 106 46.10 31.50 5.96
CA ALA L 106 46.81 31.95 4.76
C ALA L 106 45.83 32.50 3.73
N TYR L 107 44.67 31.84 3.60
CA TYR L 107 43.64 32.33 2.69
C TYR L 107 43.07 33.67 3.17
N VAL L 108 42.96 33.84 4.49
CA VAL L 108 42.47 35.09 5.06
C VAL L 108 43.41 36.23 4.70
N LEU L 109 44.72 35.96 4.68
CA LEU L 109 45.68 36.99 4.34
C LEU L 109 45.53 37.45 2.89
N ALA L 110 45.15 36.56 1.98
CA ALA L 110 44.98 36.99 0.60
C ALA L 110 43.83 37.98 0.49
N GLU L 111 42.66 37.60 0.99
CA GLU L 111 41.54 38.53 1.09
C GLU L 111 41.89 39.78 1.90
N ILE L 112 42.93 39.70 2.74
CA ILE L 112 43.35 40.82 3.58
C ILE L 112 44.47 41.65 3.00
N ALA L 113 45.32 41.05 2.16
CA ALA L 113 46.42 41.76 1.53
C ALA L 113 46.05 42.27 0.15
N ARG L 114 45.69 41.35 -0.76
CA ARG L 114 45.27 41.70 -2.11
C ARG L 114 43.80 42.07 -2.08
N ASP L 115 43.53 43.32 -1.77
CA ASP L 115 42.16 43.85 -1.69
C ASP L 115 42.19 45.37 -1.70
N ASN L 118 49.96 46.29 -0.09
CA ASN L 118 51.04 45.82 0.78
C ASN L 118 51.42 44.38 0.44
N GLU L 119 52.61 44.21 -0.12
CA GLU L 119 53.13 42.88 -0.42
C GLU L 119 53.93 42.28 0.72
N GLU L 120 54.27 43.08 1.74
CA GLU L 120 55.00 42.55 2.88
C GLU L 120 54.18 41.51 3.64
N LEU L 121 52.90 41.82 3.90
CA LEU L 121 52.04 40.86 4.58
C LEU L 121 51.68 39.70 3.66
N LEU L 122 51.56 39.98 2.35
CA LEU L 122 51.23 38.96 1.37
C LEU L 122 52.38 37.98 1.16
N GLU L 123 53.63 38.42 1.39
CA GLU L 123 54.77 37.51 1.25
C GLU L 123 54.80 36.47 2.35
N LYS L 124 54.36 36.84 3.55
CA LYS L 124 54.37 35.91 4.68
C LYS L 124 53.26 34.87 4.57
N ALA L 125 52.14 35.23 3.94
CA ALA L 125 51.03 34.29 3.78
C ALA L 125 51.44 33.06 2.98
N GLU L 126 52.16 33.27 1.87
CA GLU L 126 52.63 32.13 1.07
C GLU L 126 53.54 31.23 1.88
N ARG L 127 54.38 31.81 2.74
CA ARG L 127 55.27 30.99 3.57
C ARG L 127 54.49 30.12 4.53
N LEU L 128 53.42 30.66 5.13
CA LEU L 128 52.61 29.86 6.04
C LEU L 128 51.88 28.75 5.30
N ALA L 129 51.31 29.06 4.12
CA ALA L 129 50.59 28.05 3.36
C ALA L 129 51.55 26.99 2.81
N ARG L 130 52.77 27.39 2.43
CA ARG L 130 53.74 26.43 1.93
C ARG L 130 54.13 25.43 3.01
N GLU L 131 54.30 25.91 4.24
CA GLU L 131 54.63 25.00 5.34
C GLU L 131 53.50 24.00 5.59
N ALA L 132 52.26 24.45 5.47
CA ALA L 132 51.12 23.54 5.67
C ALA L 132 51.10 22.46 4.58
N LEU L 133 51.30 22.86 3.33
CA LEU L 133 51.35 21.88 2.25
C LEU L 133 52.50 20.90 2.45
N ARG L 134 53.65 21.40 2.91
CA ARG L 134 54.78 20.52 3.18
C ARG L 134 54.53 19.63 4.38
N GLN L 135 53.96 20.20 5.46
CA GLN L 135 53.67 19.40 6.64
C GLN L 135 52.61 18.35 6.35
N VAL L 136 51.56 18.70 5.62
CA VAL L 136 50.54 17.72 5.29
C VAL L 136 51.11 16.67 4.33
N ARG L 137 52.04 17.06 3.45
CA ARG L 137 52.67 16.08 2.58
C ARG L 137 53.53 15.10 3.37
N GLU L 138 54.29 15.61 4.34
CA GLU L 138 55.08 14.73 5.20
C GLU L 138 54.19 13.85 6.06
N ILE L 139 53.06 14.39 6.54
CA ILE L 139 52.15 13.61 7.36
C ILE L 139 51.39 12.58 6.53
N SER L 140 51.12 12.87 5.27
CA SER L 140 50.36 11.93 4.44
C SER L 140 51.16 10.65 4.20
N LYS L 141 52.44 10.78 3.89
CA LYS L 141 53.27 9.60 3.63
C LYS L 141 53.47 8.78 4.89
N ARG L 142 53.70 9.43 6.03
CA ARG L 142 53.90 8.70 7.28
C ARG L 142 52.64 7.95 7.69
N LEU L 143 51.48 8.59 7.52
CA LEU L 143 50.22 7.90 7.83
C LEU L 143 49.91 6.82 6.82
N GLN L 144 50.29 7.02 5.56
CA GLN L 144 50.08 6.00 4.54
C GLN L 144 50.96 4.78 4.78
N LYS L 145 52.19 5.00 5.24
CA LYS L 145 53.09 3.89 5.54
C LYS L 145 52.64 3.10 6.76
N GLU L 146 52.19 3.79 7.80
CA GLU L 146 51.74 3.09 9.00
C GLU L 146 50.46 2.30 8.73
N GLY L 147 49.84 2.47 7.56
CA GLY L 147 48.64 1.76 7.20
C GLY L 147 47.33 2.24 7.84
N ASN L 148 47.32 3.39 8.55
CA ASN L 148 46.07 3.95 9.07
C ASN L 148 45.46 4.78 7.94
N ILE L 149 44.42 4.24 7.29
CA ILE L 149 43.86 4.88 6.11
C ILE L 149 42.93 6.05 6.47
N GLU L 150 42.22 5.97 7.59
CA GLU L 150 41.25 7.01 7.95
C GLU L 150 41.90 8.38 8.02
N LEU L 151 43.04 8.50 8.70
CA LEU L 151 43.74 9.78 8.74
C LEU L 151 44.37 10.12 7.39
N ALA L 152 44.81 9.11 6.64
CA ALA L 152 45.41 9.35 5.34
C ALA L 152 44.42 9.90 4.33
N LEU L 153 43.19 9.37 4.32
CA LEU L 153 42.19 9.85 3.37
C LEU L 153 41.87 11.31 3.61
N LYS L 154 41.73 11.72 4.87
CA LYS L 154 41.53 13.12 5.19
C LYS L 154 42.78 13.95 4.92
N ALA L 155 43.96 13.34 5.10
CA ALA L 155 45.20 14.06 4.85
C ALA L 155 45.35 14.40 3.37
N ASN L 156 44.93 13.48 2.49
CA ASN L 156 44.94 13.81 1.06
C ASN L 156 43.96 14.92 0.76
N ARG L 157 42.79 14.90 1.43
CA ARG L 157 41.84 16.00 1.31
C ARG L 157 42.44 17.29 1.84
N LEU L 158 43.20 17.20 2.94
CA LEU L 158 43.90 18.35 3.46
C LEU L 158 44.96 18.82 2.48
N LEU L 159 45.71 17.87 1.90
CA LEU L 159 46.70 18.22 0.88
C LEU L 159 46.05 18.85 -0.34
N ILE L 160 44.81 18.45 -0.66
CA ILE L 160 44.08 19.06 -1.75
C ILE L 160 43.74 20.50 -1.40
N ASP L 161 43.22 20.72 -0.19
CA ASP L 161 42.89 22.08 0.23
C ASP L 161 44.14 22.93 0.40
N ALA L 162 45.30 22.30 0.67
CA ALA L 162 46.54 23.05 0.72
C ALA L 162 46.96 23.48 -0.68
N LEU L 163 46.83 22.59 -1.67
CA LEU L 163 47.13 22.96 -3.04
C LEU L 163 46.16 24.00 -3.57
N ARG L 164 44.89 23.93 -3.14
CA ARG L 164 43.90 24.92 -3.57
C ARG L 164 44.26 26.31 -3.06
N VAL L 165 44.85 26.40 -1.86
CA VAL L 165 45.27 27.67 -1.31
C VAL L 165 46.48 28.22 -2.07
N LEU L 166 47.41 27.33 -2.44
CA LEU L 166 48.66 27.74 -3.07
C LEU L 166 48.44 28.44 -4.41
N VAL L 167 47.49 27.95 -5.22
CA VAL L 167 47.27 28.57 -6.53
C VAL L 167 46.75 29.99 -6.40
N ARG L 168 45.81 30.22 -5.47
CA ARG L 168 45.28 31.55 -5.24
C ARG L 168 46.27 32.47 -4.53
N ILE L 169 47.22 31.92 -3.78
CA ILE L 169 48.11 32.76 -2.99
C ILE L 169 49.28 33.30 -3.80
N MET L 170 49.80 32.53 -4.77
CA MET L 170 50.93 33.00 -5.54
C MET L 170 50.55 33.63 -6.87
N ARG L 171 49.29 34.01 -7.04
CA ARG L 171 48.87 34.68 -8.27
C ARG L 171 48.98 36.20 -8.14
#